data_8Y07
#
_entry.id   8Y07
#
_cell.length_a   121.664
_cell.length_b   142.668
_cell.length_c   202.687
_cell.angle_alpha   90.000
_cell.angle_beta   90.000
_cell.angle_gamma   90.000
#
_symmetry.space_group_name_H-M   'P 21 21 21'
#
loop_
_entity.id
_entity.type
_entity.pdbx_description
1 polymer LbCas12a
2 polymer 'RNA (33-MER)'
3 polymer "DNA (5'-D(P*TP*TP*TP*AP*CP*TP*GP*GP*AP*TP*GP*CP*GP*TP*AP*AP*AP*GP*GP*AP*CP*G)-3')"
4 polymer "DNA (5'-D(*CP*GP*TP*CP*CP*TP*TP*TP*AP*TP*T)-3')"
5 non-polymer 'LITHIUM ION'
6 water water
#
loop_
_entity_poly.entity_id
_entity_poly.type
_entity_poly.pdbx_seq_one_letter_code
_entity_poly.pdbx_strand_id
1 'polypeptide(L)'
;MSKLEKFTNCYSLSKTLRFKAIPVGKTQENIDNKRLLVEDEKRAEDYKGVKKLLDRYYLSFINDVLHSIKLKNLNNYISL
FRKKTRTEKENKELENLEINLRKEIAKAFKGNEGYKSLFKKDIIETILPEFLDDKDEIALVNSFNGFTTAFTGFFDNREN
MFSEEAKSTSIAFRCINENLTRYISNMDIFEKVDAIFDKHEVQEIKEKILNSDYDVEDFFEGEFFNFVLTQEGIDVYNAI
IGGFVTESGEKIKGLNEYINLYNQKTKQKLPKFKPLYKQVLSDRESLSFYGEGYTSDEEVLEVFRNTLNKNSEIFSSIKK
LEKLFKNFDEYSSAGIFVKNGPAISTISKDIFGEWNVIRDKWNAEYDDIHLKKKAVVTEKYEDDRRKSFKKIGSFSLEQL
QEYADADLSVVEKLKEIIIQKVDEIYKVYGSSEKLFDADFVLEKSLKKNDAVVAIMKDLLDSVKSFENYIKAFFGEGKET
NRDESFYGDFVLAYDILLKVDHIYDAIRNYVTQKPYSKDKFKLYFQNPQFMGGWDKDKETDYRATILRYGSKYYLAIMDK
KYAKCLQKIDKDDVNGNYEKINYKLLPGPNKMLPKVFFSKKWMAYYNPSEDIQKIYKNGTFKKGDMFNLNDCHKLIDFFK
DSISRYPKWSNAYDFNFSETEKYKDIAGFYREVEEQGYKVSFESASKKEVDKLVEEGKLYMFQIYNKDFSDKSHGTPNLH
TMYFKLLFDENNHGQIRLSGGAELFMRRASLKKEELVVHPANSPIANKNPDNPKKTTTLSYDVYKDKRFSEDQYELHIPI
AINKCPKNIFKINTEVRVLLKHDDNPYVIGIDRGERNLLYIVVVDGKGNIVEQYSLNEIINNFNGIRIKTDYHSLLDKKE
KERFEARQNWTSIENIKELKAGYISQVVHKICELVEKYDAVIALEDLNSGFKNSRVKVEKQVYQKFEKMLIDKLNYMVDK
KSNPCATGGALKGYQITNKFESFKSMSTQNGFIFYIPAWLTSKIDPSTGFVNLLKTKYTSIADSKKFISSFDRIMYVPEE
DLFEFALDYKNFSRTDADYIKKWKLYSYGNRIRIFRNPKKNNVFDWEEVCLTSAYKELFNKYGINYQQGDIRALLCEQSD
KAFYSSFMALMSLMLQMRNSITGRTDVDFLISPVKNSDGIFYDSRNYEAQENAILPKNADANGAYNIARKVLWAIGQFKK
AEDEKLDKVKIAISNKEWLEYAQTSVKH
;
E,A
2 'polyribonucleotide' AAUUUCUACUAAGUGUAGAUCGCAUCCAGUAAAGCGGCAC F,B
3 'polydeoxyribonucleotide'
;(DT)(DT)(DT)(DA)(DC)(DT)(DG)(DG)(DA)(DT)(DG)(DC)(DG)(DT)(DA)(DA)(DA)(DG)(DG)(DA)
(DC)(DG)
;
G,C
4 'polydeoxyribonucleotide' (DC)(DG)(DT)(DC)(DC)(DT)(DT)(DT)(DA)(DT)(DT) H,D
#
loop_
_chem_comp.id
_chem_comp.type
_chem_comp.name
_chem_comp.formula
A RNA linking ADENOSINE-5'-MONOPHOSPHATE 'C10 H14 N5 O7 P'
C RNA linking CYTIDINE-5'-MONOPHOSPHATE 'C9 H14 N3 O8 P'
DA DNA linking 2'-DEOXYADENOSINE-5'-MONOPHOSPHATE 'C10 H14 N5 O6 P'
DC DNA linking 2'-DEOXYCYTIDINE-5'-MONOPHOSPHATE 'C9 H14 N3 O7 P'
DG DNA linking 2'-DEOXYGUANOSINE-5'-MONOPHOSPHATE 'C10 H14 N5 O7 P'
DT DNA linking THYMIDINE-5'-MONOPHOSPHATE 'C10 H15 N2 O8 P'
G RNA linking GUANOSINE-5'-MONOPHOSPHATE 'C10 H14 N5 O8 P'
LI non-polymer 'LITHIUM ION' 'Li 1'
U RNA linking URIDINE-5'-MONOPHOSPHATE 'C9 H13 N2 O9 P'
#
# COMPACT_ATOMS: atom_id res chain seq x y z
N MET A 1 -15.27 -3.77 -4.42
CA MET A 1 -15.67 -2.36 -4.68
C MET A 1 -15.12 -1.76 -6.00
N SER A 2 -13.80 -1.75 -6.19
CA SER A 2 -13.23 -1.44 -7.48
C SER A 2 -13.40 -2.62 -8.43
N LYS A 3 -13.30 -2.36 -9.75
CA LYS A 3 -13.43 -3.46 -10.69
C LYS A 3 -12.30 -4.46 -10.53
N LEU A 4 -11.07 -3.94 -10.31
CA LEU A 4 -9.92 -4.83 -10.15
C LEU A 4 -10.17 -5.82 -9.04
N GLU A 5 -10.80 -5.34 -7.99
CA GLU A 5 -10.91 -6.02 -6.71
C GLU A 5 -11.56 -7.39 -6.84
N LYS A 6 -12.29 -7.65 -7.92
CA LYS A 6 -12.85 -8.98 -8.17
C LYS A 6 -11.82 -10.00 -8.71
N PHE A 7 -10.70 -9.58 -9.28
CA PHE A 7 -9.83 -10.48 -10.05
C PHE A 7 -8.65 -11.01 -9.24
N THR A 8 -8.94 -11.75 -8.16
CA THR A 8 -7.93 -12.46 -7.39
C THR A 8 -8.27 -13.95 -7.32
N ASN A 9 -7.21 -14.77 -7.22
CA ASN A 9 -7.35 -16.23 -7.13
C ASN A 9 -8.21 -16.79 -8.28
N CYS A 10 -7.84 -16.46 -9.53
CA CYS A 10 -8.57 -16.86 -10.72
C CYS A 10 -7.97 -18.05 -11.44
N TYR A 11 -6.65 -18.18 -11.42
CA TYR A 11 -6.07 -19.34 -12.08
C TYR A 11 -4.64 -19.49 -11.62
N SER A 12 -4.15 -20.72 -11.74
CA SER A 12 -2.80 -21.04 -11.32
C SER A 12 -1.84 -20.65 -12.42
N LEU A 13 -0.63 -20.27 -12.04
CA LEU A 13 0.45 -20.03 -12.97
C LEU A 13 1.74 -20.36 -12.25
N SER A 14 2.80 -20.66 -13.01
CA SER A 14 4.09 -21.05 -12.46
C SER A 14 5.16 -20.04 -12.80
N LYS A 15 6.07 -19.80 -11.85
CA LYS A 15 7.20 -18.91 -12.07
C LYS A 15 8.45 -19.53 -11.46
N THR A 16 9.58 -19.11 -12.00
CA THR A 16 10.89 -19.55 -11.53
C THR A 16 11.64 -18.37 -10.90
N LEU A 17 12.10 -18.56 -9.66
CA LEU A 17 12.93 -17.56 -8.98
C LEU A 17 14.40 -17.98 -9.04
N ARG A 18 15.27 -17.05 -9.44
CA ARG A 18 16.70 -17.32 -9.56
C ARG A 18 17.50 -16.69 -8.43
N PHE A 19 18.45 -17.44 -7.88
CA PHE A 19 19.31 -16.89 -6.83
C PHE A 19 20.76 -17.30 -7.05
N LYS A 20 21.67 -16.44 -6.60
CA LYS A 20 23.05 -16.85 -6.37
C LYS A 20 23.07 -17.86 -5.24
N ALA A 21 23.95 -18.87 -5.36
CA ALA A 21 24.18 -19.85 -4.29
C ALA A 21 25.63 -19.74 -3.83
N ILE A 22 25.84 -19.27 -2.61
CA ILE A 22 27.18 -18.95 -2.11
C ILE A 22 27.66 -20.07 -1.19
N PRO A 23 28.80 -20.71 -1.49
CA PRO A 23 29.31 -21.75 -0.61
C PRO A 23 29.65 -21.20 0.76
N VAL A 24 29.48 -22.02 1.79
CA VAL A 24 29.79 -21.65 3.16
C VAL A 24 30.66 -22.73 3.77
N GLY A 25 31.69 -22.29 4.50
CA GLY A 25 32.63 -23.18 5.13
C GLY A 25 33.54 -23.82 4.09
N LYS A 26 33.97 -25.03 4.39
CA LYS A 26 34.89 -25.74 3.50
C LYS A 26 34.17 -26.43 2.34
N THR A 27 32.96 -25.97 1.97
CA THR A 27 32.23 -26.56 0.87
C THR A 27 33.05 -26.54 -0.42
N GLN A 28 33.49 -25.36 -0.86
CA GLN A 28 34.17 -25.27 -2.15
C GLN A 28 35.51 -26.00 -2.16
N GLU A 29 36.23 -25.98 -1.03
CA GLU A 29 37.48 -26.74 -0.92
C GLU A 29 37.22 -28.25 -1.03
N ASN A 30 36.19 -28.75 -0.34
CA ASN A 30 35.82 -30.16 -0.48
C ASN A 30 35.28 -30.46 -1.87
N ILE A 31 34.42 -29.58 -2.40
CA ILE A 31 33.94 -29.79 -3.76
C ILE A 31 35.12 -29.86 -4.71
N ASP A 32 36.11 -28.99 -4.52
CA ASP A 32 37.29 -28.96 -5.40
C ASP A 32 38.11 -30.25 -5.27
N ASN A 33 38.41 -30.65 -4.02
CA ASN A 33 39.28 -31.80 -3.82
C ASN A 33 38.64 -33.08 -4.35
N LYS A 34 37.31 -33.15 -4.35
CA LYS A 34 36.62 -34.32 -4.89
C LYS A 34 36.37 -34.23 -6.39
N ARG A 35 36.80 -33.14 -7.03
CA ARG A 35 36.71 -32.95 -8.49
C ARG A 35 35.27 -33.11 -9.01
N LEU A 36 34.29 -32.77 -8.16
CA LEU A 36 32.87 -32.95 -8.49
C LEU A 36 32.43 -32.07 -9.65
N LEU A 37 32.87 -30.81 -9.70
CA LEU A 37 32.42 -29.92 -10.77
C LEU A 37 32.97 -30.35 -12.11
N VAL A 38 34.22 -30.82 -12.13
CA VAL A 38 34.83 -31.30 -13.38
C VAL A 38 34.04 -32.46 -13.96
N GLU A 39 33.60 -33.38 -13.11
CA GLU A 39 32.76 -34.47 -13.58
C GLU A 39 31.47 -33.95 -14.23
N ASP A 40 30.80 -32.98 -13.58
CA ASP A 40 29.55 -32.47 -14.12
C ASP A 40 29.78 -31.71 -15.42
N GLU A 41 30.86 -30.92 -15.48
CA GLU A 41 31.18 -30.20 -16.72
C GLU A 41 31.26 -31.18 -17.88
N LYS A 42 31.88 -32.35 -17.68
CA LYS A 42 32.04 -33.31 -18.77
C LYS A 42 30.71 -33.98 -19.06
N ARG A 43 30.00 -34.37 -18.00
CA ARG A 43 28.69 -34.96 -18.19
C ARG A 43 27.85 -34.10 -19.11
N ALA A 44 27.97 -32.78 -18.98
CA ALA A 44 27.21 -31.87 -19.82
C ALA A 44 27.58 -32.03 -21.28
N GLU A 45 28.88 -32.24 -21.56
CA GLU A 45 29.30 -32.42 -22.94
C GLU A 45 28.88 -33.78 -23.46
N ASP A 46 29.08 -34.82 -22.64
CA ASP A 46 28.65 -36.15 -23.03
C ASP A 46 27.16 -36.19 -23.25
N TYR A 47 26.41 -35.49 -22.42
CA TYR A 47 24.95 -35.49 -22.55
C TYR A 47 24.52 -34.91 -23.90
N LYS A 48 25.06 -33.76 -24.27
CA LYS A 48 24.67 -33.24 -25.57
C LYS A 48 25.13 -34.16 -26.68
N GLY A 49 26.19 -34.92 -26.46
CA GLY A 49 26.68 -35.82 -27.47
C GLY A 49 25.83 -37.07 -27.59
N VAL A 50 25.43 -37.61 -26.44
CA VAL A 50 24.59 -38.81 -26.41
C VAL A 50 23.19 -38.51 -26.93
N LYS A 51 22.67 -37.30 -26.74
CA LYS A 51 21.38 -37.00 -27.34
C LYS A 51 21.46 -36.94 -28.86
N LYS A 52 22.57 -36.50 -29.41
CA LYS A 52 22.66 -36.52 -30.86
C LYS A 52 22.84 -37.93 -31.39
N LEU A 53 23.34 -38.85 -30.56
CA LEU A 53 23.30 -40.24 -30.94
C LEU A 53 21.88 -40.80 -30.85
N LEU A 54 21.13 -40.40 -29.83
CA LEU A 54 19.74 -40.85 -29.76
C LEU A 54 18.93 -40.33 -30.95
N ASP A 55 19.06 -39.04 -31.27
CA ASP A 55 18.27 -38.51 -32.38
C ASP A 55 18.64 -39.19 -33.69
N ARG A 56 19.92 -39.59 -33.84
CA ARG A 56 20.30 -40.39 -35.01
C ARG A 56 19.44 -41.65 -35.07
N TYR A 57 19.20 -42.26 -33.92
CA TYR A 57 18.34 -43.44 -33.88
C TYR A 57 16.87 -43.07 -34.06
N TYR A 58 16.35 -42.11 -33.26
CA TYR A 58 14.97 -41.68 -33.40
C TYR A 58 14.65 -41.26 -34.82
N LEU A 59 15.60 -40.63 -35.51
CA LEU A 59 15.35 -40.24 -36.89
C LEU A 59 15.22 -41.47 -37.79
N SER A 60 16.06 -42.48 -37.58
CA SER A 60 15.96 -43.73 -38.34
C SER A 60 14.67 -44.46 -38.04
N PHE A 61 14.24 -44.45 -36.77
CA PHE A 61 12.96 -45.04 -36.41
C PHE A 61 11.81 -44.29 -37.09
N ILE A 62 11.87 -42.95 -37.10
CA ILE A 62 10.81 -42.18 -37.75
C ILE A 62 10.76 -42.49 -39.24
N ASN A 63 11.91 -42.48 -39.90
CA ASN A 63 11.97 -42.59 -41.35
C ASN A 63 11.37 -43.90 -41.85
N ASP A 64 11.89 -45.04 -41.37
CA ASP A 64 11.43 -46.32 -41.91
C ASP A 64 9.92 -46.44 -41.74
N VAL A 65 9.37 -45.91 -40.64
CA VAL A 65 7.92 -45.94 -40.49
C VAL A 65 7.27 -45.06 -41.54
N LEU A 66 7.67 -43.80 -41.61
CA LEU A 66 7.02 -42.88 -42.54
C LEU A 66 7.30 -43.19 -44.01
N HIS A 67 8.31 -44.03 -44.30
CA HIS A 67 8.52 -44.46 -45.67
C HIS A 67 7.62 -45.62 -46.04
N SER A 68 7.06 -46.30 -45.05
CA SER A 68 6.30 -47.53 -45.26
C SER A 68 4.86 -47.35 -44.79
N ILE A 69 4.31 -46.15 -44.95
CA ILE A 69 2.95 -45.86 -44.53
C ILE A 69 2.16 -45.48 -45.77
N LYS A 70 0.96 -46.04 -45.89
CA LYS A 70 0.01 -45.50 -46.83
C LYS A 70 -1.19 -45.05 -46.01
N LEU A 71 -1.42 -43.74 -46.00
CA LEU A 71 -2.51 -43.18 -45.22
C LEU A 71 -3.80 -43.45 -45.97
N LYS A 72 -4.79 -43.96 -45.25
CA LYS A 72 -6.05 -44.41 -45.81
C LYS A 72 -7.11 -43.31 -45.68
N ASN A 73 -8.03 -43.28 -46.66
CA ASN A 73 -9.05 -42.23 -46.78
C ASN A 73 -8.43 -40.89 -47.19
N LEU A 74 -7.35 -40.93 -47.96
CA LEU A 74 -6.73 -39.68 -48.41
C LEU A 74 -7.69 -38.89 -49.30
N ASN A 75 -8.28 -39.57 -50.29
CA ASN A 75 -9.14 -38.88 -51.24
C ASN A 75 -10.32 -38.24 -50.56
N ASN A 76 -10.95 -38.95 -49.61
CA ASN A 76 -12.12 -38.41 -48.95
C ASN A 76 -11.77 -37.18 -48.13
N TYR A 77 -10.69 -37.23 -47.35
CA TYR A 77 -10.32 -36.06 -46.58
C TYR A 77 -10.10 -34.87 -47.51
N ILE A 78 -9.47 -35.08 -48.66
CA ILE A 78 -9.27 -33.98 -49.60
C ILE A 78 -10.61 -33.50 -50.16
N SER A 79 -11.53 -34.42 -50.47
CA SER A 79 -12.78 -34.02 -51.14
C SER A 79 -13.60 -33.08 -50.27
N LEU A 80 -13.71 -33.40 -48.97
CA LEU A 80 -14.43 -32.56 -48.02
C LEU A 80 -13.66 -31.29 -47.67
N PHE A 81 -12.32 -31.39 -47.60
CA PHE A 81 -11.52 -30.20 -47.40
C PHE A 81 -11.74 -29.25 -48.58
N ARG A 82 -11.96 -29.82 -49.77
CA ARG A 82 -12.01 -29.09 -51.03
C ARG A 82 -13.46 -28.67 -51.43
N LYS A 83 -14.35 -28.41 -50.45
CA LYS A 83 -15.74 -27.93 -50.64
C LYS A 83 -15.81 -26.40 -50.67
N LYS A 84 -16.58 -25.90 -51.65
CA LYS A 84 -16.99 -24.49 -51.72
C LYS A 84 -17.50 -24.03 -50.39
N THR A 85 -18.70 -24.56 -50.08
CA THR A 85 -19.53 -24.33 -48.92
C THR A 85 -19.59 -25.61 -48.14
N ARG A 86 -19.18 -25.61 -46.89
CA ARG A 86 -19.15 -26.87 -46.14
C ARG A 86 -20.27 -26.85 -45.10
N THR A 87 -21.16 -27.84 -45.23
CA THR A 87 -22.24 -28.04 -44.29
C THR A 87 -21.74 -28.79 -43.06
N GLU A 88 -22.52 -28.69 -41.99
CA GLU A 88 -22.24 -29.38 -40.73
C GLU A 88 -22.26 -30.89 -40.84
N LYS A 89 -23.04 -31.49 -41.76
CA LYS A 89 -22.96 -32.95 -41.94
C LYS A 89 -21.50 -33.46 -42.15
N GLU A 90 -20.70 -32.95 -43.13
CA GLU A 90 -19.27 -33.39 -43.16
C GLU A 90 -18.25 -32.49 -42.45
N ASN A 91 -18.64 -31.33 -41.89
CA ASN A 91 -17.72 -30.65 -40.98
C ASN A 91 -17.29 -31.59 -39.85
N LYS A 92 -18.26 -32.29 -39.25
CA LYS A 92 -17.94 -33.21 -38.16
C LYS A 92 -17.42 -34.54 -38.69
N GLU A 93 -17.80 -34.92 -39.92
CA GLU A 93 -17.18 -36.09 -40.55
C GLU A 93 -15.74 -35.81 -40.97
N LEU A 94 -15.46 -34.59 -41.44
CA LEU A 94 -14.12 -34.25 -41.91
C LEU A 94 -13.12 -34.13 -40.77
N GLU A 95 -13.50 -33.43 -39.70
CA GLU A 95 -12.58 -33.32 -38.58
C GLU A 95 -12.38 -34.68 -37.92
N ASN A 96 -13.40 -35.53 -37.92
CA ASN A 96 -13.19 -36.90 -37.47
C ASN A 96 -12.22 -37.62 -38.39
N LEU A 97 -12.33 -37.36 -39.70
CA LEU A 97 -11.38 -37.90 -40.66
C LEU A 97 -9.98 -37.32 -40.44
N GLU A 98 -9.91 -36.03 -40.04
CA GLU A 98 -8.62 -35.42 -39.79
C GLU A 98 -8.01 -35.95 -38.49
N ILE A 99 -8.84 -36.13 -37.47
CA ILE A 99 -8.37 -36.72 -36.21
C ILE A 99 -7.97 -38.17 -36.44
N ASN A 100 -8.81 -38.91 -37.18
CA ASN A 100 -8.48 -40.30 -37.49
C ASN A 100 -7.26 -40.40 -38.40
N LEU A 101 -7.05 -39.41 -39.28
CA LEU A 101 -5.86 -39.40 -40.13
C LEU A 101 -4.58 -39.35 -39.30
N ARG A 102 -4.58 -38.53 -38.23
CA ARG A 102 -3.41 -38.42 -37.37
C ARG A 102 -3.21 -39.68 -36.53
N LYS A 103 -4.31 -40.24 -35.99
CA LYS A 103 -4.21 -41.45 -35.19
C LYS A 103 -3.59 -42.58 -36.00
N GLU A 104 -3.92 -42.63 -37.29
CA GLU A 104 -3.31 -43.61 -38.17
C GLU A 104 -1.79 -43.50 -38.14
N ILE A 105 -1.27 -42.26 -38.19
CA ILE A 105 0.18 -42.04 -38.13
C ILE A 105 0.73 -42.43 -36.78
N ALA A 106 0.09 -41.97 -35.69
CA ALA A 106 0.56 -42.33 -34.36
C ALA A 106 0.53 -43.83 -34.15
N LYS A 107 -0.61 -44.47 -34.48
CA LYS A 107 -0.73 -45.92 -34.32
C LYS A 107 0.29 -46.66 -35.16
N ALA A 108 0.87 -46.03 -36.18
CA ALA A 108 1.97 -46.68 -36.88
C ALA A 108 3.20 -46.74 -35.99
N PHE A 109 3.49 -45.64 -35.29
CA PHE A 109 4.69 -45.53 -34.47
C PHE A 109 4.64 -46.50 -33.29
N LYS A 110 3.52 -46.53 -32.58
CA LYS A 110 3.40 -47.41 -31.43
C LYS A 110 3.42 -48.87 -31.84
N GLY A 111 2.94 -49.18 -33.05
CA GLY A 111 2.98 -50.56 -33.48
C GLY A 111 4.39 -51.12 -33.59
N ASN A 112 5.36 -50.29 -33.98
CA ASN A 112 6.72 -50.76 -34.23
C ASN A 112 7.31 -51.42 -32.98
N GLU A 113 8.36 -52.23 -33.22
CA GLU A 113 8.90 -53.13 -32.20
C GLU A 113 9.37 -52.35 -30.96
N GLY A 114 10.05 -51.23 -31.17
CA GLY A 114 10.72 -50.54 -30.09
C GLY A 114 9.97 -49.46 -29.35
N TYR A 115 8.68 -49.22 -29.62
CA TYR A 115 8.04 -48.07 -28.99
C TYR A 115 8.05 -48.19 -27.48
N LYS A 116 7.92 -49.41 -26.97
CA LYS A 116 8.04 -49.65 -25.53
C LYS A 116 9.31 -49.01 -24.95
N SER A 117 10.47 -49.33 -25.51
CA SER A 117 11.76 -49.02 -24.89
C SER A 117 12.39 -47.71 -25.34
N LEU A 118 11.75 -46.95 -26.24
CA LEU A 118 12.36 -45.74 -26.76
C LEU A 118 12.65 -44.72 -25.66
N PHE A 119 11.81 -44.67 -24.62
CA PHE A 119 11.93 -43.70 -23.55
C PHE A 119 12.03 -44.37 -22.19
N LYS A 120 12.88 -45.39 -22.10
CA LYS A 120 13.10 -46.12 -20.87
C LYS A 120 14.56 -46.50 -20.84
N LYS A 121 14.98 -47.12 -19.73
CA LYS A 121 16.39 -47.45 -19.54
C LYS A 121 16.99 -48.15 -20.75
N ASP A 122 16.19 -49.00 -21.43
CA ASP A 122 16.68 -49.92 -22.44
C ASP A 122 17.31 -49.19 -23.64
N ILE A 123 16.76 -48.03 -24.02
CA ILE A 123 17.32 -47.34 -25.18
C ILE A 123 18.77 -46.97 -24.90
N ILE A 124 19.09 -46.58 -23.67
CA ILE A 124 20.47 -46.23 -23.34
C ILE A 124 21.33 -47.48 -23.21
N GLU A 125 20.82 -48.53 -22.56
CA GLU A 125 21.69 -49.61 -22.12
C GLU A 125 22.00 -50.65 -23.20
N THR A 126 21.05 -50.92 -24.11
CA THR A 126 21.30 -51.91 -25.15
C THR A 126 20.88 -51.48 -26.56
N ILE A 127 19.71 -50.87 -26.73
CA ILE A 127 19.19 -50.60 -28.07
C ILE A 127 20.09 -49.62 -28.83
N LEU A 128 20.43 -48.52 -28.19
CA LEU A 128 21.25 -47.54 -28.90
C LEU A 128 22.63 -48.11 -29.18
N PRO A 129 23.27 -48.79 -28.21
CA PRO A 129 24.60 -49.36 -28.50
C PRO A 129 24.59 -50.36 -29.63
N GLU A 130 23.53 -51.17 -29.76
CA GLU A 130 23.43 -52.08 -30.90
C GLU A 130 23.29 -51.32 -32.22
N PHE A 131 22.53 -50.22 -32.20
CA PHE A 131 22.32 -49.44 -33.43
C PHE A 131 23.63 -48.86 -33.95
N LEU A 132 24.50 -48.37 -33.07
CA LEU A 132 25.79 -47.82 -33.49
C LEU A 132 26.80 -48.97 -33.49
N ASP A 133 27.54 -49.13 -34.56
CA ASP A 133 28.59 -50.14 -34.52
C ASP A 133 29.99 -49.55 -34.28
N ASP A 134 30.09 -48.25 -33.95
CA ASP A 134 31.37 -47.67 -33.56
C ASP A 134 31.60 -47.96 -32.08
N LYS A 135 32.84 -48.33 -31.71
CA LYS A 135 33.13 -48.64 -30.30
C LYS A 135 33.26 -47.39 -29.46
N ASP A 136 33.72 -46.28 -30.05
CA ASP A 136 33.81 -45.02 -29.32
C ASP A 136 32.44 -44.53 -28.88
N GLU A 137 31.46 -44.57 -29.80
CA GLU A 137 30.11 -44.14 -29.50
C GLU A 137 29.43 -45.03 -28.47
N ILE A 138 29.72 -46.34 -28.48
CA ILE A 138 29.13 -47.20 -27.46
C ILE A 138 29.70 -46.86 -26.08
N ALA A 139 31.00 -46.53 -26.03
CA ALA A 139 31.61 -46.09 -24.78
C ALA A 139 30.90 -44.84 -24.23
N LEU A 140 30.66 -43.87 -25.11
CA LEU A 140 30.03 -42.62 -24.69
C LEU A 140 28.63 -42.88 -24.15
N VAL A 141 27.82 -43.67 -24.87
CA VAL A 141 26.48 -43.93 -24.38
C VAL A 141 26.48 -44.68 -23.06
N ASN A 142 27.44 -45.57 -22.84
CA ASN A 142 27.40 -46.43 -21.65
C ASN A 142 27.89 -45.72 -20.41
N SER A 143 28.52 -44.57 -20.55
CA SER A 143 28.75 -43.83 -19.34
C SER A 143 27.43 -43.25 -18.78
N PHE A 144 26.26 -43.57 -19.31
CA PHE A 144 25.02 -43.14 -18.67
C PHE A 144 24.28 -44.32 -18.07
N ASN A 145 24.98 -45.44 -17.85
CA ASN A 145 24.29 -46.64 -17.39
C ASN A 145 23.69 -46.45 -16.02
N GLY A 146 24.40 -45.80 -15.13
CA GLY A 146 23.68 -45.60 -13.89
C GLY A 146 22.70 -44.45 -13.90
N PHE A 147 22.59 -43.71 -15.01
CA PHE A 147 22.04 -42.37 -15.00
C PHE A 147 20.84 -42.12 -15.91
N THR A 148 20.20 -43.16 -16.44
CA THR A 148 19.23 -42.89 -17.51
C THR A 148 18.13 -41.96 -17.03
N THR A 149 17.87 -41.93 -15.71
CA THR A 149 16.88 -41.00 -15.18
C THR A 149 17.23 -39.57 -15.55
N ALA A 150 18.51 -39.27 -15.75
CA ALA A 150 18.86 -37.95 -16.24
C ALA A 150 18.24 -37.64 -17.60
N PHE A 151 17.79 -38.65 -18.35
CA PHE A 151 17.22 -38.39 -19.67
C PHE A 151 15.70 -38.19 -19.65
N THR A 152 15.09 -38.19 -18.46
CA THR A 152 13.65 -38.20 -18.35
C THR A 152 13.03 -37.01 -19.07
N GLY A 153 13.62 -35.83 -18.90
CA GLY A 153 13.10 -34.67 -19.61
C GLY A 153 13.25 -34.79 -21.11
N PHE A 154 14.45 -35.13 -21.58
CA PHE A 154 14.69 -35.30 -23.00
C PHE A 154 13.74 -36.29 -23.62
N PHE A 155 13.45 -37.39 -22.91
CA PHE A 155 12.50 -38.39 -23.38
C PHE A 155 11.10 -37.82 -23.51
N ASP A 156 10.70 -36.94 -22.60
CA ASP A 156 9.38 -36.32 -22.73
C ASP A 156 9.31 -35.46 -23.99
N ASN A 157 10.40 -34.74 -24.33
CA ASN A 157 10.39 -33.97 -25.56
C ASN A 157 10.29 -34.86 -26.79
N ARG A 158 10.75 -36.11 -26.68
CA ARG A 158 10.68 -36.97 -27.84
C ARG A 158 9.34 -37.68 -27.94
N GLU A 159 8.67 -37.91 -26.80
CA GLU A 159 7.30 -38.39 -26.86
C GLU A 159 6.38 -37.40 -27.57
N ASN A 160 6.69 -36.11 -27.48
CA ASN A 160 5.82 -35.14 -28.14
C ASN A 160 5.74 -35.38 -29.65
N MET A 161 6.81 -35.91 -30.24
CA MET A 161 6.81 -36.18 -31.68
C MET A 161 5.80 -37.26 -32.06
N PHE A 162 5.62 -38.27 -31.21
CA PHE A 162 4.76 -39.40 -31.53
C PHE A 162 3.34 -39.23 -31.01
N SER A 163 3.00 -38.06 -30.47
CA SER A 163 1.63 -37.81 -30.06
C SER A 163 0.72 -37.76 -31.30
N GLU A 164 -0.55 -38.11 -31.09
CA GLU A 164 -1.58 -37.93 -32.10
C GLU A 164 -2.33 -36.61 -31.95
N GLU A 165 -2.12 -35.90 -30.85
CA GLU A 165 -2.85 -34.67 -30.62
C GLU A 165 -2.38 -33.59 -31.62
N ALA A 166 -3.13 -32.49 -31.67
CA ALA A 166 -2.86 -31.37 -32.57
C ALA A 166 -1.96 -30.31 -31.96
N LYS A 167 -0.70 -30.67 -31.69
CA LYS A 167 0.27 -29.71 -31.19
C LYS A 167 1.47 -29.61 -32.12
N SER A 168 2.09 -28.43 -32.15
CA SER A 168 3.21 -28.16 -33.06
C SER A 168 4.29 -29.25 -33.01
N THR A 169 4.59 -29.75 -31.81
CA THR A 169 5.66 -30.73 -31.65
C THR A 169 5.32 -32.10 -32.24
N SER A 170 4.05 -32.42 -32.42
CA SER A 170 3.67 -33.73 -32.93
C SER A 170 4.01 -33.90 -34.41
N ILE A 171 4.49 -35.09 -34.76
CA ILE A 171 4.73 -35.42 -36.17
C ILE A 171 3.41 -35.44 -36.93
N ALA A 172 2.38 -36.08 -36.36
CA ALA A 172 1.08 -36.14 -37.02
C ALA A 172 0.54 -34.74 -37.32
N PHE A 173 0.84 -33.76 -36.45
CA PHE A 173 0.40 -32.40 -36.71
C PHE A 173 1.18 -31.77 -37.85
N ARG A 174 2.46 -32.11 -38.00
CA ARG A 174 3.24 -31.54 -39.09
C ARG A 174 2.75 -32.05 -40.45
N CYS A 175 2.31 -33.32 -40.50
CA CYS A 175 1.84 -33.89 -41.76
C CYS A 175 0.42 -33.46 -42.12
N ILE A 176 -0.46 -33.37 -41.14
CA ILE A 176 -1.89 -33.25 -41.39
C ILE A 176 -2.35 -31.80 -41.35
N ASN A 177 -2.04 -31.06 -40.29
CA ASN A 177 -2.47 -29.67 -40.20
C ASN A 177 -1.60 -28.72 -41.01
N GLU A 178 -0.34 -29.08 -41.26
CA GLU A 178 0.59 -28.19 -41.95
C GLU A 178 0.90 -28.64 -43.37
N ASN A 179 1.57 -29.78 -43.54
CA ASN A 179 2.05 -30.17 -44.86
C ASN A 179 0.91 -30.53 -45.80
N LEU A 180 -0.13 -31.19 -45.29
CA LEU A 180 -1.26 -31.54 -46.15
C LEU A 180 -1.99 -30.29 -46.64
N THR A 181 -2.18 -29.31 -45.77
CA THR A 181 -2.95 -28.15 -46.18
C THR A 181 -2.23 -27.33 -47.25
N ARG A 182 -0.90 -27.30 -47.23
CA ARG A 182 -0.21 -26.64 -48.32
C ARG A 182 -0.12 -27.56 -49.54
N TYR A 183 -0.10 -28.88 -49.33
CA TYR A 183 -0.14 -29.81 -50.45
C TYR A 183 -1.42 -29.68 -51.25
N ILE A 184 -2.53 -29.36 -50.58
CA ILE A 184 -3.83 -29.14 -51.21
C ILE A 184 -3.99 -27.69 -51.65
N SER A 185 -3.48 -26.75 -50.86
CA SER A 185 -3.34 -25.39 -51.37
C SER A 185 -2.54 -25.37 -52.66
N ASN A 186 -1.53 -26.24 -52.77
CA ASN A 186 -0.78 -26.38 -54.01
C ASN A 186 -1.60 -27.06 -55.09
N MET A 187 -2.35 -28.09 -54.72
CA MET A 187 -3.23 -28.76 -55.66
C MET A 187 -4.15 -27.78 -56.37
N ASP A 188 -4.80 -26.89 -55.62
CA ASP A 188 -5.74 -25.99 -56.28
C ASP A 188 -5.04 -24.89 -57.04
N ILE A 189 -3.77 -24.63 -56.76
CA ILE A 189 -3.03 -23.70 -57.59
C ILE A 189 -2.62 -24.38 -58.88
N PHE A 190 -2.10 -25.61 -58.77
CA PHE A 190 -1.55 -26.30 -59.93
C PHE A 190 -2.58 -26.47 -61.04
N GLU A 191 -3.82 -26.83 -60.68
CA GLU A 191 -4.81 -27.01 -61.73
C GLU A 191 -5.35 -25.70 -62.27
N LYS A 192 -4.90 -24.59 -61.69
CA LYS A 192 -5.24 -23.24 -62.11
C LYS A 192 -4.07 -22.50 -62.77
N VAL A 193 -2.86 -23.04 -62.62
CA VAL A 193 -1.67 -22.52 -63.26
C VAL A 193 -1.06 -23.52 -64.24
N ASP A 194 -1.66 -24.72 -64.34
CA ASP A 194 -1.12 -25.82 -65.13
C ASP A 194 -0.80 -25.44 -66.57
N ALA A 195 -1.66 -24.62 -67.20
CA ALA A 195 -1.53 -24.31 -68.62
C ALA A 195 -0.18 -23.67 -68.97
N ILE A 196 0.38 -22.87 -68.07
CA ILE A 196 1.50 -22.01 -68.43
C ILE A 196 2.84 -22.76 -68.46
N PHE A 197 2.80 -24.09 -68.37
CA PHE A 197 4.03 -24.87 -68.30
C PHE A 197 4.31 -25.56 -69.63
N ASP A 198 5.46 -25.22 -70.22
CA ASP A 198 5.85 -25.72 -71.53
C ASP A 198 6.06 -27.23 -71.47
N LYS A 199 5.92 -27.88 -72.63
CA LYS A 199 6.10 -29.34 -72.73
C LYS A 199 7.42 -29.80 -72.12
N HIS A 200 8.54 -29.20 -72.55
CA HIS A 200 9.89 -29.62 -72.15
C HIS A 200 10.23 -29.15 -70.75
N GLU A 201 9.75 -27.98 -70.34
CA GLU A 201 10.01 -27.49 -69.00
C GLU A 201 9.46 -28.48 -67.98
N VAL A 202 8.32 -29.08 -68.30
CA VAL A 202 7.78 -30.14 -67.47
C VAL A 202 8.69 -31.36 -67.53
N GLN A 203 9.21 -31.69 -68.72
CA GLN A 203 10.17 -32.79 -68.81
C GLN A 203 11.58 -32.38 -68.40
N GLU A 204 11.87 -31.08 -68.36
CA GLU A 204 13.11 -30.62 -67.73
C GLU A 204 13.16 -31.07 -66.27
N ILE A 205 12.13 -30.72 -65.51
CA ILE A 205 11.96 -31.18 -64.14
C ILE A 205 11.87 -32.69 -64.09
N LYS A 206 11.21 -33.29 -65.08
CA LYS A 206 11.11 -34.74 -65.18
C LYS A 206 12.47 -35.40 -65.05
N GLU A 207 13.43 -34.98 -65.89
CA GLU A 207 14.75 -35.61 -65.91
C GLU A 207 15.67 -35.08 -64.81
N LYS A 208 15.82 -33.75 -64.73
CA LYS A 208 16.79 -33.17 -63.80
C LYS A 208 16.37 -33.38 -62.35
N ILE A 209 15.10 -33.21 -62.04
CA ILE A 209 14.60 -33.20 -60.65
C ILE A 209 14.00 -34.53 -60.26
N LEU A 210 13.18 -35.11 -61.13
CA LEU A 210 12.27 -36.20 -60.79
C LEU A 210 12.80 -37.62 -61.01
N ASN A 211 14.01 -37.79 -61.55
CA ASN A 211 14.67 -39.09 -61.78
C ASN A 211 14.25 -39.72 -63.10
N SER A 212 13.32 -39.09 -63.83
CA SER A 212 12.62 -39.71 -64.97
C SER A 212 11.75 -40.89 -64.51
N ASP A 213 11.55 -40.99 -63.19
CA ASP A 213 10.73 -42.03 -62.59
C ASP A 213 9.28 -41.59 -62.32
N TYR A 214 9.02 -40.29 -62.12
CA TYR A 214 7.67 -39.79 -61.85
C TYR A 214 7.35 -38.58 -62.74
N ASP A 215 6.07 -38.41 -63.05
CA ASP A 215 5.57 -37.21 -63.72
C ASP A 215 5.42 -36.08 -62.71
N VAL A 216 5.58 -34.84 -63.18
CA VAL A 216 5.42 -33.68 -62.32
C VAL A 216 4.01 -33.62 -61.73
N GLU A 217 2.99 -33.89 -62.54
CA GLU A 217 1.63 -33.78 -62.03
C GLU A 217 1.32 -34.85 -60.99
N ASP A 218 2.19 -35.85 -60.83
CA ASP A 218 1.94 -36.88 -59.82
C ASP A 218 1.92 -36.26 -58.41
N PHE A 219 2.83 -35.32 -58.14
CA PHE A 219 2.93 -34.62 -56.87
C PHE A 219 1.78 -33.65 -56.63
N PHE A 220 0.84 -33.55 -57.57
CA PHE A 220 -0.36 -32.76 -57.38
C PHE A 220 -1.62 -33.62 -57.34
N GLU A 221 -1.47 -34.93 -57.25
CA GLU A 221 -2.56 -35.87 -57.00
C GLU A 221 -2.55 -36.34 -55.55
N GLY A 222 -3.73 -36.55 -54.99
CA GLY A 222 -3.81 -36.81 -53.56
C GLY A 222 -2.98 -38.00 -53.13
N GLU A 223 -3.11 -39.11 -53.83
CA GLU A 223 -2.49 -40.34 -53.38
C GLU A 223 -0.95 -40.29 -53.35
N PHE A 224 -0.32 -39.25 -53.89
CA PHE A 224 1.13 -39.18 -53.75
C PHE A 224 1.56 -38.36 -52.53
N PHE A 225 0.60 -37.90 -51.73
CA PHE A 225 0.95 -37.20 -50.50
C PHE A 225 1.85 -38.06 -49.65
N ASN A 226 1.63 -39.38 -49.67
CA ASN A 226 2.42 -40.30 -48.86
C ASN A 226 3.90 -40.25 -49.24
N PHE A 227 4.19 -39.90 -50.49
CA PHE A 227 5.58 -39.73 -50.89
C PHE A 227 6.24 -38.67 -50.05
N VAL A 228 5.47 -37.63 -49.69
CA VAL A 228 6.01 -36.41 -49.14
C VAL A 228 5.95 -36.37 -47.60
N LEU A 229 5.64 -37.50 -46.97
CA LEU A 229 5.65 -37.60 -45.51
C LEU A 229 7.06 -37.44 -44.95
N THR A 230 8.05 -38.02 -45.60
CA THR A 230 9.45 -38.03 -45.16
C THR A 230 10.19 -36.78 -45.62
N GLN A 231 11.33 -36.50 -44.96
CA GLN A 231 12.14 -35.37 -45.39
C GLN A 231 12.66 -35.55 -46.81
N GLU A 232 13.08 -36.77 -47.14
CA GLU A 232 13.54 -37.05 -48.49
C GLU A 232 12.46 -36.73 -49.51
N GLY A 233 11.21 -37.12 -49.21
CA GLY A 233 10.09 -36.79 -50.08
C GLY A 233 9.74 -35.32 -50.08
N ILE A 234 10.01 -34.61 -48.99
CA ILE A 234 9.79 -33.16 -48.98
C ILE A 234 10.85 -32.44 -49.79
N ASP A 235 12.10 -32.94 -49.73
CA ASP A 235 13.17 -32.31 -50.50
C ASP A 235 12.93 -32.44 -52.02
N VAL A 236 12.28 -33.52 -52.46
CA VAL A 236 11.96 -33.66 -53.88
C VAL A 236 10.83 -32.70 -54.24
N TYR A 237 9.77 -32.70 -53.44
CA TYR A 237 8.58 -31.88 -53.72
C TYR A 237 8.94 -30.41 -53.83
N ASN A 238 9.75 -29.90 -52.91
CA ASN A 238 10.11 -28.48 -52.92
C ASN A 238 11.03 -28.11 -54.08
N ALA A 239 11.71 -29.10 -54.70
CA ALA A 239 12.52 -28.80 -55.87
C ALA A 239 11.65 -28.58 -57.11
N ILE A 240 10.56 -29.35 -57.24
CA ILE A 240 9.62 -29.12 -58.33
C ILE A 240 9.13 -27.69 -58.32
N ILE A 241 9.07 -27.07 -57.15
CA ILE A 241 8.55 -25.72 -57.00
C ILE A 241 9.64 -24.65 -57.15
N GLY A 242 10.66 -24.71 -56.29
CA GLY A 242 11.69 -23.68 -56.31
C GLY A 242 12.88 -23.99 -57.18
N GLY A 243 12.96 -25.21 -57.69
CA GLY A 243 14.10 -25.61 -58.48
C GLY A 243 15.23 -26.08 -57.59
N PHE A 244 16.33 -26.43 -58.24
CA PHE A 244 17.57 -26.77 -57.55
C PHE A 244 18.70 -26.55 -58.55
N VAL A 245 19.91 -26.40 -58.01
CA VAL A 245 21.09 -26.13 -58.82
C VAL A 245 21.80 -27.44 -59.06
N THR A 246 22.16 -27.70 -60.31
CA THR A 246 23.05 -28.82 -60.60
C THR A 246 24.38 -28.57 -59.92
N GLU A 247 25.09 -29.67 -59.63
CA GLU A 247 26.38 -29.54 -58.98
C GLU A 247 27.37 -28.80 -59.87
N SER A 248 27.17 -28.88 -61.20
CA SER A 248 27.91 -28.02 -62.13
C SER A 248 27.79 -26.53 -61.81
N GLY A 249 26.67 -26.12 -61.19
CA GLY A 249 26.36 -24.73 -60.87
C GLY A 249 25.43 -24.01 -61.83
N GLU A 250 24.93 -24.67 -62.87
CA GLU A 250 23.86 -24.08 -63.68
C GLU A 250 22.51 -24.46 -63.07
N LYS A 251 21.54 -23.56 -63.22
CA LYS A 251 20.31 -23.53 -62.44
C LYS A 251 19.14 -24.18 -63.18
N ILE A 252 18.52 -25.20 -62.56
CA ILE A 252 17.29 -25.80 -63.09
C ILE A 252 16.14 -25.04 -62.46
N LYS A 253 15.18 -24.61 -63.28
CA LYS A 253 14.10 -23.75 -62.80
C LYS A 253 12.90 -24.57 -62.36
N GLY A 254 12.27 -24.14 -61.25
CA GLY A 254 11.07 -24.78 -60.75
C GLY A 254 9.81 -24.10 -61.25
N LEU A 255 8.67 -24.74 -60.96
CA LEU A 255 7.39 -24.21 -61.42
C LEU A 255 7.15 -22.81 -60.90
N ASN A 256 7.62 -22.50 -59.69
CA ASN A 256 7.45 -21.14 -59.17
C ASN A 256 8.27 -20.14 -59.98
N GLU A 257 9.38 -20.58 -60.58
CA GLU A 257 10.15 -19.68 -61.43
C GLU A 257 9.44 -19.46 -62.75
N TYR A 258 9.04 -20.54 -63.43
CA TYR A 258 8.18 -20.45 -64.60
C TYR A 258 6.97 -19.56 -64.35
N ILE A 259 6.36 -19.66 -63.16
CA ILE A 259 5.19 -18.84 -62.85
C ILE A 259 5.56 -17.37 -62.85
N ASN A 260 6.72 -17.03 -62.27
CA ASN A 260 7.13 -15.62 -62.19
C ASN A 260 7.62 -15.08 -63.53
N LEU A 261 8.27 -15.92 -64.36
CA LEU A 261 8.59 -15.51 -65.73
C LEU A 261 7.35 -15.21 -66.53
N TYR A 262 6.30 -16.03 -66.35
CA TYR A 262 5.02 -15.77 -66.99
C TYR A 262 4.33 -14.57 -66.36
N ASN A 263 4.43 -14.45 -65.03
CA ASN A 263 3.81 -13.34 -64.32
C ASN A 263 4.36 -11.99 -64.78
N GLN A 264 5.57 -11.98 -65.33
CA GLN A 264 6.17 -10.74 -65.78
C GLN A 264 5.79 -10.39 -67.22
N LYS A 265 5.74 -11.38 -68.11
CA LYS A 265 5.45 -11.12 -69.51
C LYS A 265 3.96 -10.93 -69.84
N THR A 266 3.03 -11.44 -69.02
CA THR A 266 1.61 -11.34 -69.31
C THR A 266 0.87 -10.24 -68.55
N LYS A 267 1.57 -9.43 -67.73
CA LYS A 267 0.99 -8.28 -67.06
C LYS A 267 0.16 -8.61 -65.81
N GLN A 268 -0.39 -9.83 -65.73
CA GLN A 268 -1.14 -10.26 -64.56
C GLN A 268 -0.27 -11.16 -63.70
N LYS A 269 -0.62 -11.24 -62.39
CA LYS A 269 0.13 -11.99 -61.37
C LYS A 269 -0.62 -13.27 -61.01
N LEU A 270 -0.01 -14.42 -61.35
CA LEU A 270 -0.52 -15.73 -60.98
C LEU A 270 -0.16 -16.03 -59.53
N PRO A 271 -0.91 -16.93 -58.90
CA PRO A 271 -0.55 -17.37 -57.54
C PRO A 271 0.69 -18.26 -57.58
N LYS A 272 1.44 -18.25 -56.49
CA LYS A 272 2.63 -19.09 -56.36
C LYS A 272 2.38 -20.24 -55.38
N PHE A 273 3.23 -21.26 -55.48
CA PHE A 273 3.16 -22.43 -54.62
C PHE A 273 3.78 -22.17 -53.24
N LYS A 274 3.19 -22.78 -52.23
CA LYS A 274 3.90 -22.81 -50.98
C LYS A 274 4.82 -24.03 -50.93
N PRO A 275 6.02 -23.90 -50.38
CA PRO A 275 6.85 -25.09 -50.14
C PRO A 275 6.41 -25.75 -48.85
N LEU A 276 6.64 -27.06 -48.77
CA LEU A 276 6.32 -27.80 -47.57
C LEU A 276 7.29 -27.45 -46.43
N TYR A 277 6.79 -27.59 -45.20
CA TYR A 277 7.67 -27.47 -44.05
C TYR A 277 8.40 -28.80 -43.83
N LYS A 278 9.54 -28.73 -43.14
CA LYS A 278 10.36 -29.92 -42.92
C LYS A 278 9.70 -30.88 -41.93
N GLN A 279 10.12 -32.14 -41.98
CA GLN A 279 9.60 -33.14 -41.06
C GLN A 279 10.37 -33.08 -39.75
N VAL A 280 9.65 -33.37 -38.66
CA VAL A 280 10.24 -33.23 -37.34
C VAL A 280 11.49 -34.10 -37.25
N LEU A 281 12.55 -33.52 -36.70
CA LEU A 281 13.84 -34.15 -36.36
C LEU A 281 14.72 -34.47 -37.58
N SER A 282 14.31 -34.13 -38.79
CA SER A 282 15.23 -34.23 -39.93
C SER A 282 16.47 -33.41 -39.67
N ASP A 283 17.64 -34.01 -39.84
CA ASP A 283 18.85 -33.20 -39.88
C ASP A 283 19.15 -32.88 -41.34
N ARG A 284 18.39 -31.90 -41.84
CA ARG A 284 18.39 -31.39 -43.20
C ARG A 284 19.80 -30.96 -43.61
N GLY A 291 33.06 -19.69 -42.44
CA GLY A 291 34.24 -19.95 -41.63
C GLY A 291 33.97 -19.64 -40.17
N GLU A 292 34.16 -20.62 -39.30
CA GLU A 292 33.75 -20.47 -37.90
C GLU A 292 34.77 -19.67 -37.11
N GLY A 293 34.25 -18.95 -36.11
CA GLY A 293 35.02 -17.90 -35.46
C GLY A 293 36.04 -18.44 -34.46
N TYR A 294 37.20 -17.81 -34.45
CA TYR A 294 38.24 -18.10 -33.46
C TYR A 294 37.64 -18.10 -32.05
N THR A 295 38.09 -19.02 -31.20
CA THR A 295 37.57 -19.15 -29.83
C THR A 295 38.46 -18.53 -28.75
N SER A 296 39.74 -18.87 -28.70
CA SER A 296 40.60 -18.39 -27.62
C SER A 296 41.43 -17.18 -28.04
N ASP A 297 42.03 -16.51 -27.06
CA ASP A 297 42.90 -15.37 -27.35
C ASP A 297 44.14 -15.83 -28.12
N GLU A 298 44.75 -16.94 -27.67
CA GLU A 298 45.96 -17.47 -28.30
C GLU A 298 45.74 -17.82 -29.78
N GLU A 299 44.57 -18.42 -30.09
CA GLU A 299 44.22 -18.71 -31.47
C GLU A 299 44.32 -17.46 -32.34
N VAL A 300 43.51 -16.45 -32.04
CA VAL A 300 43.53 -15.15 -32.71
C VAL A 300 44.96 -14.64 -32.88
N LEU A 301 45.76 -14.72 -31.81
CA LEU A 301 47.11 -14.16 -31.87
C LEU A 301 48.01 -14.95 -32.81
N GLU A 302 47.99 -16.29 -32.72
CA GLU A 302 48.84 -17.02 -33.66
C GLU A 302 48.27 -16.95 -35.06
N VAL A 303 46.95 -16.82 -35.20
CA VAL A 303 46.40 -16.51 -36.53
C VAL A 303 47.00 -15.21 -37.04
N PHE A 304 46.93 -14.15 -36.24
CA PHE A 304 47.45 -12.85 -36.65
C PHE A 304 48.93 -12.93 -37.02
N ARG A 305 49.72 -13.62 -36.20
CA ARG A 305 51.16 -13.58 -36.38
C ARG A 305 51.58 -14.29 -37.67
N ASN A 306 51.06 -15.48 -37.90
CA ASN A 306 51.58 -16.32 -38.97
C ASN A 306 50.94 -16.06 -40.32
N THR A 307 49.89 -15.23 -40.39
CA THR A 307 49.30 -14.89 -41.67
C THR A 307 49.60 -13.47 -42.14
N LEU A 308 50.15 -12.60 -41.29
CA LEU A 308 50.46 -11.24 -41.72
C LEU A 308 51.92 -10.86 -41.52
N ASN A 309 52.79 -11.79 -41.11
CA ASN A 309 54.16 -11.34 -40.89
C ASN A 309 54.92 -11.30 -42.21
N LYS A 310 56.15 -10.77 -42.16
CA LYS A 310 56.88 -10.55 -43.40
C LYS A 310 57.22 -11.85 -44.12
N ASN A 311 57.25 -12.98 -43.41
CA ASN A 311 57.55 -14.27 -44.02
C ASN A 311 56.35 -14.92 -44.70
N SER A 312 55.13 -14.45 -44.44
CA SER A 312 53.95 -15.11 -44.95
C SER A 312 53.80 -14.87 -46.45
N GLU A 313 52.80 -15.52 -47.02
CA GLU A 313 52.51 -15.39 -48.44
C GLU A 313 51.77 -14.10 -48.75
N ILE A 314 50.90 -13.65 -47.83
CA ILE A 314 50.21 -12.37 -48.03
C ILE A 314 51.24 -11.26 -48.18
N PHE A 315 52.33 -11.36 -47.45
CA PHE A 315 53.33 -10.32 -47.59
C PHE A 315 54.11 -10.45 -48.90
N SER A 316 54.39 -11.70 -49.31
CA SER A 316 54.96 -11.97 -50.64
C SER A 316 54.04 -11.45 -51.73
N SER A 317 52.74 -11.73 -51.60
CA SER A 317 51.81 -11.24 -52.61
C SER A 317 51.83 -9.71 -52.71
N ILE A 318 51.98 -9.00 -51.60
CA ILE A 318 52.09 -7.53 -51.69
C ILE A 318 53.40 -7.12 -52.35
N LYS A 319 54.50 -7.80 -52.01
CA LYS A 319 55.78 -7.48 -52.63
C LYS A 319 55.76 -7.80 -54.12
N LYS A 320 55.00 -8.83 -54.53
CA LYS A 320 54.91 -9.19 -55.94
C LYS A 320 54.07 -8.19 -56.72
N LEU A 321 52.88 -7.88 -56.20
CA LEU A 321 52.04 -6.85 -56.80
C LEU A 321 52.76 -5.52 -56.89
N GLU A 322 53.67 -5.25 -55.94
CA GLU A 322 54.39 -3.99 -55.99
C GLU A 322 55.30 -3.92 -57.21
N LYS A 323 56.03 -4.99 -57.51
CA LYS A 323 56.88 -4.95 -58.69
C LYS A 323 56.05 -4.80 -59.96
N LEU A 324 54.89 -5.47 -60.02
CA LEU A 324 54.02 -5.32 -61.19
C LEU A 324 53.72 -3.85 -61.46
N PHE A 325 53.30 -3.10 -60.44
CA PHE A 325 52.97 -1.70 -60.69
C PHE A 325 54.22 -0.87 -60.99
N LYS A 326 55.38 -1.27 -60.44
CA LYS A 326 56.63 -0.60 -60.80
C LYS A 326 57.04 -0.90 -62.23
N ASN A 327 56.74 -2.09 -62.73
CA ASN A 327 56.99 -2.46 -64.12
C ASN A 327 55.75 -2.25 -64.96
N PHE A 328 55.01 -1.19 -64.66
CA PHE A 328 53.70 -1.01 -65.29
C PHE A 328 53.81 -0.68 -66.76
N ASP A 329 54.96 -0.26 -67.25
CA ASP A 329 55.09 0.12 -68.64
C ASP A 329 55.84 -0.89 -69.49
N GLU A 330 56.04 -2.09 -68.99
CA GLU A 330 56.43 -3.20 -69.86
C GLU A 330 55.21 -3.99 -70.31
N TYR A 331 54.01 -3.53 -69.98
CA TYR A 331 52.76 -4.17 -70.32
C TYR A 331 51.93 -3.30 -71.24
N SER A 332 50.95 -3.93 -71.91
CA SER A 332 50.06 -3.25 -72.85
C SER A 332 49.04 -2.39 -72.14
N SER A 333 49.14 -1.09 -72.34
CA SER A 333 48.15 -0.18 -71.77
C SER A 333 46.75 -0.43 -72.29
N ALA A 334 46.60 -1.10 -73.43
CA ALA A 334 45.25 -1.39 -73.91
C ALA A 334 44.64 -2.62 -73.25
N GLY A 335 45.48 -3.43 -72.58
CA GLY A 335 45.10 -4.68 -71.94
C GLY A 335 45.03 -4.71 -70.41
N ILE A 336 45.26 -3.58 -69.74
CA ILE A 336 45.05 -3.46 -68.29
C ILE A 336 43.80 -2.63 -68.09
N PHE A 337 42.89 -3.11 -67.23
CA PHE A 337 41.56 -2.53 -67.09
C PHE A 337 41.24 -2.25 -65.62
N VAL A 338 40.70 -1.07 -65.33
CA VAL A 338 40.27 -0.73 -63.98
C VAL A 338 38.76 -0.74 -63.96
N LYS A 339 38.19 -1.44 -62.98
CA LYS A 339 36.77 -1.73 -62.90
C LYS A 339 35.96 -0.47 -62.61
N ASN A 340 34.70 -0.49 -63.04
CA ASN A 340 33.80 0.65 -62.93
C ASN A 340 32.78 0.38 -61.83
N GLY A 341 32.82 1.20 -60.80
CA GLY A 341 31.90 1.13 -59.70
C GLY A 341 31.72 2.54 -59.19
N PRO A 342 31.01 2.72 -58.06
CA PRO A 342 31.06 4.02 -57.39
C PRO A 342 32.44 4.31 -56.80
N ALA A 343 33.22 3.27 -56.54
CA ALA A 343 34.59 3.38 -56.04
C ALA A 343 35.55 4.03 -57.04
N ILE A 344 35.12 4.24 -58.29
CA ILE A 344 36.01 4.81 -59.31
C ILE A 344 36.46 6.20 -58.91
N SER A 345 35.61 6.95 -58.22
CA SER A 345 35.94 8.35 -58.01
C SER A 345 37.11 8.49 -57.04
N THR A 346 37.29 7.49 -56.17
CA THR A 346 38.52 7.41 -55.39
C THR A 346 39.71 7.26 -56.31
N ILE A 347 39.59 6.40 -57.34
CA ILE A 347 40.65 6.21 -58.32
C ILE A 347 40.88 7.48 -59.12
N SER A 348 39.82 8.21 -59.45
CA SER A 348 39.98 9.38 -60.30
C SER A 348 40.85 10.44 -59.63
N LYS A 349 40.58 10.73 -58.35
CA LYS A 349 41.33 11.77 -57.66
C LYS A 349 42.76 11.36 -57.34
N ASP A 350 43.01 10.06 -57.15
CA ASP A 350 44.36 9.62 -56.90
C ASP A 350 45.29 9.96 -58.05
N ILE A 351 44.80 9.77 -59.30
CA ILE A 351 45.63 9.99 -60.48
C ILE A 351 45.60 11.45 -60.91
N PHE A 352 44.40 12.06 -60.96
CA PHE A 352 44.24 13.37 -61.57
C PHE A 352 44.16 14.51 -60.57
N GLY A 353 43.91 14.22 -59.30
CA GLY A 353 43.75 15.23 -58.29
C GLY A 353 42.34 15.70 -58.01
N GLU A 354 41.33 15.19 -58.71
CA GLU A 354 39.96 15.37 -58.24
C GLU A 354 39.05 14.22 -58.72
N TRP A 355 37.88 14.10 -58.07
CA TRP A 355 37.07 12.88 -58.04
C TRP A 355 36.38 12.59 -59.36
N ASN A 356 35.90 13.63 -59.99
CA ASN A 356 35.05 13.59 -61.18
C ASN A 356 35.71 14.16 -62.45
N VAL A 357 37.04 14.17 -62.49
CA VAL A 357 37.75 14.22 -63.77
C VAL A 357 37.36 13.03 -64.65
N ILE A 358 37.35 11.82 -64.09
CA ILE A 358 37.13 10.60 -64.89
C ILE A 358 35.72 10.54 -65.47
N ARG A 359 34.72 10.89 -64.68
CA ARG A 359 33.37 10.90 -65.21
C ARG A 359 33.16 12.10 -66.14
N ASP A 360 33.77 13.25 -65.86
CA ASP A 360 33.57 14.40 -66.73
C ASP A 360 34.17 14.17 -68.12
N LYS A 361 35.39 13.60 -68.18
CA LYS A 361 36.04 13.36 -69.47
C LYS A 361 35.41 12.20 -70.21
N TRP A 362 34.75 11.26 -69.50
CA TRP A 362 34.01 10.22 -70.22
C TRP A 362 32.87 10.82 -71.04
N ASN A 363 32.14 11.80 -70.49
CA ASN A 363 31.04 12.39 -71.24
C ASN A 363 31.50 13.33 -72.34
N ALA A 364 32.55 14.12 -72.11
CA ALA A 364 32.96 15.08 -73.14
C ALA A 364 33.24 14.36 -74.44
N GLU A 365 34.00 13.26 -74.36
CA GLU A 365 34.12 12.34 -75.48
C GLU A 365 32.81 11.63 -75.80
N TYR A 366 32.02 11.24 -74.79
CA TYR A 366 30.77 10.53 -75.09
C TYR A 366 29.77 11.46 -75.80
N ASP A 367 29.60 12.71 -75.33
CA ASP A 367 28.61 13.60 -75.92
C ASP A 367 28.97 13.96 -77.35
N ASP A 368 30.28 14.22 -77.54
CA ASP A 368 30.97 14.44 -78.81
C ASP A 368 30.24 14.01 -80.10
N ILE A 369 29.82 12.74 -80.22
CA ILE A 369 29.08 12.29 -81.41
C ILE A 369 27.68 11.81 -81.02
N HIS A 370 27.44 11.51 -79.73
CA HIS A 370 26.24 10.83 -79.30
C HIS A 370 25.25 11.76 -78.60
N LEU A 371 25.54 13.06 -78.52
CA LEU A 371 24.54 14.06 -78.17
C LEU A 371 24.34 14.93 -79.40
N LYS A 372 23.08 15.12 -79.81
CA LYS A 372 22.76 15.81 -81.06
C LYS A 372 22.73 17.33 -80.86
N LYS A 373 23.01 18.06 -81.96
CA LYS A 373 23.37 19.49 -81.86
C LYS A 373 22.18 20.42 -81.48
N LYS A 374 20.98 20.20 -82.05
CA LYS A 374 19.66 20.56 -81.45
C LYS A 374 19.75 20.85 -79.96
N ALA A 375 19.96 19.76 -79.27
CA ALA A 375 19.67 19.55 -77.87
C ALA A 375 20.73 20.19 -77.01
N VAL A 376 21.97 20.11 -77.47
CA VAL A 376 23.14 20.68 -76.81
C VAL A 376 23.27 20.14 -75.39
N VAL A 377 22.21 20.31 -74.56
CA VAL A 377 22.01 19.78 -73.19
C VAL A 377 20.61 19.54 -72.70
N THR A 378 19.87 18.80 -73.47
CA THR A 378 18.58 18.46 -72.92
C THR A 378 18.75 17.51 -71.73
N GLU A 379 17.77 17.61 -70.85
CA GLU A 379 17.64 16.71 -69.72
C GLU A 379 17.50 15.25 -70.18
N LYS A 380 17.05 15.01 -71.43
CA LYS A 380 17.04 13.66 -71.99
C LYS A 380 18.36 12.95 -71.71
N TYR A 381 19.46 13.64 -72.02
CA TYR A 381 20.81 13.12 -71.90
C TYR A 381 21.24 12.79 -70.46
N GLU A 382 20.95 13.67 -69.46
CA GLU A 382 21.22 13.31 -68.05
C GLU A 382 20.81 11.87 -67.78
N ASP A 383 19.61 11.48 -68.22
CA ASP A 383 19.05 10.17 -67.87
C ASP A 383 20.04 9.08 -68.27
N ASP A 384 20.34 9.05 -69.57
CA ASP A 384 21.11 7.97 -70.16
C ASP A 384 22.62 8.23 -70.18
N ARG A 385 23.07 9.49 -70.09
CA ARG A 385 24.50 9.66 -69.82
C ARG A 385 24.82 9.25 -68.39
N ARG A 386 23.86 9.39 -67.46
CA ARG A 386 24.07 8.80 -66.14
C ARG A 386 23.90 7.29 -66.20
N LYS A 387 23.06 6.78 -67.11
CA LYS A 387 22.87 5.34 -67.16
C LYS A 387 23.87 4.65 -68.10
N SER A 388 24.35 5.35 -69.13
CA SER A 388 25.33 4.68 -69.97
C SER A 388 26.67 4.61 -69.27
N PHE A 389 26.88 5.46 -68.27
CA PHE A 389 28.08 5.37 -67.45
C PHE A 389 28.15 4.09 -66.64
N LYS A 390 27.03 3.64 -66.08
CA LYS A 390 27.05 2.55 -65.10
C LYS A 390 26.98 1.15 -65.70
N LYS A 391 26.66 1.00 -66.99
CA LYS A 391 26.80 -0.32 -67.59
C LYS A 391 28.16 -0.51 -68.26
N ILE A 392 28.87 0.57 -68.58
CA ILE A 392 30.29 0.43 -68.92
C ILE A 392 30.95 -0.30 -67.76
N GLY A 393 31.58 -1.43 -68.05
CA GLY A 393 32.09 -2.29 -67.00
C GLY A 393 33.51 -2.03 -66.53
N SER A 394 34.35 -1.42 -67.38
CA SER A 394 35.72 -1.15 -66.99
C SER A 394 36.26 -0.01 -67.83
N PHE A 395 37.46 0.45 -67.45
CA PHE A 395 38.23 1.46 -68.19
C PHE A 395 39.65 0.93 -68.39
N SER A 396 40.09 0.87 -69.65
CA SER A 396 41.49 0.55 -69.91
C SER A 396 42.41 1.68 -69.43
N LEU A 397 43.69 1.33 -69.19
CA LEU A 397 44.66 2.38 -68.93
C LEU A 397 44.91 3.24 -70.16
N GLU A 398 44.50 2.78 -71.34
CA GLU A 398 44.60 3.64 -72.51
C GLU A 398 43.45 4.64 -72.52
N GLN A 399 42.30 4.27 -71.95
CA GLN A 399 41.30 5.30 -71.81
C GLN A 399 41.73 6.35 -70.81
N LEU A 400 42.38 5.90 -69.73
CA LEU A 400 42.68 6.86 -68.69
C LEU A 400 43.71 7.85 -69.19
N GLN A 401 44.68 7.38 -69.98
CA GLN A 401 45.75 8.27 -70.40
C GLN A 401 45.28 9.26 -71.45
N GLU A 402 44.28 8.91 -72.26
CA GLU A 402 43.67 9.91 -73.14
C GLU A 402 42.93 10.97 -72.34
N TYR A 403 42.48 10.63 -71.13
CA TYR A 403 41.96 11.67 -70.25
C TYR A 403 43.04 12.63 -69.76
N ALA A 404 44.31 12.23 -69.77
CA ALA A 404 45.38 13.07 -69.23
C ALA A 404 46.00 13.98 -70.29
N ASP A 405 46.53 15.12 -69.82
CA ASP A 405 47.36 16.03 -70.60
C ASP A 405 48.85 15.85 -70.26
N ALA A 406 49.69 16.13 -71.25
CA ALA A 406 51.14 16.13 -71.04
C ALA A 406 51.53 17.06 -69.90
N ASP A 407 52.56 16.66 -69.14
CA ASP A 407 53.17 15.35 -69.27
C ASP A 407 52.87 14.55 -67.99
N LEU A 408 51.58 14.54 -67.61
CA LEU A 408 51.06 13.60 -66.62
C LEU A 408 50.92 12.22 -67.25
N SER A 409 51.75 11.26 -66.82
CA SER A 409 51.68 9.88 -67.28
C SER A 409 50.95 9.06 -66.22
N VAL A 410 49.71 8.64 -66.54
CA VAL A 410 48.85 7.93 -65.58
C VAL A 410 49.56 6.68 -65.09
N VAL A 411 50.38 6.09 -65.94
CA VAL A 411 51.04 4.86 -65.55
C VAL A 411 52.21 5.13 -64.61
N GLU A 412 52.78 6.34 -64.61
CA GLU A 412 53.71 6.58 -63.51
C GLU A 412 53.07 7.10 -62.22
N LYS A 413 51.95 7.77 -62.34
CA LYS A 413 51.23 8.11 -61.12
C LYS A 413 50.82 6.85 -60.38
N LEU A 414 50.28 5.83 -61.07
CA LEU A 414 49.87 4.62 -60.37
C LEU A 414 51.05 3.82 -59.84
N LYS A 415 52.19 3.92 -60.51
CA LYS A 415 53.44 3.43 -59.93
C LYS A 415 53.71 4.07 -58.57
N GLU A 416 53.53 5.38 -58.45
CA GLU A 416 53.87 6.10 -57.23
C GLU A 416 52.82 5.95 -56.13
N ILE A 417 51.54 5.81 -56.50
CA ILE A 417 50.47 5.70 -55.50
C ILE A 417 50.56 4.37 -54.77
N ILE A 418 50.86 3.29 -55.49
CA ILE A 418 50.91 1.99 -54.84
C ILE A 418 52.16 1.89 -53.98
N ILE A 419 53.29 2.43 -54.45
CA ILE A 419 54.52 2.35 -53.67
C ILE A 419 54.40 3.21 -52.41
N GLN A 420 53.77 4.38 -52.51
CA GLN A 420 53.45 5.13 -51.30
C GLN A 420 52.48 4.35 -50.43
N LYS A 421 51.70 3.45 -51.02
CA LYS A 421 50.75 2.65 -50.27
C LYS A 421 51.37 1.39 -49.69
N VAL A 422 52.39 0.83 -50.36
CA VAL A 422 53.07 -0.34 -49.82
C VAL A 422 54.05 0.08 -48.74
N ASP A 423 54.60 1.28 -48.87
CA ASP A 423 55.48 1.81 -47.85
C ASP A 423 54.73 2.19 -46.58
N GLU A 424 53.41 2.42 -46.64
CA GLU A 424 52.68 2.66 -45.40
C GLU A 424 52.41 1.36 -44.66
N ILE A 425 52.07 0.30 -45.40
CA ILE A 425 51.89 -1.01 -44.77
C ILE A 425 53.16 -1.39 -44.03
N TYR A 426 54.31 -1.06 -44.64
CA TYR A 426 55.61 -1.32 -44.02
C TYR A 426 55.90 -0.40 -42.83
N LYS A 427 55.43 0.86 -42.86
CA LYS A 427 55.62 1.69 -41.67
C LYS A 427 54.68 1.29 -40.54
N VAL A 428 53.52 0.72 -40.86
CA VAL A 428 52.67 0.18 -39.81
C VAL A 428 53.25 -1.12 -39.26
N TYR A 429 54.04 -1.84 -40.06
CA TYR A 429 54.60 -3.08 -39.56
C TYR A 429 55.67 -2.82 -38.51
N GLY A 430 56.34 -1.67 -38.59
CA GLY A 430 57.25 -1.29 -37.52
C GLY A 430 56.50 -1.03 -36.22
N SER A 431 55.47 -0.17 -36.29
CA SER A 431 54.59 0.11 -35.16
C SER A 431 54.06 -1.17 -34.53
N SER A 432 54.02 -2.28 -35.27
CA SER A 432 53.40 -3.51 -34.81
C SER A 432 54.39 -4.66 -34.63
N GLU A 433 55.70 -4.44 -34.74
CA GLU A 433 56.60 -5.58 -34.88
C GLU A 433 56.67 -6.38 -33.59
N LYS A 434 56.38 -5.74 -32.45
CA LYS A 434 56.42 -6.39 -31.16
C LYS A 434 55.31 -7.42 -30.99
N LEU A 435 54.28 -7.37 -31.84
CA LEU A 435 53.25 -8.40 -31.89
C LEU A 435 53.75 -9.69 -32.52
N PHE A 436 54.77 -9.61 -33.37
CA PHE A 436 55.25 -10.74 -34.15
C PHE A 436 56.29 -11.60 -33.45
N ASP A 437 56.84 -11.14 -32.32
CA ASP A 437 57.90 -11.86 -31.63
C ASP A 437 57.44 -13.23 -31.15
N ALA A 438 58.38 -14.17 -31.05
CA ALA A 438 58.07 -15.45 -30.42
C ALA A 438 57.91 -15.29 -28.91
N ASP A 439 58.76 -14.46 -28.30
CA ASP A 439 58.68 -14.21 -26.86
C ASP A 439 57.40 -13.47 -26.45
N PHE A 440 56.67 -12.86 -27.38
CA PHE A 440 55.61 -11.93 -27.00
C PHE A 440 54.53 -12.64 -26.20
N VAL A 441 54.25 -12.11 -25.00
CA VAL A 441 53.22 -12.61 -24.12
C VAL A 441 52.17 -11.53 -23.94
N LEU A 442 50.90 -11.89 -24.07
CA LEU A 442 49.81 -10.91 -23.89
C LEU A 442 49.68 -10.54 -22.43
N GLU A 443 49.84 -9.25 -22.11
CA GLU A 443 49.67 -8.82 -20.72
C GLU A 443 48.21 -8.89 -20.28
N LYS A 444 47.27 -8.67 -21.20
CA LYS A 444 45.86 -8.64 -20.83
C LYS A 444 45.07 -9.35 -21.90
N SER A 445 43.86 -9.77 -21.54
CA SER A 445 42.98 -10.42 -22.50
C SER A 445 42.67 -9.49 -23.66
N LEU A 446 42.53 -10.09 -24.84
CA LEU A 446 42.48 -9.30 -26.06
C LEU A 446 41.30 -8.35 -26.09
N LYS A 447 40.11 -8.80 -25.66
CA LYS A 447 38.93 -7.95 -25.83
C LYS A 447 38.98 -6.74 -24.91
N LYS A 448 39.58 -6.88 -23.75
CA LYS A 448 39.80 -5.73 -22.88
C LYS A 448 41.14 -5.07 -23.13
N ASN A 449 42.02 -5.69 -23.93
CA ASN A 449 43.30 -5.07 -24.29
C ASN A 449 43.08 -4.13 -25.47
N ASP A 450 42.80 -2.86 -25.19
CA ASP A 450 42.52 -1.95 -26.30
C ASP A 450 43.79 -1.59 -27.04
N ALA A 451 44.94 -1.71 -26.38
CA ALA A 451 46.19 -1.32 -27.01
C ALA A 451 46.61 -2.34 -28.07
N VAL A 452 46.47 -3.63 -27.78
CA VAL A 452 46.97 -4.63 -28.71
C VAL A 452 46.01 -4.78 -29.90
N VAL A 453 44.71 -4.64 -29.66
CA VAL A 453 43.77 -4.69 -30.78
C VAL A 453 43.95 -3.49 -31.69
N ALA A 454 44.24 -2.33 -31.13
CA ALA A 454 44.50 -1.16 -31.95
C ALA A 454 45.67 -1.39 -32.89
N ILE A 455 46.61 -2.25 -32.49
CA ILE A 455 47.76 -2.51 -33.33
C ILE A 455 47.39 -3.40 -34.51
N MET A 456 46.58 -4.43 -34.27
CA MET A 456 46.12 -5.31 -35.35
C MET A 456 45.29 -4.53 -36.35
N LYS A 457 44.35 -3.72 -35.86
CA LYS A 457 43.45 -3.03 -36.78
C LYS A 457 44.23 -2.08 -37.68
N ASP A 458 45.27 -1.44 -37.14
CA ASP A 458 46.09 -0.59 -38.00
C ASP A 458 46.73 -1.42 -39.11
N LEU A 459 47.15 -2.65 -38.78
CA LEU A 459 47.78 -3.47 -39.81
C LEU A 459 46.75 -4.04 -40.76
N LEU A 460 45.68 -4.65 -40.22
CA LEU A 460 44.64 -5.20 -41.08
C LEU A 460 43.93 -4.10 -41.86
N ASP A 461 43.95 -2.86 -41.37
CA ASP A 461 43.36 -1.80 -42.16
C ASP A 461 44.27 -1.43 -43.32
N SER A 462 45.56 -1.27 -43.08
CA SER A 462 46.45 -0.88 -44.17
C SER A 462 46.51 -1.96 -45.25
N VAL A 463 46.46 -3.23 -44.85
CA VAL A 463 46.46 -4.33 -45.81
C VAL A 463 45.15 -4.33 -46.57
N LYS A 464 44.05 -4.08 -45.87
CA LYS A 464 42.78 -3.91 -46.55
C LYS A 464 42.74 -2.66 -47.43
N SER A 465 43.26 -1.51 -46.99
CA SER A 465 43.25 -0.38 -47.94
C SER A 465 43.90 -0.76 -49.27
N PHE A 466 45.03 -1.46 -49.18
CA PHE A 466 45.81 -1.80 -50.36
C PHE A 466 45.10 -2.87 -51.17
N GLU A 467 44.49 -3.85 -50.49
CA GLU A 467 43.80 -4.92 -51.20
C GLU A 467 42.58 -4.42 -51.94
N ASN A 468 41.77 -3.57 -51.29
CA ASN A 468 40.60 -3.06 -51.98
C ASN A 468 41.00 -2.14 -53.12
N TYR A 469 42.19 -1.54 -53.01
CA TYR A 469 42.72 -0.74 -54.11
C TYR A 469 43.09 -1.63 -55.30
N ILE A 470 43.78 -2.73 -55.02
CA ILE A 470 44.16 -3.67 -56.05
C ILE A 470 42.93 -4.29 -56.69
N LYS A 471 41.85 -4.47 -55.91
CA LYS A 471 40.63 -5.07 -56.43
C LYS A 471 40.19 -4.35 -57.71
N ALA A 472 40.34 -3.02 -57.73
CA ALA A 472 39.87 -2.24 -58.87
C ALA A 472 40.56 -2.64 -60.15
N PHE A 473 41.77 -3.17 -60.06
CA PHE A 473 42.53 -3.42 -61.27
C PHE A 473 42.20 -4.75 -61.92
N PHE A 474 41.24 -5.49 -61.39
CA PHE A 474 40.79 -6.71 -62.07
C PHE A 474 39.94 -6.37 -63.29
N GLY A 475 38.91 -5.53 -63.13
CA GLY A 475 38.13 -5.04 -64.24
C GLY A 475 37.02 -5.96 -64.73
N GLU A 476 36.63 -6.97 -63.95
CA GLU A 476 35.51 -7.88 -64.19
C GLU A 476 35.59 -8.65 -65.51
N GLY A 477 36.74 -8.63 -66.19
CA GLY A 477 36.84 -9.15 -67.55
C GLY A 477 37.36 -10.58 -67.62
N LYS A 478 36.87 -11.38 -68.57
CA LYS A 478 35.73 -11.16 -69.47
C LYS A 478 35.87 -9.93 -70.33
N GLU A 479 37.10 -9.60 -70.68
CA GLU A 479 37.41 -8.48 -71.56
C GLU A 479 38.32 -8.94 -72.67
N THR A 480 38.13 -8.34 -73.85
CA THR A 480 38.49 -9.02 -75.09
C THR A 480 40.00 -9.26 -75.18
N ASN A 481 40.82 -8.30 -74.77
CA ASN A 481 42.24 -8.48 -74.95
C ASN A 481 42.98 -7.99 -73.72
N ARG A 482 42.81 -8.74 -72.63
CA ARG A 482 43.60 -8.52 -71.45
C ARG A 482 45.03 -8.98 -71.71
N ASP A 483 45.99 -8.26 -71.17
CA ASP A 483 47.41 -8.59 -71.30
C ASP A 483 47.71 -9.67 -70.28
N GLU A 484 47.57 -10.94 -70.69
CA GLU A 484 47.62 -12.05 -69.73
C GLU A 484 49.04 -12.37 -69.26
N SER A 485 50.06 -11.65 -69.74
CA SER A 485 51.32 -11.56 -69.02
C SER A 485 51.13 -10.88 -67.67
N PHE A 486 50.57 -9.67 -67.69
CA PHE A 486 50.30 -8.94 -66.45
C PHE A 486 49.28 -9.66 -65.60
N TYR A 487 48.14 -10.02 -66.19
CA TYR A 487 47.06 -10.56 -65.38
C TYR A 487 47.34 -11.96 -64.89
N GLY A 488 48.28 -12.66 -65.54
CA GLY A 488 48.64 -14.00 -65.06
C GLY A 488 49.25 -13.96 -63.67
N ASP A 489 50.28 -13.13 -63.50
CA ASP A 489 50.90 -12.98 -62.19
C ASP A 489 49.98 -12.22 -61.25
N PHE A 490 49.27 -11.22 -61.76
CA PHE A 490 48.37 -10.43 -60.93
C PHE A 490 47.34 -11.32 -60.21
N VAL A 491 46.61 -12.15 -60.94
CA VAL A 491 45.56 -12.96 -60.32
C VAL A 491 46.17 -13.89 -59.28
N LEU A 492 47.39 -14.39 -59.53
CA LEU A 492 48.06 -15.21 -58.52
C LEU A 492 48.26 -14.41 -57.24
N ALA A 493 48.95 -13.27 -57.33
CA ALA A 493 49.16 -12.42 -56.15
C ALA A 493 47.84 -11.93 -55.56
N TYR A 494 46.87 -11.56 -56.41
CA TYR A 494 45.58 -11.09 -55.91
C TYR A 494 44.76 -12.20 -55.26
N ASP A 495 44.81 -13.43 -55.82
CA ASP A 495 44.03 -14.51 -55.22
C ASP A 495 44.53 -14.89 -53.84
N ILE A 496 45.79 -14.61 -53.56
CA ILE A 496 46.31 -14.80 -52.21
C ILE A 496 46.02 -13.59 -51.34
N LEU A 497 46.28 -12.39 -51.87
CA LEU A 497 45.88 -11.16 -51.19
C LEU A 497 44.43 -11.18 -50.75
N LEU A 498 43.56 -11.89 -51.47
CA LEU A 498 42.17 -11.98 -51.03
C LEU A 498 42.03 -12.71 -49.71
N LYS A 499 43.07 -13.42 -49.25
CA LYS A 499 42.90 -14.21 -48.04
C LYS A 499 42.63 -13.34 -46.82
N VAL A 500 43.03 -12.06 -46.84
CA VAL A 500 42.85 -11.21 -45.68
C VAL A 500 41.40 -10.97 -45.36
N ASP A 501 40.48 -11.14 -46.33
CA ASP A 501 39.09 -10.81 -46.08
C ASP A 501 38.41 -11.78 -45.13
N HIS A 502 38.92 -13.00 -44.97
CA HIS A 502 38.36 -13.84 -43.92
C HIS A 502 39.01 -13.55 -42.57
N ILE A 503 40.34 -13.44 -42.54
CA ILE A 503 41.05 -13.09 -41.31
C ILE A 503 40.58 -11.74 -40.77
N TYR A 504 40.34 -10.77 -41.66
CA TYR A 504 39.86 -9.48 -41.21
C TYR A 504 38.53 -9.63 -40.46
N ASP A 505 37.58 -10.39 -41.04
CA ASP A 505 36.25 -10.49 -40.44
C ASP A 505 36.25 -11.44 -39.26
N ALA A 506 37.11 -12.46 -39.29
CA ALA A 506 37.14 -13.41 -38.20
C ALA A 506 37.77 -12.80 -36.95
N ILE A 507 38.83 -12.02 -37.13
CA ILE A 507 39.47 -11.33 -36.01
C ILE A 507 38.54 -10.26 -35.45
N ARG A 508 37.87 -9.49 -36.33
CA ARG A 508 36.97 -8.43 -35.85
C ARG A 508 35.80 -9.02 -35.08
N ASN A 509 35.27 -10.16 -35.52
CA ASN A 509 34.15 -10.78 -34.81
C ASN A 509 34.56 -11.26 -33.42
N TYR A 510 35.79 -11.73 -33.23
CA TYR A 510 36.22 -12.12 -31.89
C TYR A 510 36.34 -10.90 -30.98
N VAL A 511 37.00 -9.85 -31.47
CA VAL A 511 37.26 -8.69 -30.64
C VAL A 511 35.97 -7.97 -30.27
N THR A 512 34.93 -8.03 -31.11
CA THR A 512 33.69 -7.33 -30.81
C THR A 512 32.63 -8.25 -30.22
N GLN A 513 33.01 -9.39 -29.66
CA GLN A 513 32.04 -10.18 -28.93
C GLN A 513 31.91 -9.60 -27.54
N LYS A 514 30.75 -9.81 -26.93
CA LYS A 514 30.58 -9.36 -25.56
C LYS A 514 31.67 -10.00 -24.71
N PRO A 515 32.34 -9.24 -23.84
CA PRO A 515 33.51 -9.80 -23.15
C PRO A 515 33.17 -10.92 -22.20
N TYR A 516 32.05 -10.81 -21.50
CA TYR A 516 31.57 -11.84 -20.59
C TYR A 516 30.66 -12.86 -21.29
N SER A 517 30.54 -14.01 -20.64
CA SER A 517 29.71 -15.11 -21.09
C SER A 517 28.76 -15.55 -19.97
N LYS A 518 27.65 -16.16 -20.37
CA LYS A 518 26.69 -16.73 -19.43
C LYS A 518 26.56 -18.23 -19.59
N ASP A 519 27.53 -18.88 -20.22
CA ASP A 519 27.51 -20.34 -20.31
C ASP A 519 27.57 -20.95 -18.93
N LYS A 520 26.81 -22.01 -18.73
CA LYS A 520 26.76 -22.67 -17.44
C LYS A 520 26.36 -24.12 -17.69
N PHE A 521 26.72 -25.00 -16.76
CA PHE A 521 26.34 -26.41 -16.85
C PHE A 521 25.60 -26.87 -15.61
N LYS A 522 24.71 -27.86 -15.81
CA LYS A 522 23.91 -28.41 -14.72
C LYS A 522 24.78 -29.22 -13.77
N LEU A 523 24.45 -29.18 -12.49
CA LEU A 523 25.14 -29.97 -11.50
C LEU A 523 24.23 -31.09 -11.01
N TYR A 524 24.80 -32.28 -10.79
CA TYR A 524 24.07 -33.43 -10.26
C TYR A 524 24.55 -33.93 -8.91
N PHE A 525 25.78 -33.59 -8.49
CA PHE A 525 26.40 -34.15 -7.28
C PHE A 525 26.26 -35.67 -7.26
N GLN A 526 26.58 -36.29 -8.40
CA GLN A 526 26.55 -37.74 -8.58
C GLN A 526 25.19 -38.33 -8.22
N ASN A 527 24.11 -37.72 -8.72
CA ASN A 527 22.74 -38.21 -8.47
C ASN A 527 21.88 -37.96 -9.70
N PRO A 528 21.43 -39.00 -10.40
CA PRO A 528 20.67 -38.79 -11.64
C PRO A 528 19.32 -38.13 -11.44
N GLN A 529 18.76 -38.11 -10.22
CA GLN A 529 17.50 -37.41 -9.94
C GLN A 529 17.71 -36.33 -8.90
N PHE A 530 18.87 -35.67 -8.96
CA PHE A 530 19.28 -34.74 -7.91
C PHE A 530 18.27 -33.60 -7.71
N MET A 531 17.97 -33.33 -6.43
CA MET A 531 17.16 -32.18 -6.04
C MET A 531 15.84 -32.16 -6.81
N GLY A 532 15.27 -33.36 -7.03
CA GLY A 532 14.05 -33.47 -7.79
C GLY A 532 12.80 -32.98 -7.09
N GLY A 533 12.76 -33.09 -5.75
CA GLY A 533 11.59 -32.71 -4.98
C GLY A 533 11.98 -32.26 -3.59
N TRP A 534 10.99 -31.85 -2.79
CA TRP A 534 11.29 -31.34 -1.45
C TRP A 534 10.68 -32.16 -0.32
N ASP A 535 9.91 -33.20 -0.61
CA ASP A 535 9.21 -33.93 0.44
C ASP A 535 10.22 -34.50 1.43
N LYS A 536 9.80 -34.59 2.69
CA LYS A 536 10.69 -35.15 3.70
C LYS A 536 11.05 -36.60 3.42
N ASP A 537 10.12 -37.35 2.82
CA ASP A 537 10.38 -38.77 2.55
C ASP A 537 11.54 -38.96 1.58
N LYS A 538 11.78 -37.96 0.73
CA LYS A 538 12.72 -38.17 -0.36
C LYS A 538 14.00 -37.38 -0.23
N GLU A 539 14.22 -36.73 0.92
CA GLU A 539 15.48 -36.02 1.15
C GLU A 539 16.66 -36.91 0.85
N THR A 540 16.64 -38.16 1.37
CA THR A 540 17.74 -39.10 1.13
C THR A 540 17.81 -39.55 -0.32
N ASP A 541 16.65 -39.64 -0.99
CA ASP A 541 16.67 -40.01 -2.40
C ASP A 541 17.18 -38.88 -3.28
N TYR A 542 16.79 -37.64 -2.99
CA TYR A 542 17.22 -36.50 -3.80
C TYR A 542 18.51 -35.86 -3.29
N ARG A 543 18.84 -36.09 -2.02
CA ARG A 543 20.07 -35.60 -1.39
C ARG A 543 20.20 -34.07 -1.41
N ALA A 544 19.08 -33.35 -1.41
CA ALA A 544 19.14 -31.89 -1.30
C ALA A 544 17.98 -31.40 -0.44
N THR A 545 18.24 -30.33 0.31
CA THR A 545 17.20 -29.76 1.16
C THR A 545 17.55 -28.33 1.54
N ILE A 546 16.60 -27.67 2.19
CA ILE A 546 16.64 -26.24 2.51
C ILE A 546 16.74 -26.03 4.02
N LEU A 547 17.76 -25.29 4.47
CA LEU A 547 17.87 -24.92 5.89
C LEU A 547 17.77 -23.40 6.02
N ARG A 548 17.58 -22.93 7.25
CA ARG A 548 17.60 -21.49 7.44
C ARG A 548 18.17 -21.16 8.81
N TYR A 549 18.87 -20.03 8.88
CA TYR A 549 19.39 -19.49 10.13
C TYR A 549 18.80 -18.10 10.30
N GLY A 550 17.68 -18.01 11.02
CA GLY A 550 16.97 -16.75 11.02
C GLY A 550 16.50 -16.42 9.61
N SER A 551 16.79 -15.20 9.16
CA SER A 551 16.29 -14.74 7.87
C SER A 551 17.12 -15.24 6.70
N LYS A 552 18.25 -15.91 6.94
CA LYS A 552 19.13 -16.40 5.89
C LYS A 552 18.83 -17.87 5.60
N TYR A 553 18.70 -18.21 4.32
CA TYR A 553 18.36 -19.56 3.86
C TYR A 553 19.52 -20.25 3.13
N TYR A 554 19.58 -21.59 3.30
CA TYR A 554 20.66 -22.41 2.76
C TYR A 554 20.13 -23.58 1.93
N LEU A 555 20.84 -23.87 0.84
CA LEU A 555 20.68 -25.12 0.14
C LEU A 555 21.70 -26.07 0.73
N ALA A 556 21.22 -27.20 1.28
CA ALA A 556 22.05 -28.20 1.93
C ALA A 556 22.01 -29.46 1.09
N ILE A 557 23.20 -29.91 0.65
CA ILE A 557 23.33 -31.06 -0.26
C ILE A 557 24.12 -32.16 0.42
N MET A 558 23.55 -33.38 0.43
CA MET A 558 24.18 -34.55 1.04
C MET A 558 25.10 -35.22 0.05
N ASP A 559 26.34 -35.45 0.47
CA ASP A 559 27.28 -36.21 -0.35
C ASP A 559 26.74 -37.61 -0.58
N LYS A 560 27.07 -38.18 -1.74
CA LYS A 560 26.56 -39.50 -2.11
C LYS A 560 26.87 -40.58 -1.07
N LYS A 561 27.99 -40.45 -0.35
CA LYS A 561 28.36 -41.45 0.65
C LYS A 561 27.58 -41.32 1.97
N TYR A 562 26.91 -40.18 2.24
CA TYR A 562 26.24 -39.92 3.53
C TYR A 562 24.84 -39.34 3.32
N ALA A 563 23.94 -40.13 2.71
CA ALA A 563 22.61 -39.62 2.39
C ALA A 563 21.80 -39.34 3.64
N LYS A 564 22.10 -40.05 4.73
CA LYS A 564 21.32 -39.88 5.96
C LYS A 564 21.99 -38.93 6.95
N CYS A 565 23.05 -38.23 6.55
CA CYS A 565 23.81 -37.43 7.49
C CYS A 565 23.01 -36.29 8.15
N LEU A 566 21.88 -35.87 7.58
CA LEU A 566 21.00 -34.88 8.21
C LEU A 566 19.83 -35.50 8.96
N GLN A 567 19.75 -36.85 9.01
CA GLN A 567 18.48 -37.51 9.29
C GLN A 567 18.07 -37.45 10.75
N LYS A 568 18.99 -37.71 11.68
CA LYS A 568 18.59 -37.62 13.09
C LYS A 568 19.53 -36.65 13.79
N ILE A 569 19.07 -35.41 13.78
CA ILE A 569 19.68 -34.24 14.38
C ILE A 569 18.52 -33.50 15.03
N ASP A 570 18.71 -33.06 16.27
CA ASP A 570 17.71 -32.17 16.87
C ASP A 570 18.37 -31.45 18.03
N LYS A 571 17.85 -30.26 18.28
CA LYS A 571 18.17 -29.50 19.48
C LYS A 571 16.89 -28.79 19.89
N ASP A 572 16.88 -28.48 21.17
CA ASP A 572 15.70 -28.18 21.96
C ASP A 572 15.39 -26.69 21.91
N ASP A 573 16.44 -25.88 21.74
CA ASP A 573 16.43 -24.44 21.51
C ASP A 573 16.98 -24.15 20.13
N VAL A 574 16.30 -23.31 19.35
CA VAL A 574 16.78 -22.85 18.04
C VAL A 574 17.79 -21.71 18.16
N ASN A 575 18.02 -21.16 19.36
CA ASN A 575 18.89 -20.00 19.51
C ASN A 575 20.32 -20.23 19.02
N GLY A 576 20.76 -21.45 18.84
CA GLY A 576 22.10 -21.57 18.32
C GLY A 576 22.08 -22.47 17.12
N ASN A 577 20.95 -22.55 16.43
CA ASN A 577 20.72 -23.67 15.55
C ASN A 577 20.06 -23.26 14.24
N TYR A 578 20.17 -24.15 13.26
CA TYR A 578 19.42 -24.05 12.02
C TYR A 578 18.00 -24.56 12.19
N GLU A 579 17.20 -24.36 11.17
CA GLU A 579 15.94 -25.08 11.04
C GLU A 579 15.92 -25.74 9.67
N LYS A 580 15.54 -27.02 9.64
CA LYS A 580 15.41 -27.77 8.41
C LYS A 580 13.94 -27.82 8.00
N ILE A 581 13.68 -27.66 6.71
CA ILE A 581 12.30 -27.58 6.25
C ILE A 581 11.66 -28.95 6.39
N ASN A 582 10.38 -28.96 6.78
CA ASN A 582 9.54 -30.16 6.75
C ASN A 582 8.45 -29.94 5.71
N TYR A 583 8.68 -30.47 4.52
CA TYR A 583 7.87 -30.22 3.34
C TYR A 583 7.13 -31.50 2.98
N LYS A 584 5.82 -31.42 2.85
CA LYS A 584 5.06 -32.60 2.47
C LYS A 584 4.10 -32.23 1.35
N LEU A 585 4.17 -32.98 0.25
CA LEU A 585 3.37 -32.67 -0.92
C LEU A 585 2.77 -33.94 -1.48
N LEU A 586 1.46 -33.91 -1.75
CA LEU A 586 0.76 -34.98 -2.45
C LEU A 586 0.45 -34.46 -3.84
N PRO A 587 1.25 -34.77 -4.84
CA PRO A 587 1.18 -34.05 -6.11
C PRO A 587 0.23 -34.67 -7.13
N GLY A 588 -0.91 -34.00 -7.38
CA GLY A 588 -1.84 -34.47 -8.38
C GLY A 588 -2.65 -35.68 -7.97
N PRO A 589 -3.67 -35.49 -7.11
CA PRO A 589 -4.50 -36.62 -6.67
C PRO A 589 -5.00 -37.48 -7.82
N ASN A 590 -5.33 -36.83 -8.96
CA ASN A 590 -5.89 -37.56 -10.08
C ASN A 590 -4.98 -38.69 -10.52
N LYS A 591 -3.67 -38.52 -10.42
CA LYS A 591 -2.79 -39.64 -10.69
C LYS A 591 -2.34 -40.35 -9.42
N MET A 592 -2.09 -39.62 -8.32
CA MET A 592 -1.49 -40.28 -7.17
C MET A 592 -2.47 -41.25 -6.49
N LEU A 593 -3.75 -40.87 -6.32
CA LEU A 593 -4.67 -41.76 -5.60
C LEU A 593 -4.89 -43.09 -6.30
N PRO A 594 -5.10 -43.14 -7.63
CA PRO A 594 -5.14 -44.46 -8.28
C PRO A 594 -3.80 -45.14 -8.28
N LYS A 595 -2.71 -44.40 -8.43
CA LYS A 595 -1.40 -45.03 -8.43
C LYS A 595 -1.22 -45.85 -7.16
N VAL A 596 -1.53 -45.27 -6.00
CA VAL A 596 -1.31 -45.97 -4.75
C VAL A 596 -2.33 -47.09 -4.56
N PHE A 597 -3.62 -46.78 -4.65
CA PHE A 597 -4.66 -47.71 -4.21
C PHE A 597 -4.94 -48.83 -5.20
N PHE A 598 -4.45 -48.76 -6.44
CA PHE A 598 -4.58 -49.85 -7.39
C PHE A 598 -3.23 -50.52 -7.67
N SER A 599 -2.19 -50.14 -6.92
CA SER A 599 -0.88 -50.72 -7.09
C SER A 599 -0.88 -52.20 -6.71
N LYS A 600 0.19 -52.89 -7.13
CA LYS A 600 0.37 -54.26 -6.68
C LYS A 600 0.62 -54.29 -5.18
N LYS A 601 1.12 -53.19 -4.64
CA LYS A 601 1.43 -53.12 -3.22
C LYS A 601 0.17 -53.03 -2.34
N TRP A 602 -0.86 -52.31 -2.77
CA TRP A 602 -1.95 -52.06 -1.83
C TRP A 602 -3.34 -52.47 -2.27
N MET A 603 -3.54 -52.82 -3.54
CA MET A 603 -4.90 -53.12 -3.99
C MET A 603 -5.50 -54.25 -3.16
N ALA A 604 -4.68 -55.24 -2.77
CA ALA A 604 -5.11 -56.26 -1.84
C ALA A 604 -5.54 -55.66 -0.52
N TYR A 605 -4.77 -54.71 0.01
CA TYR A 605 -5.04 -54.20 1.35
C TYR A 605 -6.44 -53.59 1.46
N TYR A 606 -6.83 -52.77 0.50
CA TYR A 606 -8.18 -52.21 0.49
C TYR A 606 -8.96 -52.81 -0.67
N ASN A 607 -9.31 -54.10 -0.61
CA ASN A 607 -9.76 -54.76 -1.85
C ASN A 607 -10.95 -54.00 -2.44
N PRO A 608 -10.74 -53.28 -3.53
CA PRO A 608 -11.83 -52.47 -4.07
C PRO A 608 -12.93 -53.40 -4.55
N SER A 609 -14.17 -53.02 -4.28
CA SER A 609 -15.33 -53.68 -4.89
C SER A 609 -15.06 -53.92 -6.38
N GLU A 610 -15.42 -55.10 -6.88
CA GLU A 610 -15.39 -55.28 -8.33
C GLU A 610 -16.27 -54.25 -9.04
N ASP A 611 -17.26 -53.70 -8.32
CA ASP A 611 -18.03 -52.59 -8.88
C ASP A 611 -17.14 -51.35 -9.04
N ILE A 612 -16.23 -51.14 -8.09
CA ILE A 612 -15.31 -50.01 -8.19
C ILE A 612 -14.36 -50.24 -9.36
N GLN A 613 -13.75 -51.43 -9.42
CA GLN A 613 -12.80 -51.69 -10.49
C GLN A 613 -13.49 -51.56 -11.85
N LYS A 614 -14.72 -52.08 -11.96
CA LYS A 614 -15.49 -51.86 -13.19
C LYS A 614 -15.80 -50.38 -13.37
N ILE A 615 -16.15 -49.67 -12.29
CA ILE A 615 -16.42 -48.25 -12.39
C ILE A 615 -15.19 -47.50 -12.92
N TYR A 616 -14.00 -47.83 -12.38
CA TYR A 616 -12.80 -47.09 -12.73
C TYR A 616 -12.29 -47.43 -14.14
N LYS A 617 -12.38 -48.70 -14.56
CA LYS A 617 -11.90 -49.09 -15.89
C LYS A 617 -12.72 -48.41 -16.98
N ASN A 618 -14.05 -48.35 -16.80
CA ASN A 618 -14.96 -47.78 -17.78
C ASN A 618 -15.16 -46.27 -17.64
N GLY A 619 -14.77 -45.70 -16.51
CA GLY A 619 -14.86 -44.27 -16.33
C GLY A 619 -16.25 -43.72 -16.12
N THR A 620 -17.10 -44.43 -15.35
CA THR A 620 -18.42 -43.92 -15.01
C THR A 620 -18.36 -42.70 -14.09
N PHE A 621 -17.18 -42.38 -13.56
CA PHE A 621 -16.99 -41.28 -12.62
C PHE A 621 -16.50 -40.02 -13.31
N LYS A 622 -16.22 -40.09 -14.61
CA LYS A 622 -15.83 -38.94 -15.42
C LYS A 622 -17.02 -38.50 -16.27
N LYS A 623 -16.99 -37.25 -16.75
CA LYS A 623 -18.11 -36.76 -17.55
C LYS A 623 -18.18 -37.42 -18.93
N GLY A 624 -19.39 -37.36 -19.52
CA GLY A 624 -19.74 -37.81 -20.86
C GLY A 624 -20.83 -38.88 -20.85
N ASP A 625 -20.96 -39.54 -22.01
CA ASP A 625 -21.81 -40.72 -22.11
C ASP A 625 -21.80 -41.62 -20.87
N MET A 626 -20.64 -42.06 -20.37
CA MET A 626 -20.70 -43.08 -19.31
C MET A 626 -20.83 -42.49 -17.91
N PHE A 627 -21.11 -41.20 -17.74
CA PHE A 627 -21.15 -40.63 -16.40
C PHE A 627 -22.34 -41.15 -15.61
N ASN A 628 -22.09 -41.51 -14.35
CA ASN A 628 -23.10 -41.99 -13.41
C ASN A 628 -22.79 -41.36 -12.05
N LEU A 629 -23.64 -40.42 -11.63
CA LEU A 629 -23.31 -39.61 -10.45
C LEU A 629 -23.06 -40.47 -9.21
N ASN A 630 -23.89 -41.49 -8.97
CA ASN A 630 -23.65 -42.32 -7.79
C ASN A 630 -22.40 -43.17 -7.92
N ASP A 631 -21.96 -43.47 -9.14
CA ASP A 631 -20.75 -44.26 -9.29
C ASP A 631 -19.51 -43.42 -8.98
N CYS A 632 -19.60 -42.10 -9.19
CA CYS A 632 -18.51 -41.20 -8.82
C CYS A 632 -18.43 -41.02 -7.31
N HIS A 633 -19.57 -40.84 -6.66
CA HIS A 633 -19.59 -40.84 -5.20
C HIS A 633 -19.10 -42.18 -4.64
N LYS A 634 -19.43 -43.29 -5.30
CA LYS A 634 -18.96 -44.56 -4.76
C LYS A 634 -17.46 -44.71 -4.97
N LEU A 635 -16.90 -44.09 -6.01
CA LEU A 635 -15.45 -44.05 -6.15
C LEU A 635 -14.81 -43.15 -5.10
N ILE A 636 -15.38 -41.98 -4.84
CA ILE A 636 -14.77 -41.06 -3.89
C ILE A 636 -14.69 -41.71 -2.52
N ASP A 637 -15.74 -42.42 -2.12
CA ASP A 637 -15.75 -43.03 -0.79
C ASP A 637 -14.63 -44.04 -0.65
N PHE A 638 -14.35 -44.82 -1.69
CA PHE A 638 -13.20 -45.72 -1.64
C PHE A 638 -11.91 -44.93 -1.47
N PHE A 639 -11.72 -43.89 -2.30
CA PHE A 639 -10.52 -43.08 -2.18
C PHE A 639 -10.49 -42.37 -0.83
N LYS A 640 -11.65 -41.86 -0.38
CA LYS A 640 -11.73 -41.16 0.89
C LYS A 640 -11.30 -42.07 2.02
N ASP A 641 -11.89 -43.27 2.07
CA ASP A 641 -11.62 -44.20 3.14
C ASP A 641 -10.19 -44.72 3.08
N SER A 642 -9.65 -44.89 1.86
CA SER A 642 -8.30 -45.41 1.71
C SER A 642 -7.24 -44.35 2.07
N ILE A 643 -7.54 -43.07 1.87
CA ILE A 643 -6.59 -42.04 2.28
C ILE A 643 -6.33 -42.12 3.78
N SER A 644 -7.39 -42.25 4.59
CA SER A 644 -7.13 -42.75 5.92
C SER A 644 -6.70 -44.19 5.80
N ARG A 645 -5.88 -44.67 6.73
CA ARG A 645 -5.29 -46.02 6.68
C ARG A 645 -4.10 -46.02 5.73
N TYR A 646 -3.82 -44.89 5.10
CA TYR A 646 -2.54 -44.62 4.45
C TYR A 646 -1.83 -43.62 5.36
N PRO A 647 -0.98 -44.07 6.29
CA PRO A 647 -0.42 -43.13 7.28
C PRO A 647 0.37 -41.97 6.67
N LYS A 648 1.08 -42.24 5.57
CA LYS A 648 1.92 -41.20 4.95
C LYS A 648 1.10 -39.99 4.53
N TRP A 649 -0.13 -40.21 4.04
CA TRP A 649 -0.98 -39.07 3.70
C TRP A 649 -1.77 -38.58 4.92
N SER A 650 -2.41 -39.50 5.64
CA SER A 650 -3.32 -39.10 6.71
C SER A 650 -2.58 -38.38 7.83
N ASN A 651 -1.35 -38.79 8.14
CA ASN A 651 -0.62 -38.12 9.22
C ASN A 651 -0.08 -36.76 8.79
N ALA A 652 0.36 -36.61 7.52
CA ALA A 652 0.94 -35.34 7.09
C ALA A 652 -0.10 -34.24 7.01
N TYR A 653 -1.25 -34.56 6.42
CA TYR A 653 -2.30 -33.59 6.16
C TYR A 653 -3.53 -34.02 6.94
N ASP A 654 -4.09 -33.11 7.73
CA ASP A 654 -5.34 -33.44 8.40
C ASP A 654 -6.47 -33.01 7.48
N PHE A 655 -6.97 -33.96 6.70
CA PHE A 655 -7.94 -33.66 5.67
C PHE A 655 -9.30 -33.38 6.30
N ASN A 656 -10.03 -32.44 5.72
CA ASN A 656 -11.41 -32.14 6.10
C ASN A 656 -12.19 -31.98 4.80
N PHE A 657 -12.76 -33.09 4.30
CA PHE A 657 -13.50 -33.04 3.05
C PHE A 657 -14.97 -32.67 3.26
N SER A 658 -15.62 -32.31 2.15
CA SER A 658 -17.06 -32.14 2.11
C SER A 658 -17.79 -33.48 2.08
N GLU A 659 -19.05 -33.46 2.50
CA GLU A 659 -19.90 -34.64 2.34
C GLU A 659 -19.90 -35.10 0.89
N THR A 660 -19.72 -36.40 0.67
CA THR A 660 -19.63 -36.91 -0.69
C THR A 660 -20.88 -36.60 -1.51
N GLU A 661 -22.06 -36.54 -0.87
CA GLU A 661 -23.26 -36.21 -1.62
C GLU A 661 -23.16 -34.84 -2.23
N LYS A 662 -22.45 -33.92 -1.57
CA LYS A 662 -22.32 -32.56 -2.08
C LYS A 662 -21.37 -32.45 -3.27
N TYR A 663 -20.60 -33.50 -3.60
CA TYR A 663 -19.66 -33.41 -4.72
C TYR A 663 -20.45 -33.56 -6.02
N LYS A 664 -20.19 -32.66 -6.98
CA LYS A 664 -20.80 -32.73 -8.30
C LYS A 664 -19.98 -33.54 -9.31
N ASP A 665 -18.65 -33.40 -9.28
CA ASP A 665 -17.80 -34.18 -10.17
C ASP A 665 -16.54 -34.58 -9.40
N ILE A 666 -15.76 -35.51 -9.97
CA ILE A 666 -14.60 -35.98 -9.23
C ILE A 666 -13.62 -34.84 -8.99
N ALA A 667 -13.60 -33.85 -9.88
CA ALA A 667 -12.70 -32.72 -9.70
C ALA A 667 -12.99 -31.99 -8.41
N GLY A 668 -14.27 -31.92 -8.03
CA GLY A 668 -14.59 -31.30 -6.77
C GLY A 668 -13.90 -31.97 -5.60
N PHE A 669 -13.72 -33.29 -5.69
CA PHE A 669 -13.01 -34.00 -4.63
C PHE A 669 -11.51 -33.75 -4.71
N TYR A 670 -10.93 -33.99 -5.89
CA TYR A 670 -9.49 -33.83 -6.07
C TYR A 670 -9.02 -32.43 -5.71
N ARG A 671 -9.85 -31.41 -5.95
CA ARG A 671 -9.44 -30.06 -5.57
C ARG A 671 -9.18 -29.99 -4.07
N GLU A 672 -10.11 -30.53 -3.28
CA GLU A 672 -9.95 -30.52 -1.83
C GLU A 672 -8.73 -31.32 -1.42
N VAL A 673 -8.49 -32.45 -2.08
CA VAL A 673 -7.27 -33.19 -1.80
C VAL A 673 -6.05 -32.38 -2.19
N GLU A 674 -6.08 -31.73 -3.36
CA GLU A 674 -4.89 -31.01 -3.78
C GLU A 674 -4.66 -29.77 -2.95
N GLU A 675 -5.75 -29.08 -2.57
CA GLU A 675 -5.59 -27.88 -1.75
C GLU A 675 -4.96 -28.22 -0.42
N GLN A 676 -5.40 -29.32 0.21
CA GLN A 676 -4.91 -29.66 1.53
C GLN A 676 -3.68 -30.57 1.52
N GLY A 677 -3.29 -31.14 0.38
CA GLY A 677 -2.16 -32.06 0.33
C GLY A 677 -0.80 -31.37 0.21
N TYR A 678 -0.61 -30.26 0.91
CA TYR A 678 0.65 -29.54 0.88
C TYR A 678 0.92 -28.95 2.26
N LYS A 679 2.08 -29.23 2.82
CA LYS A 679 2.39 -28.52 4.03
C LYS A 679 3.88 -28.26 4.15
N VAL A 680 4.19 -27.06 4.66
CA VAL A 680 5.54 -26.59 4.88
C VAL A 680 5.65 -26.14 6.33
N SER A 681 6.73 -26.55 6.98
CA SER A 681 7.02 -26.11 8.35
C SER A 681 8.51 -26.29 8.55
N PHE A 682 9.01 -25.87 9.70
CA PHE A 682 10.42 -26.01 9.97
C PHE A 682 10.64 -26.74 11.29
N GLU A 683 11.67 -27.58 11.31
CA GLU A 683 12.12 -28.31 12.49
C GLU A 683 13.51 -27.85 12.84
N SER A 684 13.89 -28.09 14.09
CA SER A 684 15.21 -27.66 14.57
C SER A 684 16.31 -28.60 14.09
N ALA A 685 17.53 -28.07 14.07
CA ALA A 685 18.69 -28.85 13.67
C ALA A 685 19.93 -28.26 14.31
N SER A 686 20.62 -29.06 15.12
CA SER A 686 21.86 -28.65 15.78
C SER A 686 22.83 -28.02 14.77
N LYS A 687 23.25 -26.78 15.05
CA LYS A 687 24.15 -26.07 14.14
C LYS A 687 25.59 -26.55 14.28
N LYS A 688 26.00 -26.94 15.50
CA LYS A 688 27.32 -27.55 15.67
C LYS A 688 27.42 -28.84 14.89
N GLU A 689 26.42 -29.72 15.05
CA GLU A 689 26.42 -31.03 14.44
C GLU A 689 26.08 -30.99 12.96
N VAL A 690 25.86 -29.81 12.40
CA VAL A 690 25.71 -29.62 10.97
C VAL A 690 26.92 -28.87 10.40
N ASP A 691 27.44 -27.89 11.13
CA ASP A 691 28.63 -27.20 10.67
C ASP A 691 29.82 -28.13 10.56
N LYS A 692 29.81 -29.23 11.33
CA LYS A 692 30.90 -30.20 11.23
C LYS A 692 30.71 -31.11 10.03
N LEU A 693 29.46 -31.49 9.72
CA LEU A 693 29.19 -32.19 8.47
C LEU A 693 29.77 -31.44 7.28
N VAL A 694 29.64 -30.11 7.28
CA VAL A 694 30.24 -29.32 6.21
C VAL A 694 31.75 -29.35 6.32
N GLU A 695 32.28 -29.24 7.54
CA GLU A 695 33.72 -29.31 7.74
C GLU A 695 34.30 -30.60 7.16
N GLU A 696 33.64 -31.73 7.45
CA GLU A 696 34.12 -33.05 7.02
C GLU A 696 33.84 -33.39 5.56
N GLY A 697 33.17 -32.52 4.79
CA GLY A 697 32.83 -32.85 3.42
C GLY A 697 31.68 -33.86 3.23
N LYS A 698 30.88 -34.12 4.27
CA LYS A 698 29.73 -35.00 4.17
C LYS A 698 28.45 -34.26 3.79
N LEU A 699 28.47 -32.93 3.90
CA LEU A 699 27.35 -32.07 3.55
C LEU A 699 27.96 -30.87 2.86
N TYR A 700 27.22 -30.30 1.90
CA TYR A 700 27.60 -29.04 1.25
C TYR A 700 26.51 -28.03 1.53
N MET A 701 26.90 -26.82 1.93
CA MET A 701 25.92 -25.78 2.21
C MET A 701 26.21 -24.52 1.40
N PHE A 702 25.16 -23.98 0.78
CA PHE A 702 25.23 -22.74 0.02
C PHE A 702 24.21 -21.75 0.57
N GLN A 703 24.61 -20.50 0.76
CA GLN A 703 23.62 -19.51 1.12
C GLN A 703 22.82 -19.14 -0.13
N ILE A 704 21.49 -19.21 -0.01
CA ILE A 704 20.62 -18.76 -1.09
C ILE A 704 20.60 -17.24 -1.04
N TYR A 705 21.06 -16.59 -2.11
CA TYR A 705 21.43 -15.20 -1.94
C TYR A 705 21.11 -14.40 -3.20
N ASN A 706 20.58 -13.19 -2.98
CA ASN A 706 20.67 -12.05 -3.89
C ASN A 706 20.92 -10.83 -3.02
N LYS A 707 21.02 -9.65 -3.65
CA LYS A 707 21.48 -8.47 -2.94
C LYS A 707 20.55 -8.10 -1.78
N ASP A 708 19.28 -8.49 -1.85
CA ASP A 708 18.34 -8.16 -0.78
C ASP A 708 18.70 -8.81 0.55
N PHE A 709 19.53 -9.83 0.54
CA PHE A 709 19.92 -10.48 1.77
C PHE A 709 21.19 -9.91 2.36
N SER A 710 21.69 -8.80 1.82
CA SER A 710 22.93 -8.24 2.30
C SER A 710 22.69 -7.46 3.58
N ASP A 711 23.67 -7.48 4.48
CA ASP A 711 23.53 -6.66 5.69
C ASP A 711 23.41 -5.18 5.36
N LYS A 712 23.91 -4.74 4.20
CA LYS A 712 23.91 -3.33 3.83
C LYS A 712 22.68 -2.92 3.00
N SER A 713 21.71 -3.81 2.84
CA SER A 713 20.50 -3.58 2.03
C SER A 713 19.40 -2.90 2.85
N HIS A 714 18.82 -1.82 2.32
CA HIS A 714 17.77 -1.13 3.06
C HIS A 714 16.52 -0.77 2.27
N GLY A 715 16.51 -0.87 0.95
CA GLY A 715 15.36 -0.46 0.17
C GLY A 715 14.19 -1.44 0.19
N THR A 716 13.25 -1.18 -0.69
CA THR A 716 12.20 -2.14 -0.96
C THR A 716 12.83 -3.35 -1.65
N PRO A 717 12.42 -4.57 -1.30
CA PRO A 717 13.05 -5.76 -1.89
C PRO A 717 12.61 -6.00 -3.32
N ASN A 718 13.36 -6.88 -4.00
CA ASN A 718 12.93 -7.36 -5.30
C ASN A 718 11.60 -8.08 -5.15
N LEU A 719 10.75 -7.97 -6.18
CA LEU A 719 9.54 -8.76 -6.20
C LEU A 719 9.81 -10.22 -5.86
N HIS A 720 10.83 -10.81 -6.51
CA HIS A 720 11.09 -12.23 -6.32
C HIS A 720 11.65 -12.55 -4.95
N THR A 721 12.37 -11.64 -4.30
CA THR A 721 12.71 -11.98 -2.93
C THR A 721 11.46 -12.04 -2.06
N MET A 722 10.47 -11.19 -2.36
CA MET A 722 9.21 -11.24 -1.62
C MET A 722 8.52 -12.59 -1.78
N TYR A 723 8.38 -13.07 -3.02
CA TYR A 723 7.78 -14.39 -3.26
C TYR A 723 8.55 -15.49 -2.51
N PHE A 724 9.87 -15.51 -2.66
CA PHE A 724 10.69 -16.49 -1.95
C PHE A 724 10.40 -16.48 -0.46
N LYS A 725 10.55 -15.30 0.18
CA LYS A 725 10.29 -15.19 1.62
C LYS A 725 8.89 -15.67 1.99
N LEU A 726 7.88 -15.31 1.22
CA LEU A 726 6.51 -15.68 1.58
C LEU A 726 6.28 -17.19 1.51
N LEU A 727 7.15 -17.91 0.80
CA LEU A 727 7.05 -19.37 0.75
C LEU A 727 6.95 -19.96 2.16
N PHE A 728 7.56 -19.31 3.15
CA PHE A 728 7.58 -19.83 4.51
C PHE A 728 6.84 -18.95 5.52
N ASP A 729 6.10 -17.93 5.07
CA ASP A 729 5.35 -17.09 5.97
C ASP A 729 4.02 -17.73 6.37
N GLU A 730 3.68 -17.63 7.66
CA GLU A 730 2.43 -18.23 8.13
C GLU A 730 1.22 -17.64 7.44
N ASN A 731 1.32 -16.39 6.97
CA ASN A 731 0.21 -15.77 6.28
C ASN A 731 0.05 -16.25 4.85
N ASN A 732 0.98 -17.05 4.37
CA ASN A 732 0.85 -17.68 3.07
C ASN A 732 0.05 -18.95 3.31
N HIS A 733 -1.24 -18.91 3.00
CA HIS A 733 -2.12 -20.05 3.25
C HIS A 733 -2.25 -20.94 2.03
N GLY A 734 -1.21 -20.97 1.18
CA GLY A 734 -1.22 -21.77 -0.01
C GLY A 734 -1.18 -20.96 -1.28
N GLN A 735 -1.25 -19.63 -1.18
CA GLN A 735 -1.27 -18.81 -2.39
C GLN A 735 0.03 -18.91 -3.18
N ILE A 736 1.14 -19.17 -2.51
CA ILE A 736 2.38 -19.40 -3.24
C ILE A 736 2.99 -20.68 -2.67
N ARG A 737 3.16 -21.68 -3.53
CA ARG A 737 3.79 -22.94 -3.12
C ARG A 737 5.19 -23.02 -3.65
N LEU A 738 6.09 -23.61 -2.86
CA LEU A 738 7.41 -24.00 -3.32
C LEU A 738 7.28 -25.30 -4.14
N SER A 739 7.86 -25.33 -5.33
CA SER A 739 7.66 -26.49 -6.18
C SER A 739 8.93 -27.33 -6.27
N GLY A 740 8.75 -28.56 -6.78
CA GLY A 740 9.89 -29.41 -7.09
C GLY A 740 10.57 -28.97 -8.38
N GLY A 741 11.57 -29.73 -8.79
CA GLY A 741 12.24 -29.42 -10.04
C GLY A 741 13.21 -28.26 -10.00
N ALA A 742 13.81 -28.00 -8.84
CA ALA A 742 14.87 -27.00 -8.75
C ALA A 742 16.13 -27.45 -9.52
N GLU A 743 16.99 -26.49 -9.84
CA GLU A 743 18.23 -26.81 -10.54
C GLU A 743 19.36 -25.94 -10.02
N LEU A 744 20.54 -26.56 -9.90
CA LEU A 744 21.76 -25.87 -9.52
C LEU A 744 22.68 -25.80 -10.74
N PHE A 745 23.25 -24.63 -10.99
CA PHE A 745 24.17 -24.50 -12.10
C PHE A 745 25.48 -23.86 -11.63
N MET A 746 26.55 -24.15 -12.35
CA MET A 746 27.84 -23.52 -12.18
C MET A 746 28.11 -22.67 -13.41
N ARG A 747 28.33 -21.38 -13.21
CA ARG A 747 28.68 -20.46 -14.28
C ARG A 747 30.13 -20.02 -14.10
N ARG A 748 31.03 -20.59 -14.89
CA ARG A 748 32.43 -20.23 -14.76
C ARG A 748 32.60 -18.73 -15.03
N ALA A 749 33.60 -18.14 -14.38
CA ALA A 749 33.93 -16.74 -14.62
C ALA A 749 34.25 -16.52 -16.09
N SER A 750 33.87 -15.35 -16.62
CA SER A 750 34.23 -14.99 -17.99
C SER A 750 35.22 -13.84 -18.09
N LEU A 751 35.54 -13.16 -16.99
CA LEU A 751 36.39 -11.98 -16.98
C LEU A 751 37.29 -12.09 -15.76
N LYS A 752 38.29 -11.22 -15.67
CA LYS A 752 39.15 -11.12 -14.49
C LYS A 752 38.99 -9.76 -13.83
N LYS A 753 39.05 -9.73 -12.48
CA LYS A 753 38.87 -8.47 -11.76
C LYS A 753 39.87 -7.41 -12.20
N GLU A 754 41.12 -7.81 -12.43
CA GLU A 754 42.17 -6.87 -12.82
C GLU A 754 41.93 -6.24 -14.17
N GLU A 755 41.14 -6.88 -15.01
CA GLU A 755 40.78 -6.32 -16.31
C GLU A 755 39.50 -5.51 -16.26
N LEU A 756 38.75 -5.57 -15.17
CA LEU A 756 37.43 -4.92 -15.16
C LEU A 756 37.60 -3.42 -15.12
N VAL A 757 36.64 -2.73 -15.73
CA VAL A 757 36.59 -1.27 -15.62
C VAL A 757 36.28 -0.89 -14.18
N VAL A 758 37.06 0.04 -13.64
CA VAL A 758 36.97 0.39 -12.23
C VAL A 758 36.72 1.88 -12.07
N HIS A 759 35.90 2.24 -11.07
CA HIS A 759 35.98 3.53 -10.42
C HIS A 759 36.70 3.29 -9.10
N PRO A 760 37.96 3.68 -8.98
CA PRO A 760 38.73 3.31 -7.80
C PRO A 760 38.32 4.17 -6.60
N ALA A 761 38.53 3.59 -5.41
CA ALA A 761 38.08 4.19 -4.16
C ALA A 761 38.67 5.58 -3.95
N ASN A 762 37.90 6.43 -3.24
CA ASN A 762 38.31 7.78 -2.84
C ASN A 762 38.51 8.68 -4.05
N SER A 763 38.21 8.24 -5.14
CA SER A 763 38.19 9.32 -6.12
C SER A 763 36.75 9.68 -6.50
N PRO A 764 36.44 10.95 -6.81
CA PRO A 764 35.04 11.30 -7.09
C PRO A 764 34.56 10.73 -8.41
N ILE A 765 33.35 10.16 -8.38
CA ILE A 765 32.67 9.65 -9.58
C ILE A 765 31.55 10.61 -9.93
N ALA A 766 31.45 10.98 -11.19
CA ALA A 766 30.36 11.88 -11.58
C ALA A 766 29.01 11.18 -11.44
N ASN A 767 28.02 11.93 -10.95
CA ASN A 767 26.64 11.47 -10.92
C ASN A 767 26.01 11.91 -12.22
N LYS A 768 25.15 11.06 -12.80
CA LYS A 768 24.71 11.30 -14.17
C LYS A 768 23.42 12.07 -14.30
N ASN A 769 22.68 12.32 -13.20
CA ASN A 769 21.46 13.11 -13.34
C ASN A 769 21.78 14.57 -13.08
N PRO A 770 21.62 15.45 -14.06
CA PRO A 770 22.04 16.85 -13.87
C PRO A 770 21.14 17.62 -12.91
N ASP A 771 19.90 17.15 -12.66
CA ASP A 771 18.99 17.87 -11.77
C ASP A 771 19.39 17.80 -10.30
N ASN A 772 20.33 16.91 -9.93
CA ASN A 772 20.69 16.72 -8.53
C ASN A 772 21.91 17.57 -8.22
N PRO A 773 21.83 18.51 -7.27
CA PRO A 773 22.98 19.39 -7.00
C PRO A 773 24.13 18.68 -6.32
N LYS A 774 23.98 17.41 -5.95
CA LYS A 774 25.07 16.58 -5.48
C LYS A 774 25.66 15.93 -6.73
N LYS A 775 26.68 16.56 -7.27
CA LYS A 775 27.17 16.20 -8.58
C LYS A 775 28.15 15.04 -8.57
N THR A 776 28.37 14.44 -7.40
CA THR A 776 29.52 13.56 -7.22
C THR A 776 29.18 12.54 -6.16
N THR A 777 29.84 11.39 -6.24
CA THR A 777 29.81 10.41 -5.16
C THR A 777 31.21 9.89 -4.96
N THR A 778 31.65 9.78 -3.72
CA THR A 778 32.99 9.32 -3.38
C THR A 778 32.93 8.17 -2.39
N LEU A 779 33.23 6.96 -2.85
CA LEU A 779 33.15 5.78 -2.00
C LEU A 779 34.54 5.30 -1.57
N SER A 780 34.55 4.54 -0.49
CA SER A 780 35.79 4.00 0.07
C SER A 780 36.19 2.63 -0.51
N TYR A 781 35.50 2.13 -1.54
CA TYR A 781 35.78 0.82 -2.09
C TYR A 781 35.71 0.90 -3.61
N ASP A 782 36.33 -0.09 -4.26
CA ASP A 782 36.29 -0.07 -5.72
C ASP A 782 34.88 -0.39 -6.23
N VAL A 783 34.56 0.14 -7.40
CA VAL A 783 33.32 -0.20 -8.10
C VAL A 783 33.73 -0.81 -9.42
N TYR A 784 33.36 -2.06 -9.64
CA TYR A 784 33.81 -2.76 -10.83
C TYR A 784 32.64 -2.87 -11.79
N LYS A 785 32.94 -2.89 -13.08
CA LYS A 785 31.90 -3.23 -14.04
C LYS A 785 31.89 -4.76 -14.26
N ASP A 786 30.71 -5.32 -14.36
CA ASP A 786 30.57 -6.75 -14.58
C ASP A 786 31.26 -7.55 -13.51
N LYS A 787 31.33 -7.03 -12.27
CA LYS A 787 31.97 -7.79 -11.21
C LYS A 787 31.39 -9.19 -11.12
N ARG A 788 30.07 -9.31 -11.26
CA ARG A 788 29.40 -10.60 -11.08
C ARG A 788 29.93 -11.68 -12.00
N PHE A 789 30.49 -11.32 -13.15
CA PHE A 789 31.06 -12.28 -14.09
C PHE A 789 32.54 -12.53 -13.89
N SER A 790 33.14 -11.95 -12.86
CA SER A 790 34.58 -12.09 -12.67
C SER A 790 34.97 -13.11 -11.60
N GLU A 791 34.04 -13.83 -10.97
CA GLU A 791 34.50 -15.03 -10.28
C GLU A 791 33.37 -16.05 -10.41
N ASP A 792 33.70 -17.32 -10.18
CA ASP A 792 32.74 -18.42 -10.40
C ASP A 792 31.45 -18.22 -9.61
N GLN A 793 30.34 -18.66 -10.20
CA GLN A 793 29.05 -18.45 -9.54
C GLN A 793 28.13 -19.66 -9.69
N TYR A 794 27.57 -20.11 -8.56
CA TYR A 794 26.51 -21.10 -8.53
C TYR A 794 25.14 -20.43 -8.68
N GLU A 795 24.30 -20.97 -9.57
CA GLU A 795 22.94 -20.47 -9.77
C GLU A 795 21.92 -21.49 -9.32
N LEU A 796 20.95 -21.07 -8.51
CA LEU A 796 19.85 -21.91 -8.07
C LEU A 796 18.58 -21.38 -8.70
N HIS A 797 17.86 -22.24 -9.41
CA HIS A 797 16.59 -21.84 -10.02
C HIS A 797 15.48 -22.58 -9.30
N ILE A 798 14.57 -21.83 -8.69
CA ILE A 798 13.54 -22.44 -7.85
C ILE A 798 12.17 -22.16 -8.43
N PRO A 799 11.44 -23.17 -8.89
CA PRO A 799 10.07 -22.93 -9.38
C PRO A 799 9.10 -22.79 -8.21
N ILE A 800 8.19 -21.83 -8.35
CA ILE A 800 7.10 -21.64 -7.41
C ILE A 800 5.81 -21.75 -8.19
N ALA A 801 4.75 -22.11 -7.45
CA ALA A 801 3.41 -22.28 -8.01
C ALA A 801 2.50 -21.26 -7.36
N ILE A 802 1.95 -20.36 -8.14
CA ILE A 802 1.07 -19.31 -7.65
C ILE A 802 -0.37 -19.74 -7.88
N ASN A 803 -1.19 -19.62 -6.83
CA ASN A 803 -2.64 -19.81 -6.95
C ASN A 803 -2.99 -21.21 -7.44
N LYS A 804 -2.32 -22.21 -6.86
CA LYS A 804 -2.48 -23.59 -7.32
C LYS A 804 -3.91 -24.07 -7.19
N CYS A 805 -4.69 -23.53 -6.28
CA CYS A 805 -6.10 -23.89 -6.14
C CYS A 805 -6.88 -22.60 -6.23
N PRO A 806 -7.29 -22.20 -7.43
CA PRO A 806 -8.06 -20.96 -7.57
C PRO A 806 -9.50 -21.17 -7.15
N LYS A 807 -10.01 -20.25 -6.33
CA LYS A 807 -11.40 -20.34 -5.89
C LYS A 807 -12.35 -19.44 -6.70
N ASN A 808 -11.87 -18.30 -7.20
CA ASN A 808 -12.69 -17.35 -7.95
C ASN A 808 -12.62 -17.71 -9.43
N ILE A 809 -13.47 -18.65 -9.84
CA ILE A 809 -13.45 -19.17 -11.20
C ILE A 809 -14.58 -18.51 -11.98
N PHE A 810 -14.22 -17.82 -13.06
CA PHE A 810 -15.15 -17.32 -14.07
C PHE A 810 -14.36 -17.02 -15.32
N LYS A 811 -15.06 -16.85 -16.44
CA LYS A 811 -14.38 -16.39 -17.66
C LYS A 811 -14.00 -14.92 -17.44
N ILE A 812 -12.70 -14.60 -17.58
CA ILE A 812 -12.28 -13.26 -17.22
C ILE A 812 -12.90 -12.23 -18.16
N ASN A 813 -12.90 -12.50 -19.48
CA ASN A 813 -13.46 -11.51 -20.39
C ASN A 813 -14.92 -11.22 -20.07
N THR A 814 -15.71 -12.25 -19.79
CA THR A 814 -17.12 -12.03 -19.48
C THR A 814 -17.27 -11.16 -18.24
N GLU A 815 -16.53 -11.48 -17.18
CA GLU A 815 -16.62 -10.73 -15.94
C GLU A 815 -16.23 -9.28 -16.12
N VAL A 816 -15.21 -9.02 -16.94
CA VAL A 816 -14.79 -7.65 -17.23
C VAL A 816 -15.93 -6.89 -17.90
N ARG A 817 -16.66 -7.55 -18.83
CA ARG A 817 -17.79 -6.91 -19.49
C ARG A 817 -18.94 -6.66 -18.53
N VAL A 818 -19.24 -7.63 -17.67
CA VAL A 818 -20.33 -7.42 -16.72
C VAL A 818 -20.04 -6.17 -15.90
N LEU A 819 -18.84 -6.11 -15.31
CA LEU A 819 -18.48 -5.00 -14.44
C LEU A 819 -18.45 -3.69 -15.22
N LEU A 820 -18.00 -3.74 -16.47
CA LEU A 820 -18.05 -2.53 -17.27
C LEU A 820 -19.49 -2.12 -17.55
N LYS A 821 -20.40 -3.08 -17.77
CA LYS A 821 -21.79 -2.68 -18.04
C LYS A 821 -22.36 -1.88 -16.89
N HIS A 822 -22.05 -2.29 -15.66
CA HIS A 822 -22.62 -1.69 -14.47
C HIS A 822 -21.71 -0.66 -13.79
N ASP A 823 -20.67 -0.17 -14.47
CA ASP A 823 -19.80 0.87 -13.89
C ASP A 823 -20.24 2.23 -14.40
N ASP A 824 -20.69 3.08 -13.47
CA ASP A 824 -21.23 4.38 -13.84
C ASP A 824 -20.20 5.25 -14.54
N ASN A 825 -18.93 5.11 -14.15
CA ASN A 825 -17.86 5.95 -14.65
C ASN A 825 -16.58 5.13 -14.88
N PRO A 826 -16.52 4.35 -15.95
CA PRO A 826 -15.33 3.54 -16.19
C PRO A 826 -14.26 4.29 -16.95
N TYR A 827 -13.06 4.41 -16.37
CA TYR A 827 -11.93 5.06 -17.02
C TYR A 827 -11.26 4.10 -17.99
N VAL A 828 -10.63 4.66 -19.01
CA VAL A 828 -9.90 3.90 -20.02
C VAL A 828 -8.53 4.55 -20.21
N ILE A 829 -7.49 3.71 -20.31
CA ILE A 829 -6.15 4.16 -20.65
C ILE A 829 -5.95 3.84 -22.12
N GLY A 830 -5.84 4.87 -22.95
CA GLY A 830 -5.47 4.68 -24.35
C GLY A 830 -3.96 4.77 -24.50
N ILE A 831 -3.38 3.85 -25.26
CA ILE A 831 -1.93 3.74 -25.41
C ILE A 831 -1.58 3.69 -26.89
N ASP A 832 -0.88 4.70 -27.34
CA ASP A 832 -0.67 4.92 -28.76
C ASP A 832 0.77 4.63 -29.13
N ARG A 833 0.98 4.16 -30.36
CA ARG A 833 2.32 4.03 -30.87
C ARG A 833 2.53 5.17 -31.85
N GLY A 834 3.62 5.89 -31.69
CA GLY A 834 3.92 6.96 -32.60
C GLY A 834 5.34 6.86 -33.12
N GLU A 835 5.53 7.22 -34.38
CA GLU A 835 6.88 7.39 -34.89
C GLU A 835 7.50 8.53 -34.12
N ARG A 836 6.72 9.56 -33.90
CA ARG A 836 7.15 10.73 -33.15
C ARG A 836 7.43 10.41 -31.68
N ASN A 837 6.55 9.64 -31.06
CA ASN A 837 6.71 9.26 -29.67
C ASN A 837 6.66 7.77 -29.55
N LEU A 838 7.65 7.17 -28.90
CA LEU A 838 7.64 5.73 -28.73
C LEU A 838 6.28 5.24 -28.26
N LEU A 839 5.73 5.88 -27.22
CA LEU A 839 4.38 5.60 -26.74
C LEU A 839 3.77 6.90 -26.25
N TYR A 840 2.49 7.07 -26.53
CA TYR A 840 1.74 8.18 -25.98
C TYR A 840 0.55 7.63 -25.21
N ILE A 841 0.18 8.31 -24.14
CA ILE A 841 -0.83 7.81 -23.23
C ILE A 841 -1.86 8.89 -22.98
N VAL A 842 -3.14 8.51 -23.05
CA VAL A 842 -4.25 9.36 -22.64
C VAL A 842 -5.14 8.55 -21.72
N VAL A 843 -5.50 9.12 -20.59
CA VAL A 843 -6.50 8.52 -19.72
C VAL A 843 -7.78 9.34 -19.86
N VAL A 844 -8.90 8.67 -20.14
CA VAL A 844 -10.21 9.33 -20.20
C VAL A 844 -11.12 8.68 -19.16
N ASP A 845 -12.10 9.46 -18.67
CA ASP A 845 -13.13 8.93 -17.79
C ASP A 845 -14.28 8.42 -18.65
N GLY A 846 -15.37 8.00 -18.03
CA GLY A 846 -16.49 7.40 -18.74
C GLY A 846 -17.24 8.35 -19.66
N LYS A 847 -16.99 9.66 -19.56
CA LYS A 847 -17.66 10.61 -20.45
C LYS A 847 -16.71 11.13 -21.51
N GLY A 848 -15.53 10.54 -21.63
CA GLY A 848 -14.56 11.00 -22.60
C GLY A 848 -13.76 12.21 -22.20
N ASN A 849 -13.85 12.66 -20.95
CA ASN A 849 -13.04 13.77 -20.49
C ASN A 849 -11.58 13.35 -20.34
N ILE A 850 -10.66 14.12 -20.92
CA ILE A 850 -9.25 13.78 -20.79
C ILE A 850 -8.79 14.08 -19.37
N VAL A 851 -8.28 13.06 -18.69
CA VAL A 851 -7.76 13.19 -17.34
C VAL A 851 -6.23 13.33 -17.32
N GLU A 852 -5.52 12.52 -18.09
CA GLU A 852 -4.07 12.65 -18.19
C GLU A 852 -3.69 12.46 -19.65
N GLN A 853 -2.62 13.13 -20.05
CA GLN A 853 -2.02 12.89 -21.36
C GLN A 853 -0.55 13.28 -21.27
N TYR A 854 0.32 12.40 -21.76
CA TYR A 854 1.74 12.68 -21.85
C TYR A 854 2.43 11.64 -22.72
N SER A 855 3.60 12.02 -23.20
CA SER A 855 4.48 11.11 -23.89
C SER A 855 5.22 10.24 -22.89
N LEU A 856 5.31 8.95 -23.17
CA LEU A 856 6.13 8.08 -22.36
C LEU A 856 7.54 7.98 -22.93
N ASN A 857 8.00 9.02 -23.62
CA ASN A 857 9.37 9.03 -24.12
C ASN A 857 10.36 9.12 -22.98
N GLU A 858 10.08 9.96 -21.99
CA GLU A 858 10.93 10.09 -20.82
C GLU A 858 10.25 9.41 -19.65
N ILE A 859 10.96 8.49 -19.03
CA ILE A 859 10.50 7.84 -17.82
C ILE A 859 10.97 8.69 -16.65
N ILE A 860 10.01 9.18 -15.86
CA ILE A 860 10.27 10.08 -14.74
C ILE A 860 10.11 9.26 -13.46
N ASN A 861 11.08 9.37 -12.56
CA ASN A 861 11.06 8.53 -11.36
C ASN A 861 11.28 9.34 -10.08
N ASN A 862 10.71 8.77 -9.02
CA ASN A 862 10.61 9.34 -7.69
C ASN A 862 11.59 8.68 -6.74
N PHE A 863 12.50 9.46 -6.17
CA PHE A 863 13.24 8.93 -5.03
C PHE A 863 13.58 10.04 -4.03
N ASN A 864 12.90 10.09 -2.88
CA ASN A 864 13.35 10.93 -1.76
C ASN A 864 13.47 12.41 -2.16
N GLY A 865 12.49 12.91 -2.91
CA GLY A 865 12.56 14.26 -3.41
C GLY A 865 13.36 14.41 -4.70
N ILE A 866 14.18 13.41 -5.05
CA ILE A 866 14.89 13.45 -6.33
C ILE A 866 13.86 13.25 -7.44
N ARG A 867 13.90 14.13 -8.43
CA ARG A 867 13.20 13.89 -9.67
C ARG A 867 14.25 13.54 -10.71
N ILE A 868 14.07 12.43 -11.41
CA ILE A 868 14.94 12.10 -12.52
C ILE A 868 14.06 11.74 -13.73
N LYS A 869 14.38 12.31 -14.87
CA LYS A 869 13.76 11.99 -16.14
C LYS A 869 14.80 11.29 -16.98
N THR A 870 14.45 10.14 -17.52
CA THR A 870 15.38 9.38 -18.34
C THR A 870 14.82 9.36 -19.75
N ASP A 871 15.51 10.02 -20.67
CA ASP A 871 14.99 10.14 -22.04
C ASP A 871 15.38 8.86 -22.74
N TYR A 872 14.49 7.87 -22.66
CA TYR A 872 14.74 6.61 -23.34
C TYR A 872 14.70 6.74 -24.86
N HIS A 873 14.01 7.76 -25.38
CA HIS A 873 13.90 7.94 -26.83
C HIS A 873 15.25 8.18 -27.48
N SER A 874 16.06 9.09 -26.92
CA SER A 874 17.37 9.38 -27.51
C SER A 874 18.45 8.38 -27.09
N LEU A 875 18.25 7.67 -25.98
CA LEU A 875 19.10 6.51 -25.72
C LEU A 875 18.91 5.45 -26.80
N LEU A 876 17.67 5.24 -27.22
CA LEU A 876 17.37 4.16 -28.15
C LEU A 876 17.99 4.41 -29.54
N ASP A 877 17.89 5.64 -30.07
CA ASP A 877 18.46 5.92 -31.38
C ASP A 877 19.98 5.98 -31.32
N LYS A 878 20.55 6.41 -30.20
CA LYS A 878 21.99 6.47 -30.08
C LYS A 878 22.62 5.11 -30.39
N LYS A 879 22.18 4.06 -29.68
CA LYS A 879 22.73 2.73 -29.86
C LYS A 879 22.24 2.03 -31.12
N GLU A 880 21.17 2.50 -31.75
CA GLU A 880 20.66 1.87 -32.97
C GLU A 880 21.64 2.01 -34.14
N LYS A 881 22.22 3.20 -34.26
CA LYS A 881 23.19 3.44 -35.31
C LYS A 881 24.60 3.21 -34.79
N GLU A 882 24.72 3.04 -33.49
CA GLU A 882 26.02 2.87 -32.88
C GLU A 882 26.62 1.60 -33.45
N ARG A 883 25.80 0.56 -33.55
CA ARG A 883 26.29 -0.71 -34.04
C ARG A 883 26.79 -0.65 -35.49
N PHE A 884 26.00 -0.03 -36.36
CA PHE A 884 26.31 0.17 -37.78
C PHE A 884 27.53 1.07 -38.03
N GLU A 885 27.62 2.13 -37.25
CA GLU A 885 28.74 3.06 -37.21
C GLU A 885 29.94 2.59 -36.37
N ALA A 886 29.66 2.03 -35.20
CA ALA A 886 30.73 1.74 -34.25
C ALA A 886 31.31 0.35 -34.40
N ARG A 887 30.76 -0.43 -35.33
CA ARG A 887 31.38 -1.69 -35.69
C ARG A 887 32.74 -1.35 -36.27
N GLN A 888 32.75 -0.28 -37.06
CA GLN A 888 33.97 0.25 -37.67
C GLN A 888 34.90 0.67 -36.56
N ASN A 889 34.34 1.20 -35.49
CA ASN A 889 35.15 1.57 -34.34
C ASN A 889 35.82 0.30 -33.86
N TRP A 890 35.17 -0.83 -34.09
CA TRP A 890 35.74 -2.13 -33.74
C TRP A 890 35.58 -2.44 -32.27
N THR A 891 34.71 -1.73 -31.59
CA THR A 891 34.40 -2.11 -30.21
C THR A 891 33.26 -3.13 -30.11
N SER A 892 33.03 -3.59 -28.87
CA SER A 892 32.21 -4.77 -28.60
C SER A 892 30.76 -4.60 -29.03
N ILE A 893 30.12 -5.73 -29.33
CA ILE A 893 28.77 -5.68 -29.87
C ILE A 893 27.85 -5.05 -28.86
N GLU A 894 27.15 -4.00 -29.27
CA GLU A 894 26.06 -3.49 -28.46
C GLU A 894 24.84 -4.27 -28.83
N ASN A 895 24.06 -4.69 -27.83
CA ASN A 895 22.75 -5.21 -28.12
C ASN A 895 21.69 -4.24 -27.63
N ILE A 896 20.77 -3.93 -28.53
CA ILE A 896 19.69 -3.00 -28.29
C ILE A 896 18.48 -3.69 -27.69
N LYS A 897 18.42 -5.02 -27.72
CA LYS A 897 17.23 -5.68 -27.19
C LYS A 897 17.13 -5.49 -25.69
N GLU A 898 18.25 -5.39 -24.99
CA GLU A 898 18.09 -5.22 -23.55
C GLU A 898 17.78 -3.78 -23.17
N LEU A 899 18.18 -2.77 -23.96
CA LEU A 899 17.74 -1.42 -23.60
C LEU A 899 16.24 -1.23 -23.84
N LYS A 900 15.68 -1.90 -24.86
CA LYS A 900 14.24 -1.81 -25.02
C LYS A 900 13.52 -2.54 -23.91
N ALA A 901 13.98 -3.74 -23.57
CA ALA A 901 13.36 -4.45 -22.45
C ALA A 901 13.41 -3.60 -21.19
N GLY A 902 14.52 -2.86 -21.01
CA GLY A 902 14.63 -1.97 -19.87
C GLY A 902 13.58 -0.88 -19.89
N TYR A 903 13.44 -0.22 -21.03
CA TYR A 903 12.39 0.78 -21.18
C TYR A 903 11.01 0.17 -20.95
N ILE A 904 10.75 -1.00 -21.55
CA ILE A 904 9.44 -1.66 -21.38
C ILE A 904 9.12 -1.88 -19.90
N SER A 905 10.09 -2.34 -19.10
CA SER A 905 9.78 -2.57 -17.68
C SER A 905 9.47 -1.27 -16.96
N GLN A 906 10.11 -0.18 -17.34
CA GLN A 906 9.72 1.09 -16.76
C GLN A 906 8.30 1.44 -17.17
N VAL A 907 7.96 1.21 -18.44
CA VAL A 907 6.61 1.52 -18.91
C VAL A 907 5.56 0.67 -18.20
N VAL A 908 5.81 -0.66 -18.10
CA VAL A 908 4.83 -1.58 -17.54
C VAL A 908 4.48 -1.21 -16.11
N HIS A 909 5.50 -0.84 -15.32
CA HIS A 909 5.22 -0.35 -13.98
C HIS A 909 4.30 0.87 -14.03
N LYS A 910 4.53 1.78 -14.99
CA LYS A 910 3.71 3.00 -15.03
C LYS A 910 2.29 2.69 -15.42
N ILE A 911 2.11 1.78 -16.39
CA ILE A 911 0.77 1.38 -16.83
C ILE A 911 -0.02 0.79 -15.67
N CYS A 912 0.61 -0.10 -14.88
CA CYS A 912 -0.18 -0.74 -13.84
C CYS A 912 -0.53 0.24 -12.75
N GLU A 913 0.33 1.23 -12.54
CA GLU A 913 -0.03 2.24 -11.56
C GLU A 913 -1.22 3.05 -12.01
N LEU A 914 -1.38 3.24 -13.33
CA LEU A 914 -2.55 3.94 -13.84
C LEU A 914 -3.78 3.07 -13.73
N VAL A 915 -3.63 1.77 -14.04
CA VAL A 915 -4.74 0.84 -13.91
C VAL A 915 -5.30 0.88 -12.50
N GLU A 916 -4.42 0.85 -11.50
CA GLU A 916 -4.88 0.82 -10.11
C GLU A 916 -5.43 2.18 -9.66
N LYS A 917 -4.82 3.27 -10.12
CA LYS A 917 -5.29 4.58 -9.69
C LYS A 917 -6.70 4.86 -10.19
N TYR A 918 -6.98 4.50 -11.44
CA TYR A 918 -8.24 4.84 -12.08
C TYR A 918 -9.17 3.65 -12.24
N ASP A 919 -8.81 2.47 -11.72
CA ASP A 919 -9.58 1.26 -11.92
C ASP A 919 -9.88 1.11 -13.39
N ALA A 920 -8.83 1.15 -14.20
CA ALA A 920 -8.97 1.47 -15.61
C ALA A 920 -8.65 0.28 -16.51
N VAL A 921 -9.46 0.12 -17.57
CA VAL A 921 -9.12 -0.80 -18.64
C VAL A 921 -8.11 -0.14 -19.57
N ILE A 922 -7.48 -0.98 -20.41
CA ILE A 922 -6.45 -0.57 -21.35
C ILE A 922 -7.02 -0.64 -22.75
N ALA A 923 -6.72 0.37 -23.58
CA ALA A 923 -6.98 0.33 -25.01
C ALA A 923 -5.65 0.30 -25.73
N LEU A 924 -5.40 -0.78 -26.46
CA LEU A 924 -4.19 -0.92 -27.28
C LEU A 924 -4.54 -0.83 -28.75
N GLU A 925 -3.52 -0.41 -29.52
CA GLU A 925 -3.60 -0.20 -30.95
C GLU A 925 -3.14 -1.46 -31.68
N ASP A 926 -3.95 -1.95 -32.62
CA ASP A 926 -3.51 -2.98 -33.56
C ASP A 926 -2.33 -2.50 -34.39
N LEU A 927 -1.33 -3.36 -34.58
CA LEU A 927 -0.12 -2.96 -35.28
C LEU A 927 -0.16 -3.44 -36.73
N ASN A 928 0.32 -2.59 -37.64
CA ASN A 928 0.31 -2.98 -39.04
C ASN A 928 1.27 -4.15 -39.21
N SER A 929 0.82 -5.17 -39.95
CA SER A 929 1.66 -6.36 -40.12
C SER A 929 2.96 -5.98 -40.83
N GLY A 930 2.89 -5.09 -41.79
CA GLY A 930 4.06 -4.68 -42.53
C GLY A 930 4.66 -3.50 -41.78
N PHE A 931 5.97 -3.56 -41.58
CA PHE A 931 6.71 -2.46 -40.99
C PHE A 931 7.54 -1.79 -42.09
N LYS A 932 7.25 -0.53 -42.39
CA LYS A 932 7.82 0.17 -43.54
C LYS A 932 8.99 1.08 -43.16
N ASN A 933 9.86 1.31 -44.15
CA ASN A 933 11.14 2.01 -43.95
C ASN A 933 10.95 3.33 -43.21
N SER A 934 11.92 3.65 -42.35
CA SER A 934 12.95 2.67 -41.96
C SER A 934 13.24 2.68 -40.47
N ARG A 935 14.02 1.69 -40.02
CA ARG A 935 14.21 1.39 -38.59
C ARG A 935 12.86 1.01 -37.97
N VAL A 936 12.29 -0.03 -38.54
CA VAL A 936 10.91 -0.42 -38.24
C VAL A 936 10.74 -1.04 -36.85
N LYS A 937 11.62 -1.97 -36.41
CA LYS A 937 11.36 -2.43 -35.04
C LYS A 937 11.62 -1.32 -34.00
N VAL A 938 12.36 -0.24 -34.30
CA VAL A 938 12.37 0.86 -33.31
C VAL A 938 10.96 1.19 -32.85
N GLU A 939 9.99 1.36 -33.77
CA GLU A 939 8.70 1.63 -33.11
C GLU A 939 7.83 0.38 -32.92
N LYS A 940 8.03 -0.71 -33.70
CA LYS A 940 7.18 -1.88 -33.52
C LYS A 940 7.82 -2.88 -32.59
N GLN A 941 9.15 -2.82 -32.41
CA GLN A 941 9.81 -3.72 -31.47
C GLN A 941 9.44 -3.32 -30.07
N VAL A 942 9.60 -2.01 -29.72
CA VAL A 942 9.20 -1.54 -28.39
C VAL A 942 7.69 -1.77 -28.18
N TYR A 943 6.89 -1.63 -29.24
CA TYR A 943 5.44 -1.78 -29.10
C TYR A 943 5.01 -3.25 -28.98
N GLN A 944 5.54 -4.17 -29.80
CA GLN A 944 5.19 -5.58 -29.65
C GLN A 944 5.73 -6.16 -28.35
N LYS A 945 6.92 -5.73 -27.93
CA LYS A 945 7.49 -6.20 -26.67
C LYS A 945 6.74 -5.61 -25.49
N PHE A 946 6.35 -4.34 -25.60
CA PHE A 946 5.48 -3.77 -24.59
C PHE A 946 4.21 -4.61 -24.42
N GLU A 947 3.67 -5.16 -25.51
CA GLU A 947 2.42 -5.91 -25.39
C GLU A 947 2.63 -7.24 -24.67
N LYS A 948 3.60 -8.04 -25.11
CA LYS A 948 3.87 -9.29 -24.42
C LYS A 948 4.15 -9.03 -22.94
N MET A 949 5.04 -8.06 -22.66
CA MET A 949 5.45 -7.81 -21.28
C MET A 949 4.27 -7.41 -20.42
N LEU A 950 3.37 -6.57 -20.96
CA LEU A 950 2.20 -6.09 -20.22
C LEU A 950 1.20 -7.21 -19.96
N ILE A 951 0.93 -8.01 -20.98
CA ILE A 951 0.05 -9.16 -20.79
C ILE A 951 0.60 -10.04 -19.68
N ASP A 952 1.93 -10.19 -19.62
CA ASP A 952 2.56 -11.04 -18.62
C ASP A 952 2.26 -10.52 -17.23
N LYS A 953 2.64 -9.27 -16.97
CA LYS A 953 2.53 -8.72 -15.63
C LYS A 953 1.10 -8.78 -15.14
N LEU A 954 0.16 -8.61 -16.03
CA LEU A 954 -1.23 -8.62 -15.62
C LEU A 954 -1.79 -10.03 -15.35
N ASN A 955 -1.02 -11.10 -15.61
CA ASN A 955 -1.40 -12.43 -15.13
C ASN A 955 -1.36 -12.49 -13.61
N TYR A 956 -0.37 -11.83 -13.01
CA TYR A 956 -0.27 -11.75 -11.58
C TYR A 956 0.36 -10.39 -11.26
N MET A 957 -0.49 -9.40 -11.01
CA MET A 957 -0.06 -8.02 -10.89
C MET A 957 0.02 -7.64 -9.41
N VAL A 958 1.22 -7.33 -8.93
CA VAL A 958 1.47 -7.17 -7.51
C VAL A 958 1.93 -5.75 -7.25
N ASP A 959 1.45 -5.18 -6.17
CA ASP A 959 1.91 -3.90 -5.67
C ASP A 959 2.83 -4.13 -4.46
N LYS A 960 4.14 -4.01 -4.68
CA LYS A 960 5.11 -4.35 -3.63
C LYS A 960 4.91 -3.55 -2.36
N LYS A 961 4.10 -2.51 -2.40
CA LYS A 961 3.92 -1.69 -1.22
C LYS A 961 2.78 -2.17 -0.34
N SER A 962 1.74 -2.78 -0.92
CA SER A 962 0.67 -3.38 -0.14
C SER A 962 1.18 -4.33 0.95
N ASN A 963 0.44 -4.41 2.04
CA ASN A 963 0.56 -5.57 2.88
C ASN A 963 0.38 -6.82 2.03
N PRO A 964 1.30 -7.78 2.11
CA PRO A 964 1.20 -8.98 1.25
C PRO A 964 -0.21 -9.61 1.19
N CYS A 965 -0.95 -9.64 2.28
CA CYS A 965 -2.26 -10.26 2.22
C CYS A 965 -3.36 -9.29 1.85
N ALA A 966 -3.02 -8.02 1.61
CA ALA A 966 -4.04 -7.11 1.13
C ALA A 966 -4.33 -7.39 -0.34
N THR A 967 -5.50 -6.95 -0.77
CA THR A 967 -5.78 -7.01 -2.20
C THR A 967 -4.67 -6.28 -2.95
N GLY A 968 -4.16 -6.93 -4.00
CA GLY A 968 -3.04 -6.43 -4.74
C GLY A 968 -1.69 -6.72 -4.11
N GLY A 969 -1.65 -7.29 -2.92
CA GLY A 969 -0.39 -7.69 -2.35
C GLY A 969 0.18 -8.89 -3.08
N ALA A 970 1.39 -9.30 -2.64
CA ALA A 970 2.05 -10.41 -3.32
C ALA A 970 1.24 -11.70 -3.27
N LEU A 971 0.53 -11.95 -2.16
CA LEU A 971 -0.33 -13.13 -2.03
C LEU A 971 -1.68 -12.96 -2.73
N LYS A 972 -2.13 -11.73 -2.92
CA LYS A 972 -3.44 -11.49 -3.54
C LYS A 972 -3.24 -10.62 -4.77
N GLY A 973 -2.35 -11.04 -5.66
CA GLY A 973 -2.12 -10.29 -6.88
C GLY A 973 -3.35 -10.27 -7.77
N TYR A 974 -3.45 -9.21 -8.57
CA TYR A 974 -4.56 -9.07 -9.49
C TYR A 974 -4.33 -9.92 -10.73
N GLN A 975 -5.42 -10.46 -11.28
CA GLN A 975 -5.32 -11.28 -12.48
C GLN A 975 -6.28 -10.72 -13.53
N ILE A 976 -5.82 -9.80 -14.37
CA ILE A 976 -6.71 -9.14 -15.32
C ILE A 976 -6.39 -9.47 -16.77
N THR A 977 -5.42 -10.32 -17.04
CA THR A 977 -5.27 -10.88 -18.38
C THR A 977 -5.38 -12.38 -18.32
N ASN A 978 -5.83 -12.96 -19.41
CA ASN A 978 -5.96 -14.41 -19.39
C ASN A 978 -4.58 -15.03 -19.51
N LYS A 979 -4.51 -16.28 -19.08
CA LYS A 979 -3.24 -17.01 -19.15
C LYS A 979 -2.66 -16.89 -20.57
N PHE A 980 -1.38 -16.49 -20.67
CA PHE A 980 -0.78 -16.21 -21.97
C PHE A 980 -0.36 -17.51 -22.66
N GLU A 981 -1.32 -18.44 -22.72
CA GLU A 981 -1.11 -19.73 -23.39
C GLU A 981 -0.77 -19.57 -24.88
N SER A 982 -1.53 -18.76 -25.63
CA SER A 982 -1.18 -18.58 -27.02
C SER A 982 -1.13 -17.11 -27.32
N PHE A 983 -1.00 -16.83 -28.60
CA PHE A 983 -0.93 -15.45 -28.99
C PHE A 983 -2.31 -15.00 -29.46
N LYS A 984 -2.95 -15.84 -30.28
CA LYS A 984 -4.18 -15.45 -30.98
C LYS A 984 -5.47 -16.01 -30.36
N SER A 985 -5.40 -16.98 -29.43
CA SER A 985 -6.63 -17.44 -28.77
C SER A 985 -7.45 -16.27 -28.24
N MET A 986 -6.81 -15.35 -27.53
CA MET A 986 -7.36 -14.02 -27.35
C MET A 986 -7.37 -13.29 -28.70
N SER A 987 -8.51 -12.77 -29.09
CA SER A 987 -8.43 -11.59 -29.92
C SER A 987 -9.47 -10.59 -29.46
N THR A 988 -9.22 -9.35 -29.87
CA THR A 988 -9.99 -8.15 -29.60
C THR A 988 -10.06 -7.79 -28.12
N GLN A 989 -10.18 -8.74 -27.20
CA GLN A 989 -10.08 -8.37 -25.80
C GLN A 989 -9.42 -9.48 -24.98
N ASN A 990 -8.61 -9.08 -24.00
CA ASN A 990 -8.04 -10.01 -23.03
C ASN A 990 -8.16 -9.35 -21.65
N GLY A 991 -9.28 -9.60 -20.99
CA GLY A 991 -9.50 -9.03 -19.68
C GLY A 991 -9.60 -7.52 -19.77
N PHE A 992 -8.73 -6.84 -19.05
CA PHE A 992 -8.75 -5.40 -19.09
C PHE A 992 -8.17 -4.82 -20.37
N ILE A 993 -7.63 -5.63 -21.28
CA ILE A 993 -6.97 -5.13 -22.48
C ILE A 993 -7.90 -5.32 -23.65
N PHE A 994 -8.09 -4.27 -24.44
CA PHE A 994 -8.89 -4.31 -25.66
C PHE A 994 -8.01 -3.97 -26.85
N TYR A 995 -8.00 -4.82 -27.88
CA TYR A 995 -7.23 -4.58 -29.09
C TYR A 995 -8.14 -3.94 -30.13
N ILE A 996 -7.93 -2.66 -30.39
CA ILE A 996 -8.90 -1.95 -31.20
C ILE A 996 -8.18 -1.35 -32.42
N PRO A 997 -8.80 -1.37 -33.61
CA PRO A 997 -8.09 -0.88 -34.81
C PRO A 997 -7.88 0.61 -34.77
N ALA A 998 -6.89 1.06 -35.53
CA ALA A 998 -6.39 2.43 -35.44
C ALA A 998 -7.01 3.37 -36.47
N TRP A 999 -7.98 2.92 -37.24
CA TRP A 999 -8.41 3.72 -38.38
C TRP A 999 -9.07 5.04 -37.94
N LEU A 1000 -8.62 6.12 -38.57
CA LEU A 1000 -9.09 7.47 -38.27
C LEU A 1000 -9.04 7.77 -36.76
N THR A 1001 -8.04 7.23 -36.06
CA THR A 1001 -7.83 7.67 -34.69
C THR A 1001 -6.91 8.88 -34.63
N SER A 1002 -6.03 9.02 -35.62
CA SER A 1002 -5.07 10.10 -35.64
C SER A 1002 -5.55 11.28 -36.46
N LYS A 1003 -5.83 11.06 -37.74
CA LYS A 1003 -6.25 12.13 -38.67
C LYS A 1003 -7.77 12.33 -38.58
N ILE A 1004 -8.21 12.84 -37.43
CA ILE A 1004 -9.61 13.16 -37.21
C ILE A 1004 -9.68 14.39 -36.32
N ASP A 1005 -10.66 15.26 -36.56
CA ASP A 1005 -10.85 16.42 -35.71
C ASP A 1005 -11.49 15.95 -34.41
N PRO A 1006 -10.81 16.04 -33.27
CA PRO A 1006 -11.43 15.56 -32.03
C PRO A 1006 -12.61 16.41 -31.59
N SER A 1007 -12.65 17.69 -31.96
CA SER A 1007 -13.79 18.49 -31.57
C SER A 1007 -15.04 18.10 -32.33
N THR A 1008 -14.90 17.71 -33.61
CA THR A 1008 -16.05 17.48 -34.48
C THR A 1008 -16.18 16.06 -35.03
N GLY A 1009 -15.12 15.27 -35.06
CA GLY A 1009 -15.18 13.99 -35.74
C GLY A 1009 -15.00 14.06 -37.25
N PHE A 1010 -14.61 15.21 -37.77
CA PHE A 1010 -14.42 15.33 -39.20
C PHE A 1010 -13.16 14.56 -39.63
N VAL A 1011 -13.26 13.88 -40.78
CA VAL A 1011 -12.10 13.24 -41.41
C VAL A 1011 -12.14 13.56 -42.89
N ASN A 1012 -11.01 13.37 -43.55
CA ASN A 1012 -10.91 13.62 -44.98
C ASN A 1012 -11.19 12.34 -45.75
N LEU A 1013 -12.32 12.30 -46.46
CA LEU A 1013 -12.61 11.20 -47.37
C LEU A 1013 -12.43 11.57 -48.84
N LEU A 1014 -11.92 12.77 -49.14
CA LEU A 1014 -11.77 13.19 -50.52
C LEU A 1014 -10.43 12.71 -51.11
N LYS A 1015 -10.47 12.32 -52.40
CA LYS A 1015 -9.28 11.97 -53.16
C LYS A 1015 -8.80 13.19 -53.96
N THR A 1016 -7.74 13.83 -53.49
CA THR A 1016 -7.34 15.10 -54.09
C THR A 1016 -6.03 15.03 -54.88
N LYS A 1017 -5.48 13.84 -55.13
CA LYS A 1017 -4.34 13.77 -56.06
C LYS A 1017 -4.78 14.25 -57.43
N TYR A 1018 -4.03 15.17 -58.02
CA TYR A 1018 -4.43 15.67 -59.33
C TYR A 1018 -4.37 14.50 -60.31
N THR A 1019 -5.46 14.29 -61.03
CA THR A 1019 -5.44 13.16 -61.94
C THR A 1019 -5.60 13.57 -63.40
N SER A 1020 -6.63 14.35 -63.73
CA SER A 1020 -6.84 14.77 -65.11
C SER A 1020 -7.40 16.19 -65.12
N ILE A 1021 -7.30 16.81 -66.28
CA ILE A 1021 -7.85 18.15 -66.50
C ILE A 1021 -9.38 18.15 -66.35
N ALA A 1022 -10.04 17.11 -66.88
CA ALA A 1022 -11.50 17.02 -66.84
C ALA A 1022 -12.05 16.78 -65.44
N ASP A 1023 -11.38 15.90 -64.67
CA ASP A 1023 -11.90 15.47 -63.38
C ASP A 1023 -11.93 16.60 -62.36
N SER A 1024 -11.00 17.56 -62.48
CA SER A 1024 -10.95 18.66 -61.52
C SER A 1024 -12.19 19.52 -61.58
N LYS A 1025 -12.94 19.49 -62.68
CA LYS A 1025 -14.16 20.29 -62.69
C LYS A 1025 -15.35 19.48 -62.22
N LYS A 1026 -15.27 18.14 -62.22
CA LYS A 1026 -16.32 17.40 -61.52
C LYS A 1026 -16.10 17.45 -60.03
N PHE A 1027 -14.84 17.64 -59.61
CA PHE A 1027 -14.57 17.84 -58.20
C PHE A 1027 -15.19 19.15 -57.69
N ILE A 1028 -15.01 20.23 -58.45
CA ILE A 1028 -15.48 21.55 -58.02
C ILE A 1028 -17.00 21.67 -58.10
N SER A 1029 -17.65 20.96 -59.01
CA SER A 1029 -19.09 21.08 -59.13
C SER A 1029 -19.85 20.21 -58.15
N SER A 1030 -19.17 19.23 -57.53
CA SER A 1030 -19.76 18.42 -56.49
C SER A 1030 -19.77 19.13 -55.14
N PHE A 1031 -18.94 20.15 -54.98
CA PHE A 1031 -19.13 21.08 -53.87
C PHE A 1031 -20.44 21.86 -54.06
N ASP A 1032 -21.14 22.09 -52.95
CA ASP A 1032 -22.40 22.81 -53.05
C ASP A 1032 -22.19 24.31 -53.26
N ARG A 1033 -21.12 24.85 -52.70
CA ARG A 1033 -20.82 26.28 -52.82
C ARG A 1033 -19.35 26.45 -52.51
N ILE A 1034 -18.72 27.44 -53.15
CA ILE A 1034 -17.36 27.86 -52.82
C ILE A 1034 -17.34 29.38 -52.88
N MET A 1035 -17.14 30.03 -51.75
CA MET A 1035 -17.25 31.48 -51.70
C MET A 1035 -16.15 32.04 -50.81
N TYR A 1036 -16.03 33.35 -50.80
CA TYR A 1036 -15.08 34.05 -49.97
C TYR A 1036 -15.86 34.74 -48.85
N VAL A 1037 -15.41 34.59 -47.61
CA VAL A 1037 -16.09 35.26 -46.50
C VAL A 1037 -15.23 36.42 -46.04
N PRO A 1038 -15.48 37.63 -46.54
CA PRO A 1038 -14.57 38.75 -46.27
C PRO A 1038 -14.47 39.09 -44.80
N GLU A 1039 -15.50 38.75 -44.03
CA GLU A 1039 -15.52 39.04 -42.61
C GLU A 1039 -14.49 38.23 -41.84
N GLU A 1040 -14.01 37.13 -42.41
CA GLU A 1040 -13.06 36.26 -41.71
C GLU A 1040 -11.75 36.08 -42.46
N ASP A 1041 -11.58 36.71 -43.62
CA ASP A 1041 -10.45 36.43 -44.51
C ASP A 1041 -10.29 34.92 -44.70
N LEU A 1042 -11.39 34.27 -45.07
CA LEU A 1042 -11.41 32.81 -45.27
C LEU A 1042 -12.16 32.46 -46.55
N PHE A 1043 -11.71 31.40 -47.20
CA PHE A 1043 -12.45 30.77 -48.30
C PHE A 1043 -13.23 29.56 -47.77
N GLU A 1044 -14.55 29.61 -47.93
CA GLU A 1044 -15.42 28.53 -47.46
C GLU A 1044 -15.72 27.55 -48.60
N PHE A 1045 -15.72 26.27 -48.28
CA PHE A 1045 -16.05 25.21 -49.24
C PHE A 1045 -17.17 24.39 -48.61
N ALA A 1046 -18.40 24.64 -49.02
CA ALA A 1046 -19.54 23.89 -48.51
C ALA A 1046 -19.63 22.58 -49.28
N LEU A 1047 -19.41 21.45 -48.62
CA LEU A 1047 -19.54 20.17 -49.30
C LEU A 1047 -20.57 19.27 -48.62
N ASP A 1048 -21.24 18.47 -49.45
CA ASP A 1048 -22.05 17.36 -48.97
C ASP A 1048 -21.38 16.09 -49.48
N TYR A 1049 -20.84 15.29 -48.56
CA TYR A 1049 -20.04 14.14 -48.90
C TYR A 1049 -20.76 13.16 -49.80
N LYS A 1050 -22.10 13.22 -49.87
CA LYS A 1050 -22.85 12.27 -50.66
C LYS A 1050 -22.63 12.47 -52.16
N ASN A 1051 -22.03 13.59 -52.57
CA ASN A 1051 -21.70 13.86 -53.96
C ASN A 1051 -20.30 13.38 -54.34
N PHE A 1052 -19.63 12.65 -53.45
CA PHE A 1052 -18.28 12.16 -53.69
C PHE A 1052 -18.22 10.67 -53.40
N SER A 1053 -17.35 9.96 -54.10
CA SER A 1053 -17.28 8.52 -53.96
C SER A 1053 -16.53 8.10 -52.70
N ARG A 1054 -16.98 6.98 -52.10
CA ARG A 1054 -16.30 6.29 -51.00
C ARG A 1054 -16.39 7.06 -49.69
N THR A 1055 -17.51 7.79 -49.52
CA THR A 1055 -17.76 8.59 -48.33
C THR A 1055 -18.94 8.07 -47.52
N ASP A 1056 -19.22 6.76 -47.61
CA ASP A 1056 -20.36 6.23 -46.88
C ASP A 1056 -20.17 6.34 -45.36
N ALA A 1057 -18.96 6.08 -44.89
CA ALA A 1057 -18.71 5.98 -43.45
C ALA A 1057 -19.08 7.26 -42.72
N ASP A 1058 -18.92 8.42 -43.36
CA ASP A 1058 -19.22 9.69 -42.71
C ASP A 1058 -20.68 9.73 -42.29
N TYR A 1059 -20.94 10.25 -41.10
CA TYR A 1059 -22.32 10.40 -40.67
C TYR A 1059 -22.87 11.78 -40.99
N ILE A 1060 -22.14 12.87 -40.67
CA ILE A 1060 -22.67 14.24 -40.81
C ILE A 1060 -22.97 14.56 -42.26
N LYS A 1061 -22.12 14.10 -43.18
CA LYS A 1061 -22.31 14.30 -44.61
C LYS A 1061 -22.05 15.74 -45.02
N LYS A 1062 -22.78 16.70 -44.45
CA LYS A 1062 -22.71 18.09 -44.88
C LYS A 1062 -21.72 18.84 -44.00
N TRP A 1063 -20.62 19.31 -44.59
CA TRP A 1063 -19.60 20.06 -43.85
C TRP A 1063 -19.26 21.34 -44.60
N LYS A 1064 -18.85 22.36 -43.85
CA LYS A 1064 -18.32 23.59 -44.40
C LYS A 1064 -16.83 23.71 -44.04
N LEU A 1065 -15.96 23.58 -45.05
CA LEU A 1065 -14.51 23.67 -44.87
C LEU A 1065 -14.07 25.11 -45.06
N TYR A 1066 -13.02 25.50 -44.35
CA TYR A 1066 -12.45 26.84 -44.50
C TYR A 1066 -10.96 26.75 -44.74
N SER A 1067 -10.42 27.80 -45.38
CA SER A 1067 -8.99 27.91 -45.62
C SER A 1067 -8.33 28.59 -44.43
N TYR A 1068 -8.39 27.91 -43.28
CA TYR A 1068 -7.94 28.49 -42.02
C TYR A 1068 -6.57 27.93 -41.64
N GLY A 1069 -5.66 28.83 -41.24
CA GLY A 1069 -4.37 28.45 -40.70
C GLY A 1069 -3.37 28.01 -41.73
N ASN A 1070 -2.20 27.57 -41.23
CA ASN A 1070 -1.13 27.07 -42.08
C ASN A 1070 -1.20 25.56 -42.23
N ARG A 1071 -0.47 25.05 -43.23
CA ARG A 1071 -0.26 23.62 -43.43
C ARG A 1071 1.20 23.42 -43.81
N ILE A 1072 1.63 22.17 -43.94
CA ILE A 1072 3.01 21.85 -44.26
C ILE A 1072 3.05 21.01 -45.53
N ARG A 1073 3.88 21.41 -46.49
CA ARG A 1073 4.06 20.73 -47.76
C ARG A 1073 5.38 19.95 -47.77
N ILE A 1074 5.45 18.91 -48.63
CA ILE A 1074 6.68 18.14 -48.86
C ILE A 1074 6.99 18.10 -50.37
N PHE A 1075 8.28 18.13 -50.72
CA PHE A 1075 8.77 17.90 -52.08
C PHE A 1075 8.88 16.42 -52.46
N ARG A 1076 8.74 16.15 -53.76
CA ARG A 1076 8.92 14.82 -54.34
C ARG A 1076 10.25 14.61 -55.07
N ASN A 1077 10.99 15.67 -55.43
CA ASN A 1077 12.31 15.50 -56.06
C ASN A 1077 13.27 16.67 -55.84
N PHE A 1084 16.23 21.78 -47.16
CA PHE A 1084 14.94 21.27 -46.70
C PHE A 1084 14.04 20.97 -47.91
N ASP A 1085 13.57 19.72 -48.02
CA ASP A 1085 12.66 19.40 -49.12
C ASP A 1085 11.22 19.81 -48.84
N TRP A 1086 10.90 20.18 -47.61
CA TRP A 1086 9.56 20.61 -47.32
C TRP A 1086 9.50 22.12 -47.13
N GLU A 1087 8.35 22.67 -47.50
CA GLU A 1087 8.08 24.10 -47.47
C GLU A 1087 6.75 24.27 -46.76
N GLU A 1088 6.51 25.47 -46.23
CA GLU A 1088 5.26 25.65 -45.49
C GLU A 1088 4.29 26.74 -45.96
N VAL A 1089 3.07 26.26 -46.36
CA VAL A 1089 2.02 27.05 -47.01
C VAL A 1089 1.10 27.68 -45.98
N CYS A 1090 0.64 28.90 -46.25
CA CYS A 1090 -0.49 29.52 -45.56
C CYS A 1090 -1.67 29.57 -46.53
N LEU A 1091 -2.79 28.94 -46.17
CA LEU A 1091 -3.78 28.58 -47.17
C LEU A 1091 -4.42 29.79 -47.83
N THR A 1092 -4.88 30.76 -47.03
CA THR A 1092 -5.70 31.84 -47.59
C THR A 1092 -4.92 32.69 -48.59
N SER A 1093 -3.60 32.71 -48.49
CA SER A 1093 -2.84 33.46 -49.47
C SER A 1093 -2.60 32.66 -50.75
N ALA A 1094 -2.50 31.33 -50.63
CA ALA A 1094 -2.36 30.50 -51.82
C ALA A 1094 -3.62 30.55 -52.69
N TYR A 1095 -4.79 30.46 -52.06
CA TYR A 1095 -6.03 30.59 -52.81
C TYR A 1095 -6.15 31.99 -53.39
N LYS A 1096 -5.77 33.01 -52.61
CA LYS A 1096 -5.84 34.37 -53.14
C LYS A 1096 -4.85 34.58 -54.27
N GLU A 1097 -3.61 34.10 -54.10
CA GLU A 1097 -2.61 34.30 -55.13
C GLU A 1097 -2.94 33.48 -56.39
N LEU A 1098 -3.43 32.25 -56.21
CA LEU A 1098 -3.79 31.45 -57.38
C LEU A 1098 -4.93 32.11 -58.17
N PHE A 1099 -5.94 32.64 -57.46
CA PHE A 1099 -7.03 33.30 -58.17
C PHE A 1099 -6.56 34.55 -58.88
N ASN A 1100 -5.69 35.34 -58.25
CA ASN A 1100 -5.10 36.48 -58.93
C ASN A 1100 -4.26 36.02 -60.13
N LYS A 1101 -3.46 34.96 -59.96
CA LYS A 1101 -2.58 34.53 -61.05
C LYS A 1101 -3.36 34.19 -62.31
N TYR A 1102 -4.55 33.60 -62.16
CA TYR A 1102 -5.30 33.15 -63.33
C TYR A 1102 -6.57 33.98 -63.57
N GLY A 1103 -6.63 35.19 -63.04
CA GLY A 1103 -7.71 36.08 -63.42
C GLY A 1103 -9.06 35.74 -62.85
N ILE A 1104 -9.11 34.93 -61.82
CA ILE A 1104 -10.35 34.66 -61.12
C ILE A 1104 -10.43 35.63 -59.96
N ASN A 1105 -11.61 36.18 -59.73
CA ASN A 1105 -11.82 37.04 -58.57
C ASN A 1105 -12.61 36.27 -57.51
N TYR A 1106 -11.96 36.06 -56.35
CA TYR A 1106 -12.60 35.31 -55.29
C TYR A 1106 -13.83 36.01 -54.74
N GLN A 1107 -13.82 37.35 -54.68
CA GLN A 1107 -14.93 38.06 -54.04
C GLN A 1107 -16.22 37.92 -54.80
N GLN A 1108 -16.18 37.30 -55.99
CA GLN A 1108 -17.40 37.13 -56.78
C GLN A 1108 -18.12 35.88 -56.27
N GLY A 1109 -18.41 35.84 -54.96
CA GLY A 1109 -19.28 34.86 -54.34
C GLY A 1109 -19.09 33.39 -54.70
N ASP A 1110 -20.16 32.78 -55.19
CA ASP A 1110 -20.09 31.36 -55.51
C ASP A 1110 -19.27 31.25 -56.78
N ILE A 1111 -18.08 30.69 -56.65
CA ILE A 1111 -17.07 30.77 -57.69
C ILE A 1111 -16.83 29.41 -58.33
N ARG A 1112 -17.74 28.45 -58.13
CA ARG A 1112 -17.54 27.12 -58.72
C ARG A 1112 -17.56 27.17 -60.23
N ALA A 1113 -18.56 27.87 -60.80
CA ALA A 1113 -18.62 28.00 -62.26
C ALA A 1113 -17.37 28.71 -62.78
N LEU A 1114 -16.94 29.75 -62.06
CA LEU A 1114 -15.77 30.51 -62.45
C LEU A 1114 -14.52 29.63 -62.52
N LEU A 1115 -14.32 28.75 -61.54
CA LEU A 1115 -13.13 27.91 -61.52
C LEU A 1115 -13.09 26.95 -62.71
N CYS A 1116 -14.25 26.39 -63.08
CA CYS A 1116 -14.27 25.39 -64.14
C CYS A 1116 -14.12 26.01 -65.52
N GLU A 1117 -14.38 27.32 -65.63
CA GLU A 1117 -14.16 28.04 -66.88
C GLU A 1117 -12.69 28.20 -67.21
N GLN A 1118 -11.79 28.11 -66.22
CA GLN A 1118 -10.36 28.16 -66.50
C GLN A 1118 -9.97 27.08 -67.50
N SER A 1119 -8.96 27.40 -68.34
CA SER A 1119 -8.54 26.46 -69.35
C SER A 1119 -7.13 25.91 -69.17
N ASP A 1120 -6.33 26.46 -68.26
CA ASP A 1120 -4.95 26.01 -68.11
C ASP A 1120 -4.90 24.97 -67.00
N LYS A 1121 -4.27 23.83 -67.28
CA LYS A 1121 -4.33 22.76 -66.30
C LYS A 1121 -3.44 23.05 -65.09
N ALA A 1122 -2.49 23.98 -65.22
CA ALA A 1122 -1.68 24.38 -64.07
C ALA A 1122 -2.54 24.93 -62.93
N PHE A 1123 -3.64 25.61 -63.27
CA PHE A 1123 -4.57 26.08 -62.24
C PHE A 1123 -5.24 24.91 -61.52
N TYR A 1124 -5.69 23.90 -62.29
CA TYR A 1124 -6.31 22.74 -61.68
C TYR A 1124 -5.33 21.95 -60.83
N SER A 1125 -4.08 21.78 -61.32
CA SER A 1125 -3.09 21.04 -60.56
C SER A 1125 -2.70 21.76 -59.28
N SER A 1126 -2.63 23.09 -59.31
CA SER A 1126 -2.27 23.80 -58.10
C SER A 1126 -3.47 24.07 -57.21
N PHE A 1127 -4.68 23.95 -57.74
CA PHE A 1127 -5.86 24.08 -56.90
C PHE A 1127 -6.13 22.79 -56.14
N MET A 1128 -5.98 21.63 -56.78
CA MET A 1128 -6.15 20.39 -56.03
C MET A 1128 -5.01 20.17 -55.05
N ALA A 1129 -3.83 20.71 -55.33
CA ALA A 1129 -2.75 20.69 -54.34
C ALA A 1129 -3.15 21.45 -53.09
N LEU A 1130 -4.00 22.47 -53.21
CA LEU A 1130 -4.52 23.14 -52.02
C LEU A 1130 -5.69 22.39 -51.42
N MET A 1131 -6.55 21.80 -52.26
CA MET A 1131 -7.61 20.99 -51.68
C MET A 1131 -7.08 19.67 -51.15
N SER A 1132 -5.76 19.46 -51.17
CA SER A 1132 -5.14 18.30 -50.57
C SER A 1132 -4.47 18.67 -49.28
N LEU A 1133 -4.05 19.92 -49.18
CA LEU A 1133 -3.32 20.41 -48.04
C LEU A 1133 -4.22 21.07 -47.03
N MET A 1134 -5.29 21.72 -47.47
CA MET A 1134 -6.30 22.17 -46.53
C MET A 1134 -6.93 21.00 -45.80
N LEU A 1135 -7.10 19.87 -46.49
CA LEU A 1135 -7.65 18.66 -45.89
C LEU A 1135 -6.63 17.89 -45.08
N GLN A 1136 -5.34 18.23 -45.15
CA GLN A 1136 -4.33 17.52 -44.38
C GLN A 1136 -4.31 18.08 -42.96
N MET A 1137 -5.01 17.40 -42.05
CA MET A 1137 -5.12 17.94 -40.69
C MET A 1137 -3.87 17.67 -39.87
N ARG A 1138 -3.23 16.52 -40.05
CA ARG A 1138 -1.99 16.25 -39.33
C ARG A 1138 -0.83 16.85 -40.10
N ASN A 1139 -0.05 17.68 -39.44
CA ASN A 1139 1.14 18.25 -40.07
C ASN A 1139 2.35 17.85 -39.23
N SER A 1140 3.27 17.12 -39.88
CA SER A 1140 4.63 16.91 -39.41
C SER A 1140 5.44 16.37 -40.55
N ILE A 1141 6.74 16.25 -40.31
CA ILE A 1141 7.74 16.04 -41.34
C ILE A 1141 8.55 14.78 -41.06
N THR A 1142 8.83 14.01 -42.14
CA THR A 1142 9.86 12.97 -42.08
C THR A 1142 11.00 13.45 -41.20
N GLY A 1143 11.23 12.75 -40.09
CA GLY A 1143 12.29 13.17 -39.21
C GLY A 1143 11.97 14.33 -38.30
N ARG A 1144 10.95 15.14 -38.62
CA ARG A 1144 10.66 16.32 -37.81
C ARG A 1144 10.17 15.95 -36.43
N THR A 1145 11.03 16.24 -35.48
CA THR A 1145 10.71 16.20 -34.07
C THR A 1145 9.85 17.40 -33.66
N ASP A 1146 10.06 18.55 -34.30
CA ASP A 1146 9.63 19.84 -33.77
C ASP A 1146 8.11 20.05 -33.79
N VAL A 1147 7.49 19.99 -34.96
CA VAL A 1147 6.07 20.37 -35.12
C VAL A 1147 5.28 19.10 -35.41
N ASP A 1148 4.22 18.89 -34.62
CA ASP A 1148 3.32 17.73 -34.73
C ASP A 1148 1.86 18.18 -34.75
N PHE A 1149 1.60 19.41 -35.19
CA PHE A 1149 0.31 20.02 -34.91
C PHE A 1149 -0.83 19.42 -35.73
N LEU A 1150 -2.02 19.52 -35.17
CA LEU A 1150 -3.25 19.05 -35.77
C LEU A 1150 -4.19 20.24 -35.86
N ILE A 1151 -4.53 20.66 -37.08
CA ILE A 1151 -5.39 21.80 -37.30
C ILE A 1151 -6.50 21.34 -38.23
N SER A 1152 -7.67 21.91 -38.06
CA SER A 1152 -8.85 21.45 -38.76
C SER A 1152 -9.41 22.50 -39.71
N PRO A 1153 -10.00 22.09 -40.82
CA PRO A 1153 -10.71 23.03 -41.69
C PRO A 1153 -12.15 23.27 -41.29
N VAL A 1154 -12.66 22.68 -40.19
CA VAL A 1154 -14.08 22.76 -39.88
C VAL A 1154 -14.29 23.46 -38.55
N LYS A 1155 -15.38 24.21 -38.45
CA LYS A 1155 -15.76 24.85 -37.20
C LYS A 1155 -16.60 23.91 -36.34
N ASN A 1156 -16.62 24.16 -35.04
CA ASN A 1156 -17.44 23.36 -34.15
C ASN A 1156 -18.71 24.14 -33.83
N SER A 1157 -19.57 23.56 -32.97
CA SER A 1157 -20.84 24.18 -32.61
C SER A 1157 -20.67 25.62 -32.16
N ASP A 1158 -19.56 25.93 -31.47
CA ASP A 1158 -19.27 27.28 -31.01
C ASP A 1158 -18.40 28.06 -31.99
N GLY A 1159 -18.30 27.62 -33.24
CA GLY A 1159 -17.66 28.38 -34.29
C GLY A 1159 -16.16 28.56 -34.17
N ILE A 1160 -15.44 27.54 -33.69
CA ILE A 1160 -14.00 27.65 -33.46
C ILE A 1160 -13.28 26.52 -34.19
N PHE A 1161 -12.16 26.85 -34.85
CA PHE A 1161 -11.29 25.84 -35.46
C PHE A 1161 -10.38 25.26 -34.38
N TYR A 1162 -9.84 24.08 -34.64
CA TYR A 1162 -9.08 23.34 -33.64
C TYR A 1162 -7.59 23.34 -33.99
N ASP A 1163 -6.76 23.89 -33.09
CA ASP A 1163 -5.31 23.67 -33.13
C ASP A 1163 -4.89 22.85 -31.92
N SER A 1164 -4.22 21.73 -32.17
CA SER A 1164 -3.48 21.10 -31.09
C SER A 1164 -2.57 22.13 -30.43
N ARG A 1165 -2.01 23.05 -31.24
CA ARG A 1165 -1.07 24.03 -30.71
C ARG A 1165 -1.72 24.95 -29.69
N ASN A 1166 -3.03 25.17 -29.77
CA ASN A 1166 -3.70 25.93 -28.71
C ASN A 1166 -3.63 25.20 -27.38
N TYR A 1167 -3.42 23.89 -27.40
CA TYR A 1167 -3.46 23.04 -26.23
C TYR A 1167 -2.09 22.55 -25.79
N GLU A 1168 -1.10 22.50 -26.69
CA GLU A 1168 0.24 22.03 -26.32
C GLU A 1168 0.80 22.87 -25.18
N ALA A 1169 0.41 24.14 -25.10
CA ALA A 1169 0.99 25.04 -24.11
C ALA A 1169 0.46 24.75 -22.70
N GLN A 1170 -0.86 24.68 -22.54
CA GLN A 1170 -1.43 24.61 -21.20
C GLN A 1170 -1.11 23.31 -20.49
N GLU A 1171 -1.26 23.33 -19.17
CA GLU A 1171 -0.89 22.19 -18.34
C GLU A 1171 -1.97 21.12 -18.28
N ASN A 1172 -3.24 21.52 -18.41
CA ASN A 1172 -4.37 20.60 -18.24
C ASN A 1172 -5.37 20.77 -19.41
N ALA A 1173 -5.00 20.27 -20.59
CA ALA A 1173 -5.81 20.46 -21.79
C ALA A 1173 -6.96 19.47 -21.85
N ILE A 1174 -8.17 19.99 -22.10
CA ILE A 1174 -9.34 19.12 -22.22
C ILE A 1174 -9.41 18.47 -23.60
N LEU A 1175 -8.50 18.81 -24.50
CA LEU A 1175 -8.40 18.23 -25.84
C LEU A 1175 -6.99 17.75 -26.08
N PRO A 1176 -6.76 16.90 -27.08
CA PRO A 1176 -5.41 16.42 -27.35
C PRO A 1176 -4.43 17.56 -27.63
N LYS A 1177 -3.16 17.34 -27.28
CA LYS A 1177 -2.09 18.34 -27.42
C LYS A 1177 -1.31 18.20 -28.72
N ASN A 1178 -1.48 17.12 -29.47
CA ASN A 1178 -0.78 16.93 -30.73
C ASN A 1178 -1.34 15.66 -31.35
N ALA A 1179 -0.89 15.38 -32.58
CA ALA A 1179 -1.45 14.28 -33.34
C ALA A 1179 -1.27 12.95 -32.62
N ASP A 1180 -0.23 12.85 -31.79
CA ASP A 1180 -0.08 11.61 -31.04
C ASP A 1180 -0.99 11.55 -29.82
N ALA A 1181 -1.16 12.65 -29.10
CA ALA A 1181 -2.17 12.67 -28.05
C ALA A 1181 -3.55 12.36 -28.62
N ASN A 1182 -3.83 12.85 -29.83
CA ASN A 1182 -5.13 12.62 -30.45
C ASN A 1182 -5.36 11.13 -30.72
N GLY A 1183 -4.36 10.49 -31.34
CA GLY A 1183 -4.46 9.06 -31.63
C GLY A 1183 -4.73 8.22 -30.40
N ALA A 1184 -3.96 8.43 -29.34
CA ALA A 1184 -4.20 7.70 -28.10
C ALA A 1184 -5.64 7.92 -27.61
N TYR A 1185 -6.06 9.19 -27.60
CA TYR A 1185 -7.38 9.59 -27.13
C TYR A 1185 -8.47 8.85 -27.90
N ASN A 1186 -8.31 8.72 -29.20
CA ASN A 1186 -9.37 8.09 -29.97
C ASN A 1186 -9.37 6.57 -29.81
N ILE A 1187 -8.19 5.97 -29.69
CA ILE A 1187 -8.12 4.57 -29.32
C ILE A 1187 -8.83 4.37 -27.99
N ALA A 1188 -8.71 5.34 -27.07
CA ALA A 1188 -9.45 5.23 -25.82
C ALA A 1188 -10.94 5.35 -26.06
N ARG A 1189 -11.35 6.35 -26.85
CA ARG A 1189 -12.77 6.59 -27.11
C ARG A 1189 -13.42 5.42 -27.85
N LYS A 1190 -12.71 4.79 -28.78
CA LYS A 1190 -13.28 3.61 -29.41
C LYS A 1190 -13.61 2.53 -28.40
N VAL A 1191 -12.84 2.42 -27.31
CA VAL A 1191 -13.18 1.45 -26.28
C VAL A 1191 -14.39 1.92 -25.51
N LEU A 1192 -14.47 3.24 -25.25
CA LEU A 1192 -15.67 3.82 -24.66
C LEU A 1192 -16.89 3.37 -25.44
N TRP A 1193 -16.82 3.50 -26.76
CA TRP A 1193 -17.89 3.04 -27.62
C TRP A 1193 -18.28 1.61 -27.27
N ALA A 1194 -17.30 0.70 -27.17
CA ALA A 1194 -17.63 -0.69 -26.85
C ALA A 1194 -18.32 -0.80 -25.50
N ILE A 1195 -17.87 -0.02 -24.51
CA ILE A 1195 -18.54 -0.01 -23.20
C ILE A 1195 -19.98 0.43 -23.37
N GLY A 1196 -20.21 1.38 -24.29
CA GLY A 1196 -21.58 1.80 -24.57
C GLY A 1196 -22.42 0.67 -25.10
N GLN A 1197 -21.84 -0.13 -26.00
CA GLN A 1197 -22.51 -1.32 -26.49
C GLN A 1197 -22.77 -2.30 -25.35
N PHE A 1198 -21.81 -2.45 -24.42
CA PHE A 1198 -22.07 -3.34 -23.30
C PHE A 1198 -23.29 -2.84 -22.52
N LYS A 1199 -23.41 -1.52 -22.36
CA LYS A 1199 -24.47 -0.97 -21.55
C LYS A 1199 -25.83 -1.09 -22.22
N LYS A 1200 -25.88 -1.24 -23.53
CA LYS A 1200 -27.16 -1.40 -24.22
C LYS A 1200 -27.59 -2.85 -24.31
N ALA A 1201 -26.66 -3.78 -24.05
CA ALA A 1201 -26.94 -5.20 -24.10
C ALA A 1201 -27.41 -5.71 -22.75
N GLU A 1202 -27.81 -6.97 -22.70
CA GLU A 1202 -28.26 -7.57 -21.46
C GLU A 1202 -27.20 -8.54 -21.01
N ASP A 1203 -27.01 -8.66 -19.70
CA ASP A 1203 -25.86 -9.40 -19.17
C ASP A 1203 -25.66 -10.72 -19.90
N GLU A 1204 -26.75 -11.44 -20.17
CA GLU A 1204 -26.69 -12.75 -20.79
C GLU A 1204 -26.24 -12.69 -22.24
N LYS A 1205 -26.30 -11.52 -22.88
CA LYS A 1205 -25.88 -11.39 -24.27
C LYS A 1205 -24.56 -10.65 -24.40
N LEU A 1206 -23.92 -10.27 -23.27
CA LEU A 1206 -22.67 -9.52 -23.29
C LEU A 1206 -21.57 -10.28 -24.02
N ASP A 1207 -21.50 -11.60 -23.81
CA ASP A 1207 -20.44 -12.41 -24.40
C ASP A 1207 -20.41 -12.37 -25.93
N LYS A 1208 -21.56 -12.13 -26.58
CA LYS A 1208 -21.63 -12.14 -28.02
C LYS A 1208 -21.61 -10.73 -28.63
N VAL A 1209 -21.51 -9.69 -27.81
CA VAL A 1209 -21.43 -8.32 -28.33
C VAL A 1209 -20.11 -8.10 -29.05
N LYS A 1210 -20.20 -7.57 -30.28
CA LYS A 1210 -19.01 -7.31 -31.09
C LYS A 1210 -18.42 -5.95 -30.70
N ILE A 1211 -17.16 -5.96 -30.27
CA ILE A 1211 -16.45 -4.74 -29.87
C ILE A 1211 -15.41 -4.31 -30.88
N ALA A 1212 -15.29 -4.99 -32.02
CA ALA A 1212 -14.41 -4.53 -33.09
C ALA A 1212 -15.20 -3.47 -33.87
N ILE A 1213 -14.84 -2.20 -33.69
CA ILE A 1213 -15.68 -1.10 -34.16
C ILE A 1213 -15.38 -0.80 -35.62
N SER A 1214 -16.44 -0.65 -36.40
CA SER A 1214 -16.36 -0.32 -37.81
C SER A 1214 -16.13 1.16 -38.04
N ASN A 1215 -15.60 1.47 -39.23
CA ASN A 1215 -15.40 2.85 -39.62
C ASN A 1215 -16.71 3.61 -39.63
N LYS A 1216 -17.83 2.92 -39.85
CA LYS A 1216 -19.12 3.61 -39.87
C LYS A 1216 -19.55 4.00 -38.46
N GLU A 1217 -19.43 3.06 -37.51
CA GLU A 1217 -19.81 3.36 -36.13
C GLU A 1217 -18.85 4.36 -35.49
N TRP A 1218 -17.55 4.26 -35.79
CA TRP A 1218 -16.59 5.20 -35.23
C TRP A 1218 -16.92 6.63 -35.62
N LEU A 1219 -17.06 6.87 -36.92
CA LEU A 1219 -17.40 8.21 -37.40
C LEU A 1219 -18.72 8.70 -36.80
N GLU A 1220 -19.75 7.84 -36.78
CA GLU A 1220 -21.01 8.20 -36.12
C GLU A 1220 -20.78 8.55 -34.66
N TYR A 1221 -19.94 7.78 -33.98
CA TYR A 1221 -19.64 8.05 -32.57
C TYR A 1221 -18.89 9.36 -32.43
N ALA A 1222 -17.77 9.49 -33.16
CA ALA A 1222 -16.95 10.68 -32.98
C ALA A 1222 -17.66 11.95 -33.39
N GLN A 1223 -18.65 11.86 -34.28
CA GLN A 1223 -19.37 13.02 -34.78
C GLN A 1223 -20.60 13.38 -33.98
N THR A 1224 -21.03 12.54 -33.04
CA THR A 1224 -22.28 12.76 -32.32
C THR A 1224 -22.13 12.88 -30.81
N SER A 1225 -21.00 12.50 -30.23
CA SER A 1225 -20.77 12.66 -28.80
C SER A 1225 -20.20 14.03 -28.45
N VAL A 1226 -20.51 15.05 -29.25
CA VAL A 1226 -20.12 16.42 -28.94
C VAL A 1226 -21.31 17.37 -29.21
N MET E 1 -14.13 4.40 -6.54
CA MET E 1 -14.81 3.10 -6.67
C MET E 1 -15.17 2.52 -5.26
N SER E 2 -14.23 2.40 -4.33
CA SER E 2 -14.67 2.14 -2.95
C SER E 2 -15.17 3.44 -2.31
N LYS E 3 -16.03 3.32 -1.30
CA LYS E 3 -16.52 4.52 -0.64
C LYS E 3 -15.39 5.30 0.01
N LEU E 4 -14.37 4.61 0.55
CA LEU E 4 -13.27 5.31 1.17
C LEU E 4 -12.61 6.31 0.22
N GLU E 5 -12.46 5.97 -1.07
CA GLU E 5 -11.61 6.79 -1.92
C GLU E 5 -12.13 8.21 -2.03
N LYS E 6 -13.39 8.45 -1.64
CA LYS E 6 -13.90 9.81 -1.71
C LYS E 6 -13.37 10.69 -0.59
N PHE E 7 -12.98 10.12 0.54
CA PHE E 7 -12.70 10.95 1.72
C PHE E 7 -11.21 11.29 1.83
N THR E 8 -10.71 11.98 0.80
CA THR E 8 -9.36 12.53 0.86
C THR E 8 -9.40 14.03 0.58
N ASN E 9 -8.43 14.73 1.18
CA ASN E 9 -8.30 16.18 1.08
C ASN E 9 -9.61 16.90 1.40
N CYS E 10 -10.18 16.58 2.57
CA CYS E 10 -11.45 17.14 3.01
C CYS E 10 -11.33 18.25 4.04
N TYR E 11 -10.33 18.20 4.92
CA TYR E 11 -10.18 19.29 5.86
C TYR E 11 -8.82 19.23 6.50
N SER E 12 -8.33 20.39 6.92
CA SER E 12 -7.00 20.49 7.45
C SER E 12 -6.97 20.15 8.92
N LEU E 13 -5.83 19.60 9.36
CA LEU E 13 -5.62 19.34 10.78
C LEU E 13 -4.13 19.47 11.06
N SER E 14 -3.80 19.62 12.35
CA SER E 14 -2.45 19.85 12.81
C SER E 14 -1.96 18.70 13.66
N LYS E 15 -0.68 18.39 13.53
CA LYS E 15 -0.08 17.39 14.39
C LYS E 15 1.30 17.87 14.76
N THR E 16 1.81 17.33 15.86
CA THR E 16 3.13 17.64 16.34
C THR E 16 3.99 16.40 16.28
N LEU E 17 5.19 16.54 15.72
CA LEU E 17 6.17 15.46 15.71
C LEU E 17 7.20 15.74 16.79
N ARG E 18 7.55 14.71 17.56
CA ARG E 18 8.53 14.83 18.64
C ARG E 18 9.82 14.10 18.28
N PHE E 19 10.95 14.74 18.53
CA PHE E 19 12.22 14.06 18.29
C PHE E 19 13.21 14.29 19.43
N LYS E 20 14.09 13.30 19.59
CA LYS E 20 15.35 13.54 20.26
C LYS E 20 16.19 14.50 19.43
N ALA E 21 16.91 15.39 20.11
CA ALA E 21 17.89 16.25 19.45
C ALA E 21 19.26 15.94 20.00
N ILE E 22 20.16 15.44 19.15
CA ILE E 22 21.49 14.97 19.56
C ILE E 22 22.50 16.04 19.24
N PRO E 23 23.25 16.59 20.23
CA PRO E 23 24.29 17.56 19.95
C PRO E 23 25.38 16.92 19.09
N VAL E 24 26.02 17.76 18.27
CA VAL E 24 27.06 17.33 17.36
C VAL E 24 28.32 18.12 17.66
N GLY E 25 29.47 17.43 17.74
CA GLY E 25 30.73 18.15 17.90
C GLY E 25 30.86 18.76 19.27
N LYS E 26 31.47 19.95 19.34
CA LYS E 26 31.62 20.63 20.62
C LYS E 26 30.40 21.48 20.98
N THR E 27 29.23 21.13 20.42
CA THR E 27 27.99 21.83 20.74
C THR E 27 27.73 21.79 22.24
N GLN E 28 27.70 20.59 22.83
CA GLN E 28 27.35 20.50 24.25
C GLN E 28 28.40 21.16 25.14
N GLU E 29 29.69 21.08 24.77
CA GLU E 29 30.73 21.76 25.55
C GLU E 29 30.57 23.27 25.51
N ASN E 30 30.40 23.84 24.32
CA ASN E 30 30.20 25.28 24.24
C ASN E 30 28.92 25.70 24.96
N ILE E 31 27.85 24.91 24.82
CA ILE E 31 26.63 25.21 25.55
C ILE E 31 26.90 25.22 27.06
N ASP E 32 27.67 24.24 27.56
CA ASP E 32 27.98 24.14 28.98
C ASP E 32 28.88 25.29 29.43
N ASN E 33 29.93 25.60 28.66
CA ASN E 33 30.86 26.66 29.04
C ASN E 33 30.16 28.01 29.09
N LYS E 34 29.13 28.22 28.27
CA LYS E 34 28.37 29.46 28.33
C LYS E 34 27.23 29.40 29.34
N ARG E 35 27.03 28.26 30.00
CA ARG E 35 26.01 28.10 31.05
C ARG E 35 24.61 28.47 30.55
N LEU E 36 24.34 28.12 29.29
CA LEU E 36 23.04 28.40 28.68
C LEU E 36 21.90 27.62 29.36
N LEU E 37 22.10 26.35 29.66
CA LEU E 37 20.98 25.57 30.16
C LEU E 37 20.58 25.99 31.58
N VAL E 38 21.54 26.24 32.48
CA VAL E 38 21.16 26.71 33.82
C VAL E 38 20.39 28.01 33.71
N GLU E 39 20.77 28.86 32.75
CA GLU E 39 20.02 30.09 32.53
C GLU E 39 18.57 29.78 32.15
N ASP E 40 18.36 28.84 31.21
CA ASP E 40 17.02 28.51 30.75
C ASP E 40 16.22 27.77 31.82
N GLU E 41 16.88 26.88 32.56
CA GLU E 41 16.23 26.17 33.67
C GLU E 41 15.67 27.16 34.70
N LYS E 42 16.41 28.24 34.99
CA LYS E 42 15.94 29.17 36.01
C LYS E 42 14.84 30.06 35.46
N ARG E 43 15.00 30.55 34.22
CA ARG E 43 13.95 31.31 33.60
C ARG E 43 12.62 30.58 33.71
N ALA E 44 12.64 29.26 33.56
CA ALA E 44 11.39 28.51 33.60
C ALA E 44 10.71 28.67 34.94
N GLU E 45 11.50 28.65 36.02
CA GLU E 45 10.92 28.79 37.35
C GLU E 45 10.53 30.25 37.63
N ASP E 46 11.36 31.21 37.20
CA ASP E 46 10.99 32.61 37.28
C ASP E 46 9.74 32.90 36.47
N TYR E 47 9.61 32.24 35.31
CA TYR E 47 8.43 32.42 34.48
C TYR E 47 7.18 31.99 35.24
N LYS E 48 7.26 30.82 35.90
CA LYS E 48 6.11 30.34 36.68
C LYS E 48 5.72 31.32 37.77
N GLY E 49 6.68 32.09 38.30
CA GLY E 49 6.35 33.03 39.34
C GLY E 49 5.70 34.31 38.86
N VAL E 50 6.22 34.87 37.76
CA VAL E 50 5.70 36.12 37.22
C VAL E 50 4.29 35.94 36.70
N LYS E 51 3.96 34.73 36.22
CA LYS E 51 2.59 34.47 35.81
C LYS E 51 1.67 34.49 37.01
N LYS E 52 2.12 33.99 38.16
CA LYS E 52 1.27 34.11 39.33
C LYS E 52 1.27 35.54 39.84
N LEU E 53 2.33 36.30 39.54
CA LEU E 53 2.29 37.73 39.85
C LEU E 53 1.36 38.46 38.89
N LEU E 54 1.36 38.07 37.61
CA LEU E 54 0.40 38.66 36.66
C LEU E 54 -1.04 38.30 37.04
N ASP E 55 -1.31 37.02 37.33
CA ASP E 55 -2.68 36.64 37.69
C ASP E 55 -3.13 37.38 38.94
N ARG E 56 -2.21 37.65 39.86
CA ARG E 56 -2.56 38.47 41.02
C ARG E 56 -3.10 39.82 40.57
N TYR E 57 -2.51 40.40 39.53
CA TYR E 57 -3.05 41.64 39.00
C TYR E 57 -4.35 41.40 38.23
N TYR E 58 -4.36 40.40 37.34
CA TYR E 58 -5.57 40.13 36.55
C TYR E 58 -6.78 39.93 37.43
N LEU E 59 -6.59 39.28 38.58
CA LEU E 59 -7.67 39.03 39.50
C LEU E 59 -8.15 40.32 40.13
N SER E 60 -7.24 41.23 40.46
CA SER E 60 -7.71 42.50 41.01
C SER E 60 -8.51 43.27 39.98
N PHE E 61 -8.06 43.24 38.72
CA PHE E 61 -8.76 43.93 37.65
C PHE E 61 -10.14 43.34 37.39
N ILE E 62 -10.22 42.01 37.34
CA ILE E 62 -11.52 41.38 37.10
C ILE E 62 -12.48 41.72 38.23
N ASN E 63 -12.01 41.63 39.47
CA ASN E 63 -12.87 41.82 40.64
C ASN E 63 -13.49 43.21 40.64
N ASP E 64 -12.66 44.25 40.73
CA ASP E 64 -13.24 45.56 40.93
C ASP E 64 -14.15 45.97 39.78
N VAL E 65 -13.86 45.54 38.56
CA VAL E 65 -14.77 45.82 37.45
C VAL E 65 -16.08 45.04 37.64
N LEU E 66 -15.96 43.75 37.97
CA LEU E 66 -17.15 42.95 38.22
C LEU E 66 -17.84 43.30 39.53
N HIS E 67 -17.22 44.13 40.37
CA HIS E 67 -17.91 44.64 41.56
C HIS E 67 -18.79 45.82 41.19
N SER E 68 -18.57 46.40 40.01
CA SER E 68 -19.23 47.62 39.57
C SER E 68 -20.05 47.42 38.31
N ILE E 69 -20.73 46.29 38.17
CA ILE E 69 -21.54 46.02 37.00
C ILE E 69 -22.97 45.88 37.45
N LYS E 70 -23.87 46.49 36.70
CA LYS E 70 -25.29 46.21 36.84
C LYS E 70 -25.74 45.62 35.53
N LEU E 71 -26.23 44.39 35.57
CA LEU E 71 -26.64 43.75 34.34
C LEU E 71 -27.93 44.43 33.93
N LYS E 72 -27.91 45.04 32.75
CA LYS E 72 -28.97 45.93 32.32
C LYS E 72 -29.94 45.08 31.50
N ASN E 73 -31.22 45.14 31.88
CA ASN E 73 -32.22 44.17 31.42
C ASN E 73 -31.93 42.77 31.97
N LEU E 74 -31.32 42.70 33.16
CA LEU E 74 -31.04 41.41 33.80
C LEU E 74 -32.34 40.70 34.15
N ASN E 75 -33.21 41.37 34.92
CA ASN E 75 -34.49 40.79 35.32
C ASN E 75 -35.38 40.53 34.11
N ASN E 76 -35.29 41.39 33.09
CA ASN E 76 -36.08 41.17 31.88
C ASN E 76 -35.71 39.83 31.26
N TYR E 77 -34.40 39.55 31.17
CA TYR E 77 -33.95 38.22 30.78
C TYR E 77 -34.48 37.17 31.74
N ILE E 78 -34.45 37.48 33.04
CA ILE E 78 -34.95 36.54 34.06
C ILE E 78 -36.44 36.29 33.88
N SER E 79 -37.19 37.37 33.69
CA SER E 79 -38.65 37.24 33.66
C SER E 79 -39.09 36.42 32.45
N LEU E 80 -38.46 36.65 31.29
CA LEU E 80 -38.76 35.84 30.12
C LEU E 80 -38.19 34.43 30.24
N PHE E 81 -37.14 34.25 31.04
CA PHE E 81 -36.45 32.96 31.12
C PHE E 81 -37.35 31.86 31.66
N ARG E 82 -38.03 32.12 32.77
CA ARG E 82 -38.80 31.09 33.48
C ARG E 82 -40.29 31.13 33.16
N LYS E 83 -40.66 31.44 31.91
CA LYS E 83 -42.07 31.40 31.52
C LYS E 83 -42.46 29.94 31.15
N LYS E 84 -43.63 29.41 31.67
CA LYS E 84 -44.09 28.02 31.37
C LYS E 84 -44.02 27.80 29.84
N THR E 85 -44.71 28.64 29.08
CA THR E 85 -44.83 28.54 27.63
C THR E 85 -44.09 29.68 26.95
N ARG E 86 -43.17 29.33 26.06
CA ARG E 86 -42.44 30.31 25.29
C ARG E 86 -42.68 30.06 23.81
N THR E 87 -43.04 31.13 23.11
CA THR E 87 -43.19 31.09 21.66
C THR E 87 -41.81 31.02 21.01
N GLU E 88 -41.78 30.58 19.73
CA GLU E 88 -40.52 30.68 18.99
C GLU E 88 -40.11 32.13 18.85
N LYS E 89 -41.11 33.01 18.74
CA LYS E 89 -40.92 34.45 18.87
C LYS E 89 -40.05 34.82 20.08
N GLU E 90 -40.42 34.34 21.26
CA GLU E 90 -39.74 34.82 22.46
C GLU E 90 -38.64 33.91 22.95
N ASN E 91 -38.52 32.69 22.44
CA ASN E 91 -37.29 31.92 22.65
C ASN E 91 -36.09 32.65 22.08
N LYS E 92 -36.21 33.10 20.83
CA LYS E 92 -35.07 33.74 20.18
C LYS E 92 -34.96 35.21 20.58
N GLU E 93 -36.03 35.83 21.08
CA GLU E 93 -35.85 37.12 21.77
C GLU E 93 -35.07 36.92 23.06
N LEU E 94 -35.24 35.76 23.70
CA LEU E 94 -34.44 35.39 24.86
C LEU E 94 -33.02 35.07 24.45
N GLU E 95 -32.84 34.45 23.28
CA GLU E 95 -31.52 34.13 22.76
C GLU E 95 -30.71 35.39 22.57
N ASN E 96 -31.37 36.45 22.12
CA ASN E 96 -30.72 37.74 21.97
C ASN E 96 -30.33 38.36 23.31
N LEU E 97 -31.19 38.25 24.32
CA LEU E 97 -30.85 38.83 25.60
C LEU E 97 -29.63 38.16 26.22
N GLU E 98 -29.46 36.85 25.99
CA GLU E 98 -28.36 36.14 26.62
C GLU E 98 -27.02 36.60 26.04
N ILE E 99 -26.96 36.84 24.73
CA ILE E 99 -25.74 37.37 24.13
C ILE E 99 -25.54 38.83 24.52
N ASN E 100 -26.62 39.63 24.57
CA ASN E 100 -26.49 41.01 25.03
C ASN E 100 -26.04 41.05 26.48
N LEU E 101 -26.49 40.09 27.27
CA LEU E 101 -26.03 39.99 28.65
C LEU E 101 -24.53 39.79 28.67
N ARG E 102 -24.02 38.97 27.74
CA ARG E 102 -22.59 38.71 27.70
C ARG E 102 -21.79 39.89 27.14
N LYS E 103 -22.27 40.56 26.09
CA LYS E 103 -21.52 41.70 25.57
C LYS E 103 -21.38 42.79 26.61
N GLU E 104 -22.39 42.93 27.47
CA GLU E 104 -22.32 43.92 28.54
C GLU E 104 -21.11 43.69 29.43
N ILE E 105 -20.85 42.42 29.75
CA ILE E 105 -19.72 42.08 30.59
C ILE E 105 -18.42 42.32 29.86
N ALA E 106 -18.31 41.81 28.62
CA ALA E 106 -17.09 41.98 27.84
C ALA E 106 -16.81 43.46 27.62
N LYS E 107 -17.83 44.23 27.18
CA LYS E 107 -17.64 45.66 27.01
C LYS E 107 -17.35 46.37 28.32
N ALA E 108 -17.74 45.79 29.45
CA ALA E 108 -17.32 46.38 30.72
C ALA E 108 -15.83 46.20 30.92
N PHE E 109 -15.33 45.00 30.62
CA PHE E 109 -13.90 44.71 30.78
C PHE E 109 -13.06 45.50 29.78
N LYS E 110 -13.41 45.43 28.50
CA LYS E 110 -12.65 46.11 27.47
C LYS E 110 -12.78 47.63 27.57
N GLY E 111 -13.94 48.12 28.04
CA GLY E 111 -14.14 49.54 28.25
C GLY E 111 -13.24 50.14 29.31
N ASN E 112 -12.84 49.34 30.30
CA ASN E 112 -12.02 49.85 31.39
C ASN E 112 -10.76 50.48 30.81
N GLU E 113 -10.18 51.42 31.56
CA GLU E 113 -9.08 52.23 31.01
C GLU E 113 -7.89 51.37 30.59
N GLY E 114 -7.67 50.26 31.28
CA GLY E 114 -6.46 49.48 31.07
C GLY E 114 -6.43 48.28 30.24
N TYR E 115 -7.53 47.95 29.60
CA TYR E 115 -7.55 46.67 28.91
C TYR E 115 -6.44 46.58 27.88
N LYS E 116 -6.13 47.73 27.25
CA LYS E 116 -5.08 47.83 26.23
C LYS E 116 -3.77 47.20 26.70
N SER E 117 -3.24 47.66 27.82
CA SER E 117 -1.89 47.27 28.16
C SER E 117 -1.83 45.97 28.95
N LEU E 118 -2.96 45.30 29.15
CA LEU E 118 -2.98 44.03 29.86
C LEU E 118 -2.15 42.96 29.16
N PHE E 119 -2.05 43.01 27.84
CA PHE E 119 -1.38 41.93 27.11
C PHE E 119 -0.24 42.40 26.24
N LYS E 120 0.61 43.28 26.79
CA LYS E 120 1.76 43.84 26.09
C LYS E 120 2.88 44.05 27.08
N LYS E 121 4.01 44.54 26.56
CA LYS E 121 5.17 44.86 27.36
C LYS E 121 4.81 45.63 28.63
N ASP E 122 3.78 46.50 28.56
CA ASP E 122 3.48 47.46 29.63
C ASP E 122 3.13 46.77 30.94
N ILE E 123 2.38 45.67 30.88
CA ILE E 123 1.99 44.99 32.11
C ILE E 123 3.21 44.48 32.87
N ILE E 124 4.24 43.99 32.16
CA ILE E 124 5.45 43.49 32.80
C ILE E 124 6.33 44.63 33.27
N GLU E 125 6.49 45.67 32.46
CA GLU E 125 7.52 46.68 32.72
C GLU E 125 7.06 47.85 33.60
N THR E 126 5.76 48.19 33.62
CA THR E 126 5.35 49.29 34.50
C THR E 126 4.17 48.93 35.41
N ILE E 127 3.12 48.28 34.90
CA ILE E 127 1.91 48.07 35.70
C ILE E 127 2.21 47.16 36.90
N LEU E 128 2.85 46.01 36.66
CA LEU E 128 3.15 45.11 37.74
C LEU E 128 4.14 45.73 38.73
N PRO E 129 5.20 46.43 38.27
CA PRO E 129 6.09 47.10 39.24
C PRO E 129 5.39 48.10 40.14
N GLU E 130 4.42 48.87 39.61
CA GLU E 130 3.66 49.79 40.47
C GLU E 130 2.73 49.03 41.43
N PHE E 131 2.09 47.97 40.94
CA PHE E 131 1.09 47.24 41.72
C PHE E 131 1.70 46.52 42.92
N LEU E 132 2.88 45.96 42.76
CA LEU E 132 3.50 45.13 43.80
C LEU E 132 4.28 45.97 44.80
N ASP E 133 4.18 45.60 46.08
CA ASP E 133 4.95 46.30 47.11
C ASP E 133 6.28 45.63 47.42
N ASP E 134 6.41 44.33 47.17
CA ASP E 134 7.61 43.63 47.58
C ASP E 134 8.74 43.91 46.61
N LYS E 135 9.93 44.15 47.14
CA LYS E 135 11.08 44.44 46.28
C LYS E 135 11.61 43.17 45.63
N ASP E 136 11.51 42.02 46.30
CA ASP E 136 11.94 40.76 45.71
C ASP E 136 11.09 40.42 44.49
N GLU E 137 9.77 40.56 44.62
CA GLU E 137 8.89 40.26 43.49
C GLU E 137 9.16 41.21 42.33
N ILE E 138 9.39 42.49 42.62
CA ILE E 138 9.60 43.42 41.51
C ILE E 138 10.89 43.09 40.79
N ALA E 139 11.91 42.67 41.52
CA ALA E 139 13.12 42.23 40.83
C ALA E 139 12.80 41.09 39.89
N LEU E 140 11.96 40.14 40.35
CA LEU E 140 11.61 38.99 39.53
C LEU E 140 10.91 39.44 38.26
N VAL E 141 9.94 40.34 38.39
CA VAL E 141 9.24 40.81 37.21
C VAL E 141 10.21 41.53 36.27
N ASN E 142 11.23 42.20 36.82
CA ASN E 142 12.09 43.00 35.98
C ASN E 142 13.09 42.16 35.19
N SER E 143 13.32 40.90 35.59
CA SER E 143 14.20 40.08 34.79
C SER E 143 13.57 39.66 33.48
N PHE E 144 12.37 40.14 33.16
CA PHE E 144 11.80 39.87 31.85
C PHE E 144 11.69 41.13 31.00
N ASN E 145 12.49 42.15 31.32
CA ASN E 145 12.40 43.42 30.59
C ASN E 145 12.78 43.26 29.13
N GLY E 146 13.83 42.52 28.86
CA GLY E 146 13.98 42.35 27.43
C GLY E 146 13.16 41.23 26.82
N PHE E 147 12.32 40.54 27.60
CA PHE E 147 11.87 39.19 27.27
C PHE E 147 10.35 39.06 27.20
N THR E 148 9.62 40.18 27.10
CA THR E 148 8.16 40.11 27.24
C THR E 148 7.52 39.25 26.14
N THR E 149 8.14 39.15 24.97
CA THR E 149 7.56 38.31 23.93
C THR E 149 7.38 36.87 24.39
N ALA E 150 8.15 36.41 25.38
CA ALA E 150 7.92 35.07 25.90
C ALA E 150 6.52 34.88 26.49
N PHE E 151 5.82 35.96 26.82
CA PHE E 151 4.48 35.85 27.41
C PHE E 151 3.35 35.88 26.37
N THR E 152 3.69 35.85 25.08
CA THR E 152 2.67 36.08 24.06
C THR E 152 1.54 35.10 24.17
N GLY E 153 1.88 33.82 24.34
CA GLY E 153 0.84 32.82 24.51
C GLY E 153 0.06 33.03 25.78
N PHE E 154 0.76 33.19 26.90
CA PHE E 154 0.07 33.41 28.17
C PHE E 154 -0.93 34.55 28.05
N PHE E 155 -0.54 35.64 27.39
CA PHE E 155 -1.47 36.74 27.17
C PHE E 155 -2.64 36.31 26.31
N ASP E 156 -2.42 35.40 25.35
CA ASP E 156 -3.55 34.86 24.59
C ASP E 156 -4.49 34.09 25.51
N ASN E 157 -3.95 33.30 26.46
CA ASN E 157 -4.82 32.58 27.38
C ASN E 157 -5.66 33.52 28.20
N ARG E 158 -5.15 34.72 28.47
CA ARG E 158 -5.87 35.63 29.34
C ARG E 158 -6.87 36.51 28.60
N GLU E 159 -6.64 36.82 27.31
CA GLU E 159 -7.67 37.51 26.55
C GLU E 159 -8.91 36.65 26.42
N ASN E 160 -8.75 35.33 26.42
CA ASN E 160 -9.92 34.45 26.31
C ASN E 160 -10.88 34.66 27.48
N MET E 161 -10.36 35.03 28.64
CA MET E 161 -11.21 35.28 29.80
C MET E 161 -12.17 36.42 29.51
N PHE E 162 -11.72 37.41 28.76
CA PHE E 162 -12.47 38.63 28.54
C PHE E 162 -13.33 38.59 27.29
N SER E 163 -13.44 37.42 26.67
CA SER E 163 -14.29 37.25 25.51
C SER E 163 -15.76 37.46 25.87
N GLU E 164 -16.55 37.81 24.85
CA GLU E 164 -17.99 37.75 24.94
C GLU E 164 -18.59 36.46 24.36
N GLU E 165 -17.77 35.59 23.77
CA GLU E 165 -18.27 34.40 23.09
C GLU E 165 -18.83 33.40 24.09
N ALA E 166 -19.52 32.38 23.55
CA ALA E 166 -20.05 31.26 24.35
C ALA E 166 -18.95 30.21 24.48
N LYS E 167 -17.88 30.63 25.18
CA LYS E 167 -16.67 29.83 25.33
C LYS E 167 -16.34 29.50 26.79
N SER E 168 -15.91 28.25 26.98
CA SER E 168 -15.61 27.68 28.28
C SER E 168 -14.69 28.62 29.06
N THR E 169 -13.71 29.20 28.36
CA THR E 169 -12.71 30.05 28.97
C THR E 169 -13.27 31.42 29.37
N SER E 170 -14.35 31.86 28.72
CA SER E 170 -14.83 33.24 28.90
C SER E 170 -15.43 33.50 30.29
N ILE E 171 -15.11 34.68 30.84
CA ILE E 171 -15.71 35.09 32.11
C ILE E 171 -17.20 35.31 31.92
N ALA E 172 -17.58 36.04 30.87
CA ALA E 172 -18.99 36.27 30.59
C ALA E 172 -19.75 34.96 30.45
N PHE E 173 -19.11 33.93 29.89
CA PHE E 173 -19.80 32.65 29.80
C PHE E 173 -20.02 32.03 31.17
N ARG E 174 -19.07 32.18 32.08
CA ARG E 174 -19.26 31.62 33.41
C ARG E 174 -20.38 32.33 34.16
N CYS E 175 -20.52 33.63 33.92
CA CYS E 175 -21.47 34.44 34.67
C CYS E 175 -22.90 34.18 34.22
N ILE E 176 -23.11 34.11 32.91
CA ILE E 176 -24.45 34.06 32.34
C ILE E 176 -24.86 32.65 31.93
N ASN E 177 -24.00 31.95 31.20
CA ASN E 177 -24.41 30.64 30.71
C ASN E 177 -24.43 29.61 31.81
N GLU E 178 -23.60 29.78 32.83
CA GLU E 178 -23.54 28.82 33.92
C GLU E 178 -24.13 29.39 35.21
N ASN E 179 -23.56 30.46 35.77
CA ASN E 179 -23.96 30.86 37.11
C ASN E 179 -25.39 31.41 37.14
N LEU E 180 -25.79 32.20 36.15
CA LEU E 180 -27.14 32.74 36.17
C LEU E 180 -28.17 31.62 36.06
N THR E 181 -27.88 30.60 35.25
CA THR E 181 -28.81 29.50 35.08
C THR E 181 -28.95 28.70 36.38
N ARG E 182 -27.89 28.66 37.19
CA ARG E 182 -28.01 28.00 38.48
C ARG E 182 -28.72 28.89 39.48
N TYR E 183 -28.52 30.21 39.40
CA TYR E 183 -29.21 31.15 40.26
C TYR E 183 -30.71 31.14 40.06
N ILE E 184 -31.17 30.94 38.82
CA ILE E 184 -32.61 30.96 38.55
C ILE E 184 -33.24 29.61 38.82
N SER E 185 -32.55 28.51 38.51
CA SER E 185 -32.98 27.21 39.01
C SER E 185 -33.06 27.22 40.52
N ASN E 186 -32.14 27.94 41.17
CA ASN E 186 -32.21 28.11 42.61
C ASN E 186 -33.38 29.00 43.00
N MET E 187 -33.57 30.10 42.26
CA MET E 187 -34.71 30.97 42.51
C MET E 187 -35.99 30.15 42.54
N ASP E 188 -36.15 29.24 41.58
CA ASP E 188 -37.39 28.49 41.50
C ASP E 188 -37.48 27.38 42.55
N ILE E 189 -36.36 27.00 43.16
CA ILE E 189 -36.44 26.09 44.30
C ILE E 189 -36.82 26.84 45.57
N PHE E 190 -36.10 27.95 45.85
CA PHE E 190 -36.25 28.66 47.11
C PHE E 190 -37.68 29.11 47.35
N GLU E 191 -38.40 29.44 46.29
CA GLU E 191 -39.80 29.79 46.49
C GLU E 191 -40.73 28.56 46.68
N LYS E 192 -40.19 27.31 46.71
CA LYS E 192 -40.91 26.09 47.12
C LYS E 192 -40.69 25.70 48.55
N VAL E 193 -39.44 25.76 48.97
CA VAL E 193 -39.06 25.22 50.25
C VAL E 193 -38.94 26.30 51.29
N ASP E 194 -39.21 27.56 50.88
CA ASP E 194 -39.21 28.66 51.82
C ASP E 194 -40.09 28.33 53.01
N ALA E 195 -41.19 27.60 52.74
CA ALA E 195 -42.15 27.26 53.79
C ALA E 195 -41.49 26.52 54.94
N ILE E 196 -40.52 25.65 54.64
CA ILE E 196 -39.93 24.77 55.65
C ILE E 196 -38.83 25.45 56.46
N PHE E 197 -38.57 26.74 56.23
CA PHE E 197 -37.46 27.43 56.87
C PHE E 197 -38.02 28.27 58.01
N ASP E 198 -37.63 27.91 59.23
CA ASP E 198 -38.13 28.53 60.46
C ASP E 198 -37.62 29.96 60.62
N LYS E 199 -38.37 30.76 61.38
CA LYS E 199 -37.99 32.13 61.71
C LYS E 199 -36.56 32.19 62.21
N HIS E 200 -36.17 31.25 63.07
CA HIS E 200 -34.85 31.32 63.70
C HIS E 200 -33.75 31.10 62.67
N GLU E 201 -33.90 30.10 61.81
CA GLU E 201 -32.81 29.68 60.94
C GLU E 201 -32.43 30.74 59.90
N VAL E 202 -33.42 31.45 59.34
CA VAL E 202 -33.07 32.47 58.35
C VAL E 202 -32.25 33.58 59.01
N GLN E 203 -32.59 33.94 60.26
CA GLN E 203 -31.75 34.90 60.96
C GLN E 203 -30.52 34.25 61.56
N GLU E 204 -30.53 32.94 61.75
CA GLU E 204 -29.29 32.25 62.10
C GLU E 204 -28.25 32.44 61.00
N ILE E 205 -28.61 32.08 59.77
CA ILE E 205 -27.74 32.33 58.62
C ILE E 205 -27.47 33.83 58.48
N LYS E 206 -28.50 34.65 58.70
CA LYS E 206 -28.35 36.11 58.57
C LYS E 206 -27.17 36.66 59.39
N GLU E 207 -27.07 36.34 60.68
CA GLU E 207 -25.98 36.95 61.45
C GLU E 207 -24.66 36.25 61.16
N LYS E 208 -24.66 34.92 61.21
CA LYS E 208 -23.41 34.18 61.14
C LYS E 208 -22.74 34.32 59.77
N ILE E 209 -23.52 34.30 58.68
CA ILE E 209 -22.95 34.31 57.34
C ILE E 209 -22.97 35.69 56.72
N LEU E 210 -24.11 36.37 56.78
CA LEU E 210 -24.33 37.61 56.05
C LEU E 210 -24.02 38.87 56.84
N ASN E 211 -23.74 38.77 58.15
CA ASN E 211 -23.34 39.90 59.01
C ASN E 211 -24.52 40.72 59.53
N SER E 212 -25.75 40.29 59.23
CA SER E 212 -26.98 41.09 59.34
C SER E 212 -27.07 42.15 58.24
N ASP E 213 -26.28 42.03 57.16
CA ASP E 213 -26.22 43.04 56.11
C ASP E 213 -27.22 42.81 54.99
N TYR E 214 -27.59 41.57 54.71
CA TYR E 214 -28.61 41.26 53.72
C TYR E 214 -29.51 40.19 54.31
N ASP E 215 -30.78 40.21 53.94
CA ASP E 215 -31.64 39.12 54.38
C ASP E 215 -31.40 37.90 53.49
N VAL E 216 -31.57 36.72 54.07
CA VAL E 216 -31.32 35.48 53.33
C VAL E 216 -32.15 35.45 52.06
N GLU E 217 -33.39 35.95 52.12
CA GLU E 217 -34.25 35.97 50.95
C GLU E 217 -33.74 36.90 49.85
N ASP E 218 -32.75 37.76 50.12
CA ASP E 218 -32.25 38.67 49.08
C ASP E 218 -31.55 37.90 47.97
N PHE E 219 -30.73 36.92 48.31
CA PHE E 219 -29.96 36.19 47.31
C PHE E 219 -30.83 35.35 46.40
N PHE E 220 -32.15 35.33 46.59
CA PHE E 220 -33.02 34.63 45.67
C PHE E 220 -33.95 35.56 44.92
N GLU E 221 -33.68 36.87 44.94
CA GLU E 221 -34.38 37.85 44.11
C GLU E 221 -33.54 38.12 42.87
N GLY E 222 -34.22 38.27 41.73
CA GLY E 222 -33.48 38.37 40.48
C GLY E 222 -32.49 39.52 40.51
N GLU E 223 -32.93 40.69 40.94
CA GLU E 223 -32.10 41.88 40.88
C GLU E 223 -30.86 41.76 41.73
N PHE E 224 -30.76 40.71 42.53
CA PHE E 224 -29.59 40.44 43.36
C PHE E 224 -28.56 39.53 42.71
N PHE E 225 -28.75 39.13 41.46
CA PHE E 225 -27.69 38.35 40.81
C PHE E 225 -26.38 39.10 40.81
N ASN E 226 -26.43 40.43 40.64
CA ASN E 226 -25.23 41.22 40.46
C ASN E 226 -24.26 41.05 41.60
N PHE E 227 -24.75 40.71 42.79
CA PHE E 227 -23.86 40.50 43.92
C PHE E 227 -22.93 39.32 43.66
N VAL E 228 -23.42 38.30 42.96
CA VAL E 228 -22.75 37.01 42.91
C VAL E 228 -21.83 36.87 41.69
N LEU E 229 -21.56 38.00 41.01
CA LEU E 229 -20.64 37.97 39.87
C LEU E 229 -19.22 37.62 40.28
N THR E 230 -18.76 38.16 41.42
CA THR E 230 -17.40 37.95 41.91
C THR E 230 -17.34 36.70 42.78
N GLN E 231 -16.11 36.21 42.97
CA GLN E 231 -15.92 35.05 43.86
C GLN E 231 -16.39 35.39 45.26
N GLU E 232 -16.18 36.64 45.67
CA GLU E 232 -16.63 37.08 46.99
C GLU E 232 -18.13 36.82 47.17
N GLY E 233 -18.94 37.19 46.17
CA GLY E 233 -20.36 36.89 46.21
C GLY E 233 -20.69 35.42 46.02
N ILE E 234 -19.85 34.69 45.29
CA ILE E 234 -20.09 33.26 45.11
C ILE E 234 -19.75 32.51 46.39
N ASP E 235 -18.72 32.96 47.12
CA ASP E 235 -18.33 32.26 48.34
C ASP E 235 -19.39 32.36 49.44
N VAL E 236 -20.07 33.50 49.54
CA VAL E 236 -21.13 33.61 50.54
C VAL E 236 -22.37 32.85 50.07
N TYR E 237 -22.74 33.02 48.80
CA TYR E 237 -23.91 32.34 48.26
C TYR E 237 -23.82 30.83 48.44
N ASN E 238 -22.63 30.25 48.19
CA ASN E 238 -22.48 28.83 48.44
C ASN E 238 -22.48 28.51 49.93
N ALA E 239 -22.19 29.51 50.78
CA ALA E 239 -22.26 29.27 52.23
C ALA E 239 -23.71 29.23 52.69
N ILE E 240 -24.57 30.07 52.09
CA ILE E 240 -26.00 30.01 52.36
C ILE E 240 -26.54 28.62 52.04
N ILE E 241 -25.96 27.93 51.07
CA ILE E 241 -26.50 26.63 50.67
C ILE E 241 -25.91 25.49 51.47
N GLY E 242 -24.59 25.35 51.46
CA GLY E 242 -23.94 24.25 52.11
C GLY E 242 -23.52 24.49 53.53
N GLY E 243 -23.68 25.73 54.03
CA GLY E 243 -23.25 26.08 55.38
C GLY E 243 -21.80 26.49 55.40
N PHE E 244 -21.33 26.85 56.58
CA PHE E 244 -19.93 27.24 56.69
C PHE E 244 -19.45 27.11 58.13
N VAL E 245 -18.13 27.16 58.27
CA VAL E 245 -17.51 27.04 59.58
C VAL E 245 -17.21 28.45 60.08
N THR E 246 -17.83 28.81 61.22
CA THR E 246 -17.35 29.96 61.96
C THR E 246 -15.98 29.62 62.47
N GLU E 247 -15.22 30.64 62.81
CA GLU E 247 -13.92 30.31 63.31
C GLU E 247 -13.95 29.70 64.70
N SER E 248 -14.90 30.10 65.55
CA SER E 248 -15.04 29.42 66.83
C SER E 248 -15.09 27.91 66.62
N GLY E 249 -15.44 27.48 65.42
CA GLY E 249 -15.59 26.08 65.14
C GLY E 249 -17.01 25.59 65.21
N GLU E 250 -17.99 26.50 65.31
CA GLU E 250 -19.39 26.11 65.23
C GLU E 250 -19.80 25.94 63.78
N LYS E 251 -20.58 24.89 63.52
CA LYS E 251 -20.94 24.55 62.16
C LYS E 251 -22.32 25.15 61.94
N ILE E 252 -22.41 26.09 61.00
CA ILE E 252 -23.66 26.75 60.71
C ILE E 252 -24.36 25.97 59.62
N LYS E 253 -25.65 25.69 59.83
CA LYS E 253 -26.37 24.84 58.90
C LYS E 253 -26.90 25.72 57.78
N GLY E 254 -26.76 25.22 56.55
CA GLY E 254 -27.25 25.93 55.39
C GLY E 254 -28.62 25.46 54.99
N LEU E 255 -29.20 26.15 54.01
CA LEU E 255 -30.53 25.77 53.57
C LEU E 255 -30.58 24.32 53.10
N ASN E 256 -29.49 23.80 52.52
CA ASN E 256 -29.53 22.44 51.97
C ASN E 256 -29.62 21.35 53.03
N GLU E 257 -28.99 21.53 54.18
CA GLU E 257 -29.23 20.48 55.16
C GLU E 257 -30.54 20.70 55.92
N TYR E 258 -30.92 21.96 56.27
CA TYR E 258 -32.28 22.17 56.78
C TYR E 258 -33.28 21.49 55.85
N ILE E 259 -33.07 21.58 54.53
CA ILE E 259 -33.90 20.85 53.58
C ILE E 259 -33.73 19.35 53.77
N ASN E 260 -32.50 18.89 54.01
CA ASN E 260 -32.28 17.45 54.17
C ASN E 260 -32.80 16.94 55.50
N LEU E 261 -32.68 17.74 56.55
CA LEU E 261 -33.35 17.42 57.81
C LEU E 261 -34.86 17.36 57.63
N TYR E 262 -35.41 18.23 56.78
CA TYR E 262 -36.84 18.19 56.51
C TYR E 262 -37.24 16.96 55.69
N ASN E 263 -36.44 16.60 54.68
CA ASN E 263 -36.80 15.47 53.82
C ASN E 263 -36.90 14.17 54.59
N GLN E 264 -36.15 14.02 55.68
CA GLN E 264 -36.18 12.80 56.47
C GLN E 264 -37.19 12.86 57.61
N LYS E 265 -37.39 14.05 58.22
CA LYS E 265 -38.39 14.15 59.29
C LYS E 265 -39.78 14.08 58.71
N THR E 266 -39.95 14.49 57.44
CA THR E 266 -41.22 14.37 56.74
C THR E 266 -41.26 13.22 55.73
N LYS E 267 -40.11 12.59 55.44
CA LYS E 267 -40.04 11.42 54.56
C LYS E 267 -40.44 11.79 53.12
N GLN E 268 -40.39 13.09 52.84
CA GLN E 268 -40.73 13.73 51.57
C GLN E 268 -39.45 13.93 50.76
N LYS E 269 -39.61 14.09 49.44
CA LYS E 269 -38.47 14.38 48.57
C LYS E 269 -38.63 15.83 48.12
N LEU E 270 -37.98 16.78 48.88
CA LEU E 270 -37.89 18.13 48.32
C LEU E 270 -36.55 18.29 47.60
N PRO E 271 -36.46 19.14 46.58
CA PRO E 271 -35.17 19.34 45.90
C PRO E 271 -34.20 20.19 46.70
N LYS E 272 -32.90 19.94 46.48
CA LYS E 272 -31.85 20.71 47.12
C LYS E 272 -31.26 21.71 46.11
N PHE E 273 -30.58 22.73 46.64
CA PHE E 273 -29.97 23.76 45.79
C PHE E 273 -28.66 23.27 45.18
N LYS E 274 -28.41 23.72 43.94
CA LYS E 274 -27.08 23.54 43.37
C LYS E 274 -26.20 24.72 43.78
N PRO E 275 -24.92 24.48 44.10
CA PRO E 275 -24.00 25.60 44.33
C PRO E 275 -23.48 26.19 43.04
N LEU E 276 -23.17 27.49 43.08
CA LEU E 276 -22.61 28.18 41.94
C LEU E 276 -21.17 27.73 41.69
N TYR E 277 -20.75 27.84 40.44
CA TYR E 277 -19.38 27.57 40.02
C TYR E 277 -18.47 28.78 40.29
N LYS E 278 -17.18 28.48 40.41
CA LYS E 278 -16.21 29.51 40.76
C LYS E 278 -16.04 30.51 39.62
N GLN E 279 -15.59 31.71 39.97
CA GLN E 279 -15.31 32.69 38.94
C GLN E 279 -13.88 32.47 38.46
N VAL E 280 -13.67 32.72 37.16
CA VAL E 280 -12.39 32.40 36.55
C VAL E 280 -11.28 33.13 37.29
N LEU E 281 -10.18 32.43 37.50
CA LEU E 281 -8.95 32.96 38.10
C LEU E 281 -9.06 33.22 39.59
N SER E 282 -10.18 32.84 40.22
CA SER E 282 -10.27 32.84 41.68
C SER E 282 -9.10 32.06 42.27
N ASP E 283 -8.50 32.64 43.31
CA ASP E 283 -7.54 31.93 44.15
C ASP E 283 -8.33 31.21 45.24
N ARG E 284 -8.67 29.94 44.99
CA ARG E 284 -9.51 29.12 45.87
C ARG E 284 -9.15 29.24 47.36
N GLY E 291 -2.35 20.26 52.64
CA GLY E 291 -0.89 20.36 52.65
C GLY E 291 -0.24 19.95 51.34
N GLU E 292 0.54 20.85 50.75
CA GLU E 292 1.06 20.66 49.41
C GLU E 292 2.27 19.72 49.40
N GLY E 293 2.46 19.05 48.27
CA GLY E 293 3.35 17.91 48.21
C GLY E 293 4.82 18.29 48.25
N TYR E 294 5.60 17.48 48.97
CA TYR E 294 7.05 17.61 49.04
C TYR E 294 7.70 17.65 47.65
N THR E 295 8.72 18.50 47.52
CA THR E 295 9.48 18.69 46.28
C THR E 295 10.75 17.86 46.24
N SER E 296 11.55 17.93 47.30
CA SER E 296 12.91 17.41 47.38
C SER E 296 12.93 16.01 47.95
N ASP E 297 14.04 15.30 47.71
CA ASP E 297 14.25 14.02 48.39
C ASP E 297 14.61 14.27 49.84
N GLU E 298 15.61 15.13 50.05
CA GLU E 298 16.12 15.42 51.39
C GLU E 298 15.01 15.92 52.29
N GLU E 299 14.10 16.74 51.76
CA GLU E 299 12.94 17.18 52.52
C GLU E 299 12.25 16.01 53.19
N VAL E 300 11.83 15.02 52.39
CA VAL E 300 11.20 13.80 52.92
C VAL E 300 11.98 13.24 54.09
N LEU E 301 13.28 13.08 53.91
CA LEU E 301 14.08 12.55 55.00
C LEU E 301 14.10 13.51 56.15
N GLU E 302 14.21 14.78 55.84
CA GLU E 302 14.24 15.83 56.84
C GLU E 302 12.88 16.02 57.53
N VAL E 303 11.77 16.00 56.80
CA VAL E 303 10.44 16.01 57.43
C VAL E 303 10.22 14.75 58.28
N PHE E 304 10.48 13.58 57.70
CA PHE E 304 10.32 12.34 58.45
C PHE E 304 11.13 12.40 59.72
N ARG E 305 12.37 12.89 59.60
CA ARG E 305 13.31 12.83 60.69
C ARG E 305 12.83 13.72 61.83
N ASN E 306 12.34 14.92 61.50
CA ASN E 306 12.03 15.98 62.46
C ASN E 306 10.62 15.91 63.05
N THR E 307 9.71 15.13 62.46
CA THR E 307 8.35 15.01 62.98
C THR E 307 8.06 13.67 63.65
N LEU E 308 8.95 12.67 63.51
CA LEU E 308 8.73 11.38 64.15
C LEU E 308 9.87 10.92 65.04
N ASN E 309 10.92 11.72 65.24
CA ASN E 309 12.01 11.23 66.07
C ASN E 309 11.67 11.42 67.55
N LYS E 310 12.52 10.87 68.43
CA LYS E 310 12.16 10.81 69.84
C LYS E 310 12.07 12.19 70.48
N ASN E 311 12.68 13.21 69.87
CA ASN E 311 12.49 14.59 70.32
C ASN E 311 11.24 15.26 69.73
N SER E 312 10.53 14.61 68.81
CA SER E 312 9.39 15.19 68.12
C SER E 312 8.20 15.41 69.05
N GLU E 313 7.16 16.07 68.51
CA GLU E 313 5.91 16.23 69.27
C GLU E 313 5.08 14.97 69.22
N ILE E 314 5.03 14.29 68.07
CA ILE E 314 4.27 13.06 67.94
C ILE E 314 4.79 12.00 68.88
N PHE E 315 6.11 11.93 69.07
CA PHE E 315 6.62 10.90 69.95
C PHE E 315 6.24 11.19 71.39
N SER E 316 6.23 12.49 71.74
CA SER E 316 5.87 12.92 73.08
C SER E 316 4.50 12.39 73.50
N SER E 317 3.49 12.57 72.64
CA SER E 317 2.15 12.07 72.95
C SER E 317 2.12 10.56 72.99
N ILE E 318 2.92 9.88 72.17
CA ILE E 318 2.95 8.44 72.27
C ILE E 318 3.44 8.03 73.66
N LYS E 319 4.42 8.76 74.21
CA LYS E 319 4.86 8.50 75.58
C LYS E 319 3.78 8.87 76.58
N LYS E 320 3.00 9.91 76.27
CA LYS E 320 1.95 10.34 77.17
C LYS E 320 0.78 9.37 77.17
N LEU E 321 0.35 8.95 75.97
CA LEU E 321 -0.69 7.94 75.87
C LEU E 321 -0.30 6.65 76.60
N GLU E 322 1.00 6.34 76.64
CA GLU E 322 1.41 5.17 77.40
C GLU E 322 1.17 5.39 78.89
N LYS E 323 1.44 6.62 79.38
CA LYS E 323 1.24 6.93 80.80
C LYS E 323 -0.21 6.74 81.19
N LEU E 324 -1.12 7.28 80.37
CA LEU E 324 -2.55 7.09 80.63
C LEU E 324 -2.91 5.61 80.71
N PHE E 325 -2.51 4.84 79.70
CA PHE E 325 -2.97 3.47 79.63
C PHE E 325 -2.32 2.59 80.70
N LYS E 326 -1.13 2.93 81.18
CA LYS E 326 -0.57 2.17 82.30
C LYS E 326 -1.36 2.41 83.58
N ASN E 327 -1.97 3.59 83.71
CA ASN E 327 -2.87 3.92 84.80
C ASN E 327 -4.32 3.67 84.43
N PHE E 328 -4.58 2.64 83.63
CA PHE E 328 -5.93 2.50 83.11
C PHE E 328 -6.93 2.06 84.17
N ASP E 329 -6.49 1.62 85.35
CA ASP E 329 -7.47 1.20 86.36
C ASP E 329 -7.71 2.26 87.41
N GLU E 330 -7.13 3.45 87.26
CA GLU E 330 -7.43 4.55 88.14
C GLU E 330 -8.49 5.49 87.58
N TYR E 331 -9.11 5.17 86.46
CA TYR E 331 -10.18 6.02 85.94
C TYR E 331 -11.51 5.30 86.04
N SER E 332 -12.57 6.08 85.98
CA SER E 332 -13.90 5.55 86.24
C SER E 332 -14.33 4.65 85.10
N SER E 333 -14.63 3.40 85.42
CA SER E 333 -15.13 2.52 84.38
C SER E 333 -16.43 3.03 83.77
N ALA E 334 -17.18 3.89 84.48
CA ALA E 334 -18.40 4.44 83.92
C ALA E 334 -18.13 5.63 82.99
N GLY E 335 -16.96 6.25 83.10
CA GLY E 335 -16.60 7.43 82.33
C GLY E 335 -15.66 7.24 81.17
N ILE E 336 -15.29 6.00 80.85
CA ILE E 336 -14.53 5.68 79.66
C ILE E 336 -15.45 4.95 78.70
N PHE E 337 -15.41 5.34 77.44
CA PHE E 337 -16.36 4.83 76.47
C PHE E 337 -15.66 4.28 75.24
N VAL E 338 -16.19 3.19 74.72
CA VAL E 338 -15.76 2.65 73.44
C VAL E 338 -16.86 2.96 72.44
N LYS E 339 -16.49 3.62 71.33
CA LYS E 339 -17.48 4.00 70.33
C LYS E 339 -18.02 2.77 69.61
N ASN E 340 -19.26 2.88 69.13
CA ASN E 340 -19.92 1.77 68.46
C ASN E 340 -19.94 2.07 66.96
N GLY E 341 -19.17 1.28 66.20
CA GLY E 341 -19.04 1.44 64.77
C GLY E 341 -18.81 0.10 64.12
N PRO E 342 -18.48 0.08 62.83
CA PRO E 342 -18.02 -1.18 62.22
C PRO E 342 -16.72 -1.65 62.82
N ALA E 343 -15.96 -0.73 63.42
CA ALA E 343 -14.75 -1.04 64.18
C ALA E 343 -15.02 -1.82 65.47
N ILE E 344 -16.29 -2.01 65.85
CA ILE E 344 -16.65 -2.68 67.10
C ILE E 344 -16.16 -4.13 67.13
N SER E 345 -16.16 -4.81 65.99
CA SER E 345 -15.89 -6.24 66.01
C SER E 345 -14.42 -6.53 66.24
N THR E 346 -13.53 -5.64 65.77
CA THR E 346 -12.12 -5.77 66.13
C THR E 346 -11.92 -5.61 67.62
N ILE E 347 -12.64 -4.66 68.24
CA ILE E 347 -12.54 -4.49 69.69
C ILE E 347 -13.03 -5.75 70.40
N SER E 348 -14.08 -6.37 69.88
CA SER E 348 -14.65 -7.53 70.55
C SER E 348 -13.67 -8.70 70.59
N LYS E 349 -13.00 -8.97 69.45
CA LYS E 349 -12.12 -10.12 69.35
C LYS E 349 -10.85 -9.93 70.18
N ASP E 350 -10.35 -8.71 70.26
CA ASP E 350 -9.16 -8.48 71.07
C ASP E 350 -9.46 -8.72 72.54
N ILE E 351 -10.63 -8.30 73.03
CA ILE E 351 -10.91 -8.46 74.46
C ILE E 351 -11.41 -9.87 74.76
N PHE E 352 -12.36 -10.36 73.98
CA PHE E 352 -13.02 -11.62 74.30
C PHE E 352 -12.53 -12.80 73.47
N GLY E 353 -11.90 -12.54 72.34
CA GLY E 353 -11.48 -13.60 71.46
C GLY E 353 -12.46 -14.01 70.39
N GLU E 354 -13.63 -13.39 70.30
CA GLU E 354 -14.48 -13.62 69.14
C GLU E 354 -15.19 -12.35 68.72
N TRP E 355 -15.47 -12.27 67.42
CA TRP E 355 -15.80 -10.99 66.81
C TRP E 355 -17.18 -10.50 67.21
N ASN E 356 -18.12 -11.41 67.47
CA ASN E 356 -19.50 -11.03 67.67
C ASN E 356 -19.96 -11.25 69.11
N VAL E 357 -19.03 -11.47 70.05
CA VAL E 357 -19.38 -11.55 71.45
C VAL E 357 -20.07 -10.27 71.90
N ILE E 358 -19.48 -9.11 71.56
CA ILE E 358 -20.00 -7.85 72.06
C ILE E 358 -21.41 -7.63 71.57
N ARG E 359 -21.68 -7.94 70.30
CA ARG E 359 -23.03 -7.71 69.81
C ARG E 359 -23.99 -8.76 70.35
N ASP E 360 -23.55 -10.01 70.43
CA ASP E 360 -24.45 -11.05 70.91
C ASP E 360 -24.83 -10.83 72.37
N LYS E 361 -23.86 -10.42 73.20
CA LYS E 361 -24.19 -10.16 74.59
C LYS E 361 -25.11 -8.97 74.69
N TRP E 362 -24.93 -7.98 73.80
CA TRP E 362 -25.89 -6.87 73.71
C TRP E 362 -27.25 -7.38 73.27
N ASN E 363 -27.28 -8.34 72.34
CA ASN E 363 -28.56 -8.83 71.89
C ASN E 363 -29.25 -9.56 73.03
N ALA E 364 -28.48 -10.24 73.86
CA ALA E 364 -29.08 -10.95 74.97
C ALA E 364 -29.74 -9.96 75.92
N GLU E 365 -29.00 -8.92 76.32
CA GLU E 365 -29.55 -7.90 77.20
C GLU E 365 -30.73 -7.16 76.57
N TYR E 366 -30.71 -6.93 75.27
CA TYR E 366 -31.87 -6.29 74.66
C TYR E 366 -33.12 -7.13 74.91
N ASP E 367 -32.98 -8.47 74.81
CA ASP E 367 -34.14 -9.36 74.82
C ASP E 367 -34.85 -9.37 76.18
N ASP E 368 -34.13 -9.63 77.29
CA ASP E 368 -34.83 -9.75 78.57
C ASP E 368 -35.65 -8.48 78.88
N ILE E 369 -35.27 -7.34 78.31
CA ILE E 369 -36.06 -6.14 78.52
C ILE E 369 -37.27 -6.11 77.60
N HIS E 370 -37.10 -6.62 76.38
CA HIS E 370 -38.03 -6.44 75.28
C HIS E 370 -38.71 -7.70 74.78
N LEU E 371 -38.46 -8.87 75.40
CA LEU E 371 -38.94 -10.13 74.85
C LEU E 371 -40.06 -10.76 75.68
N LYS E 372 -41.21 -10.97 75.03
CA LYS E 372 -42.39 -11.67 75.52
C LYS E 372 -42.49 -13.06 74.85
N LYS E 373 -43.10 -14.02 75.56
CA LYS E 373 -42.93 -15.45 75.25
C LYS E 373 -43.48 -15.87 73.87
N LYS E 374 -44.71 -15.48 73.54
CA LYS E 374 -45.41 -16.11 72.40
C LYS E 374 -45.02 -15.52 71.03
N ALA E 375 -44.45 -14.32 71.00
CA ALA E 375 -43.78 -13.86 69.78
C ALA E 375 -42.62 -14.79 69.42
N VAL E 376 -42.03 -15.44 70.43
CA VAL E 376 -40.89 -16.37 70.37
C VAL E 376 -39.70 -15.54 69.89
N VAL E 377 -39.73 -15.20 68.61
CA VAL E 377 -39.06 -14.06 67.96
C VAL E 377 -39.68 -14.05 66.57
N THR E 378 -39.97 -12.85 66.10
CA THR E 378 -40.46 -12.58 64.78
C THR E 378 -39.31 -12.01 63.96
N GLU E 379 -39.37 -12.17 62.64
CA GLU E 379 -38.30 -11.57 61.84
C GLU E 379 -38.27 -10.06 62.04
N LYS E 380 -39.44 -9.44 62.23
CA LYS E 380 -39.52 -8.04 62.62
C LYS E 380 -38.79 -7.78 63.93
N TYR E 381 -39.09 -8.53 64.99
CA TYR E 381 -38.47 -8.24 66.27
C TYR E 381 -36.96 -8.29 66.14
N GLU E 382 -36.43 -9.37 65.58
CA GLU E 382 -35.02 -9.46 65.23
C GLU E 382 -34.59 -8.26 64.39
N ASP E 383 -35.38 -7.90 63.37
CA ASP E 383 -35.09 -6.70 62.59
C ASP E 383 -35.02 -5.44 63.45
N ASP E 384 -35.89 -5.33 64.46
CA ASP E 384 -35.89 -4.12 65.29
C ASP E 384 -34.76 -4.15 66.30
N ARG E 385 -34.30 -5.35 66.66
CA ARG E 385 -33.14 -5.50 67.52
C ARG E 385 -31.84 -5.16 66.82
N ARG E 386 -31.77 -5.39 65.50
CA ARG E 386 -30.58 -5.00 64.75
C ARG E 386 -30.52 -3.50 64.54
N LYS E 387 -31.66 -2.80 64.60
CA LYS E 387 -31.63 -1.36 64.30
C LYS E 387 -31.21 -0.52 65.50
N SER E 388 -31.55 -0.94 66.72
CA SER E 388 -31.15 -0.15 67.86
C SER E 388 -29.74 -0.44 68.33
N PHE E 389 -29.17 -1.60 67.97
CA PHE E 389 -27.75 -1.78 68.20
C PHE E 389 -26.97 -0.74 67.42
N LYS E 390 -27.53 -0.38 66.25
CA LYS E 390 -26.98 0.56 65.29
C LYS E 390 -27.07 1.97 65.83
N LYS E 391 -28.01 2.21 66.74
CA LYS E 391 -28.19 3.52 67.38
C LYS E 391 -27.52 3.63 68.74
N ILE E 392 -27.18 2.52 69.39
CA ILE E 392 -26.30 2.58 70.55
C ILE E 392 -25.01 3.27 70.12
N GLY E 393 -24.68 4.37 70.78
CA GLY E 393 -23.57 5.14 70.27
C GLY E 393 -22.24 4.71 70.84
N SER E 394 -22.24 4.17 72.05
CA SER E 394 -21.00 3.80 72.69
C SER E 394 -21.24 2.69 73.68
N PHE E 395 -20.15 2.17 74.23
CA PHE E 395 -20.16 1.18 75.29
C PHE E 395 -19.25 1.65 76.40
N SER E 396 -19.77 1.79 77.60
CA SER E 396 -18.93 2.11 78.73
C SER E 396 -17.95 0.98 78.95
N LEU E 397 -16.87 1.29 79.69
CA LEU E 397 -16.04 0.16 80.03
C LEU E 397 -16.77 -0.81 80.96
N GLU E 398 -17.87 -0.40 81.59
CA GLU E 398 -18.60 -1.33 82.46
C GLU E 398 -19.64 -2.16 81.72
N GLN E 399 -20.28 -1.60 80.68
CA GLN E 399 -21.14 -2.45 79.88
C GLN E 399 -20.32 -3.54 79.20
N LEU E 400 -19.05 -3.27 78.94
CA LEU E 400 -18.17 -4.29 78.37
C LEU E 400 -17.83 -5.37 79.38
N GLN E 401 -17.52 -5.01 80.63
CA GLN E 401 -17.16 -6.07 81.57
C GLN E 401 -18.39 -6.81 82.07
N GLU E 402 -19.52 -6.13 82.13
CA GLU E 402 -20.75 -6.85 82.42
C GLU E 402 -20.99 -7.91 81.36
N TYR E 403 -20.50 -7.65 80.14
CA TYR E 403 -20.44 -8.65 79.06
C TYR E 403 -19.37 -9.73 79.28
N ALA E 404 -18.43 -9.52 80.20
CA ALA E 404 -17.30 -10.43 80.38
C ALA E 404 -17.60 -11.58 81.34
N ASP E 405 -16.77 -12.62 81.24
CA ASP E 405 -16.80 -13.76 82.15
C ASP E 405 -15.93 -13.46 83.37
N ALA E 406 -16.33 -13.98 84.51
CA ALA E 406 -15.41 -13.96 85.64
C ALA E 406 -14.19 -14.79 85.28
N ASP E 407 -13.02 -14.35 85.74
CA ASP E 407 -12.82 -13.03 86.30
C ASP E 407 -11.81 -12.37 85.36
N LEU E 408 -12.16 -12.41 84.07
CA LEU E 408 -11.50 -11.67 83.01
C LEU E 408 -11.75 -10.18 83.21
N SER E 409 -10.69 -9.43 83.49
CA SER E 409 -10.82 -8.00 83.75
C SER E 409 -10.67 -7.26 82.43
N VAL E 410 -11.78 -6.73 81.92
CA VAL E 410 -11.80 -6.11 80.59
C VAL E 410 -10.86 -4.90 80.55
N VAL E 411 -10.79 -4.13 81.63
CA VAL E 411 -10.00 -2.91 81.58
C VAL E 411 -8.51 -3.22 81.73
N GLU E 412 -8.15 -4.29 82.42
CA GLU E 412 -6.73 -4.62 82.44
C GLU E 412 -6.35 -5.41 81.20
N LYS E 413 -7.32 -6.11 80.59
CA LYS E 413 -7.09 -6.72 79.29
C LYS E 413 -6.76 -5.67 78.25
N LEU E 414 -7.53 -4.58 78.24
CA LEU E 414 -7.27 -3.52 77.28
C LEU E 414 -6.03 -2.73 77.62
N LYS E 415 -5.66 -2.64 78.90
CA LYS E 415 -4.32 -2.16 79.20
C LYS E 415 -3.27 -3.02 78.52
N GLU E 416 -3.47 -4.35 78.54
CA GLU E 416 -2.50 -5.26 77.97
C GLU E 416 -2.50 -5.20 76.44
N ILE E 417 -3.66 -4.89 75.84
CA ILE E 417 -3.79 -4.76 74.40
C ILE E 417 -3.07 -3.51 73.89
N ILE E 418 -3.19 -2.40 74.62
CA ILE E 418 -2.60 -1.14 74.19
C ILE E 418 -1.08 -1.13 74.41
N ILE E 419 -0.60 -1.66 75.53
CA ILE E 419 0.84 -1.61 75.81
C ILE E 419 1.61 -2.49 74.83
N GLN E 420 1.01 -3.63 74.44
CA GLN E 420 1.62 -4.46 73.40
C GLN E 420 1.75 -3.70 72.08
N LYS E 421 0.97 -2.64 71.88
CA LYS E 421 1.03 -1.82 70.67
C LYS E 421 2.09 -0.74 70.74
N VAL E 422 2.35 -0.15 71.92
CA VAL E 422 3.41 0.85 71.96
C VAL E 422 4.75 0.18 72.10
N ASP E 423 4.81 -0.96 72.78
CA ASP E 423 6.06 -1.68 72.87
C ASP E 423 6.44 -2.27 71.52
N GLU E 424 5.47 -2.43 70.60
CA GLU E 424 5.80 -2.74 69.22
C GLU E 424 6.25 -1.46 68.49
N ILE E 425 5.71 -0.29 68.85
CA ILE E 425 6.23 0.96 68.27
C ILE E 425 7.69 1.15 68.64
N TYR E 426 8.06 0.86 69.88
CA TYR E 426 9.45 1.08 70.29
C TYR E 426 10.41 0.10 69.61
N LYS E 427 9.96 -1.12 69.30
CA LYS E 427 10.81 -2.05 68.56
C LYS E 427 11.00 -1.58 67.13
N VAL E 428 10.03 -0.83 66.60
CA VAL E 428 10.18 -0.23 65.28
C VAL E 428 11.14 0.95 65.32
N TYR E 429 11.31 1.60 66.46
CA TYR E 429 12.27 2.70 66.54
C TYR E 429 13.71 2.22 66.60
N GLY E 430 13.97 1.00 67.06
CA GLY E 430 15.30 0.44 66.97
C GLY E 430 15.68 0.21 65.52
N SER E 431 14.85 -0.60 64.83
CA SER E 431 15.04 -0.83 63.40
C SER E 431 15.15 0.46 62.58
N SER E 432 14.68 1.59 63.12
CA SER E 432 14.61 2.84 62.37
C SER E 432 15.60 3.89 62.88
N GLU E 433 16.55 3.52 63.73
CA GLU E 433 17.32 4.52 64.46
C GLU E 433 18.35 5.25 63.60
N LYS E 434 18.98 4.57 62.62
CA LYS E 434 20.00 5.25 61.84
C LYS E 434 19.44 6.18 60.77
N LEU E 435 18.15 6.07 60.43
CA LEU E 435 17.52 7.12 59.63
C LEU E 435 17.33 8.37 60.46
N PHE E 436 17.23 8.21 61.78
CA PHE E 436 16.98 9.34 62.65
C PHE E 436 18.26 10.06 63.03
N ASP E 437 19.41 9.42 62.84
CA ASP E 437 20.67 10.08 63.13
C ASP E 437 20.92 11.16 62.10
N ALA E 438 21.65 12.19 62.52
CA ALA E 438 22.02 13.28 61.60
C ALA E 438 23.02 12.83 60.55
N ASP E 439 23.91 11.89 60.90
CA ASP E 439 24.94 11.43 59.98
C ASP E 439 24.38 10.78 58.72
N PHE E 440 23.12 10.39 58.74
CA PHE E 440 22.61 9.51 57.68
C PHE E 440 22.71 10.20 56.32
N VAL E 441 23.40 9.56 55.39
CA VAL E 441 23.54 10.04 54.03
C VAL E 441 22.81 9.05 53.12
N LEU E 442 22.00 9.57 52.19
CA LEU E 442 21.17 8.69 51.40
C LEU E 442 22.00 7.88 50.42
N GLU E 443 21.83 6.56 50.47
CA GLU E 443 22.56 5.69 49.55
C GLU E 443 22.08 5.88 48.11
N LYS E 444 20.79 6.08 47.91
CA LYS E 444 20.17 5.92 46.60
C LYS E 444 19.11 6.98 46.40
N SER E 445 18.59 7.04 45.18
CA SER E 445 17.34 7.74 44.96
C SER E 445 16.30 7.11 45.87
N LEU E 446 15.59 7.94 46.62
CA LEU E 446 14.66 7.38 47.61
C LEU E 446 13.58 6.59 46.91
N LYS E 447 13.14 7.04 45.74
CA LYS E 447 12.02 6.42 45.06
C LYS E 447 12.34 4.99 44.65
N LYS E 448 13.60 4.75 44.28
CA LYS E 448 14.10 3.41 43.96
C LYS E 448 14.79 2.75 45.15
N ASN E 449 14.96 3.48 46.28
CA ASN E 449 15.65 2.96 47.48
C ASN E 449 14.70 2.04 48.23
N ASP E 450 14.91 0.75 48.01
CA ASP E 450 13.87 -0.22 48.28
C ASP E 450 13.79 -0.53 49.78
N ALA E 451 14.94 -0.43 50.50
CA ALA E 451 15.07 -0.80 51.91
C ALA E 451 14.64 0.29 52.88
N VAL E 452 15.04 1.55 52.64
CA VAL E 452 14.79 2.57 53.65
C VAL E 452 13.34 3.02 53.59
N VAL E 453 12.71 2.95 52.43
CA VAL E 453 11.30 3.29 52.39
C VAL E 453 10.48 2.29 53.19
N ALA E 454 10.85 1.01 53.15
CA ALA E 454 10.15 0.03 53.97
C ALA E 454 10.32 0.33 55.47
N ILE E 455 11.41 0.99 55.85
CA ILE E 455 11.62 1.34 57.25
C ILE E 455 10.70 2.49 57.65
N MET E 456 10.56 3.50 56.79
CA MET E 456 9.60 4.56 57.03
C MET E 456 8.19 3.99 57.12
N LYS E 457 7.84 3.10 56.21
CA LYS E 457 6.51 2.55 56.22
C LYS E 457 6.29 1.69 57.46
N ASP E 458 7.32 0.97 57.90
CA ASP E 458 7.19 0.16 59.11
C ASP E 458 6.92 1.04 60.33
N LEU E 459 7.55 2.22 60.39
CA LEU E 459 7.30 3.12 61.51
C LEU E 459 5.96 3.83 61.37
N LEU E 460 5.69 4.40 60.18
CA LEU E 460 4.44 5.11 59.96
C LEU E 460 3.24 4.21 60.05
N ASP E 461 3.39 2.91 59.76
CA ASP E 461 2.27 2.02 59.89
C ASP E 461 1.99 1.70 61.35
N SER E 462 3.04 1.41 62.12
CA SER E 462 2.85 1.02 63.52
C SER E 462 2.27 2.16 64.35
N VAL E 463 2.63 3.40 64.02
CA VAL E 463 2.08 4.54 64.76
C VAL E 463 0.62 4.80 64.34
N LYS E 464 0.36 4.78 63.03
CA LYS E 464 -1.00 4.99 62.55
C LYS E 464 -1.93 3.85 62.95
N SER E 465 -1.42 2.61 62.90
CA SER E 465 -2.09 1.46 63.51
C SER E 465 -2.49 1.77 64.95
N PHE E 466 -1.60 2.38 65.71
CA PHE E 466 -1.87 2.65 67.11
C PHE E 466 -2.90 3.75 67.24
N GLU E 467 -2.77 4.80 66.43
CA GLU E 467 -3.69 5.91 66.56
C GLU E 467 -5.12 5.51 66.22
N ASN E 468 -5.32 4.83 65.09
CA ASN E 468 -6.68 4.45 64.70
C ASN E 468 -7.27 3.40 65.62
N TYR E 469 -6.45 2.64 66.34
CA TYR E 469 -7.00 1.72 67.32
C TYR E 469 -7.59 2.46 68.51
N ILE E 470 -6.83 3.40 69.08
CA ILE E 470 -7.32 4.15 70.22
C ILE E 470 -8.46 5.11 69.85
N LYS E 471 -8.61 5.49 68.58
CA LYS E 471 -9.66 6.43 68.21
C LYS E 471 -11.01 6.00 68.77
N ALA E 472 -11.27 4.70 68.78
CA ALA E 472 -12.55 4.20 69.26
C ALA E 472 -12.81 4.61 70.70
N PHE E 473 -11.77 4.98 71.46
CA PHE E 473 -11.92 5.33 72.86
C PHE E 473 -12.45 6.75 73.06
N PHE E 474 -12.74 7.48 71.98
CA PHE E 474 -13.40 8.75 72.17
C PHE E 474 -14.87 8.54 72.52
N GLY E 475 -15.59 7.75 71.71
CA GLY E 475 -16.94 7.37 72.08
C GLY E 475 -18.03 8.35 71.71
N GLU E 476 -17.79 9.24 70.75
CA GLU E 476 -18.78 10.17 70.17
C GLU E 476 -19.42 11.11 71.20
N GLY E 477 -18.85 11.24 72.40
CA GLY E 477 -19.55 11.94 73.47
C GLY E 477 -19.21 13.42 73.59
N LYS E 478 -20.23 14.24 73.86
CA LYS E 478 -21.69 13.96 73.92
C LYS E 478 -22.11 12.76 74.79
N GLU E 479 -21.41 12.53 75.89
CA GLU E 479 -21.82 11.49 76.83
C GLU E 479 -21.90 12.09 78.22
N THR E 480 -22.89 11.62 78.97
CA THR E 480 -23.46 12.41 80.06
C THR E 480 -22.44 12.67 81.17
N ASN E 481 -21.62 11.66 81.53
CA ASN E 481 -20.65 11.89 82.62
C ASN E 481 -19.34 11.20 82.29
N ARG E 482 -18.61 11.78 81.33
CA ARG E 482 -17.27 11.34 80.99
C ARG E 482 -16.30 11.67 82.10
N ASP E 483 -15.34 10.78 82.30
CA ASP E 483 -14.27 11.01 83.27
C ASP E 483 -13.21 11.87 82.58
N GLU E 484 -13.41 13.20 82.59
CA GLU E 484 -12.49 14.06 81.82
C GLU E 484 -11.14 14.24 82.52
N SER E 485 -10.96 13.61 83.69
CA SER E 485 -9.61 13.32 84.16
C SER E 485 -8.81 12.58 83.09
N PHE E 486 -9.37 11.48 82.60
CA PHE E 486 -8.73 10.73 81.51
C PHE E 486 -8.79 11.49 80.18
N TYR E 487 -9.97 11.98 79.77
CA TYR E 487 -10.12 12.48 78.40
C TYR E 487 -9.39 13.80 78.14
N GLY E 488 -9.07 14.56 79.17
CA GLY E 488 -8.32 15.79 78.95
C GLY E 488 -6.96 15.53 78.34
N ASP E 489 -6.17 14.68 79.00
CA ASP E 489 -4.86 14.34 78.45
C ASP E 489 -5.00 13.53 77.17
N PHE E 490 -5.96 12.61 77.13
CA PHE E 490 -6.18 11.78 75.96
C PHE E 490 -6.46 12.62 74.72
N VAL E 491 -7.40 13.57 74.81
CA VAL E 491 -7.78 14.33 73.62
C VAL E 491 -6.61 15.17 73.12
N LEU E 492 -5.81 15.73 74.03
CA LEU E 492 -4.63 16.49 73.59
C LEU E 492 -3.71 15.59 72.80
N ALA E 493 -3.26 14.50 73.43
CA ALA E 493 -2.36 13.57 72.77
C ALA E 493 -2.96 13.03 71.48
N TYR E 494 -4.26 12.73 71.47
CA TYR E 494 -4.84 12.14 70.27
C TYR E 494 -4.86 13.15 69.14
N ASP E 495 -5.16 14.41 69.44
CA ASP E 495 -5.15 15.43 68.41
C ASP E 495 -3.76 15.69 67.88
N ILE E 496 -2.72 15.36 68.66
CA ILE E 496 -1.37 15.51 68.18
C ILE E 496 -1.02 14.33 67.29
N LEU E 497 -1.20 13.12 67.83
CA LEU E 497 -1.01 11.88 67.08
C LEU E 497 -1.75 11.90 65.77
N LEU E 498 -2.84 12.66 65.69
CA LEU E 498 -3.60 12.79 64.46
C LEU E 498 -2.78 13.45 63.36
N LYS E 499 -1.69 14.15 63.71
CA LYS E 499 -0.93 14.86 62.70
C LYS E 499 -0.25 13.92 61.71
N VAL E 500 -0.01 12.66 62.07
CA VAL E 500 0.73 11.76 61.18
C VAL E 500 0.00 11.48 59.91
N ASP E 501 -1.32 11.64 59.89
CA ASP E 501 -2.04 11.21 58.70
C ASP E 501 -1.77 12.13 57.51
N HIS E 502 -1.29 13.35 57.74
CA HIS E 502 -0.85 14.16 56.60
C HIS E 502 0.57 13.78 56.18
N ILE E 503 1.47 13.59 57.14
CA ILE E 503 2.78 13.04 56.81
C ILE E 503 2.62 11.69 56.11
N TYR E 504 1.72 10.85 56.62
CA TYR E 504 1.56 9.51 56.04
C TYR E 504 1.20 9.60 54.57
N ASP E 505 0.21 10.40 54.21
CA ASP E 505 -0.15 10.40 52.80
C ASP E 505 0.85 11.18 51.96
N ALA E 506 1.49 12.20 52.53
CA ALA E 506 2.45 12.97 51.75
C ALA E 506 3.72 12.18 51.45
N ILE E 507 4.23 11.43 52.44
CA ILE E 507 5.42 10.61 52.17
C ILE E 507 5.08 9.47 51.21
N ARG E 508 3.92 8.85 51.40
CA ARG E 508 3.54 7.75 50.51
C ARG E 508 3.40 8.24 49.07
N ASN E 509 2.82 9.43 48.86
CA ASN E 509 2.62 9.95 47.49
C ASN E 509 3.94 10.28 46.83
N TYR E 510 4.91 10.78 47.59
CA TYR E 510 6.22 11.06 47.01
C TYR E 510 6.98 9.77 46.71
N VAL E 511 6.99 8.85 47.66
CA VAL E 511 7.88 7.70 47.56
C VAL E 511 7.53 6.78 46.41
N THR E 512 6.25 6.68 46.03
CA THR E 512 5.82 5.72 45.01
C THR E 512 5.51 6.32 43.63
N GLN E 513 6.05 7.49 43.30
CA GLN E 513 5.93 7.90 41.90
C GLN E 513 7.04 7.19 41.10
N LYS E 514 6.81 7.12 39.79
CA LYS E 514 7.74 6.45 38.89
C LYS E 514 9.16 6.99 39.08
N PRO E 515 10.17 6.12 39.13
CA PRO E 515 11.54 6.58 39.43
C PRO E 515 12.08 7.53 38.38
N TYR E 516 11.73 7.32 37.12
CA TYR E 516 12.10 8.28 36.09
C TYR E 516 11.10 9.45 36.09
N SER E 517 11.54 10.57 35.54
CA SER E 517 10.68 11.76 35.43
C SER E 517 10.65 12.28 34.01
N LYS E 518 9.59 12.98 33.68
CA LYS E 518 9.53 13.60 32.38
C LYS E 518 9.49 15.13 32.49
N ASP E 519 9.88 15.68 33.66
CA ASP E 519 9.96 17.12 33.80
C ASP E 519 10.97 17.65 32.79
N LYS E 520 10.66 18.82 32.21
CA LYS E 520 11.56 19.39 31.23
C LYS E 520 11.37 20.90 31.23
N PHE E 521 12.37 21.63 30.73
CA PHE E 521 12.23 23.07 30.63
C PHE E 521 12.50 23.55 29.21
N LYS E 522 11.81 24.61 28.82
CA LYS E 522 11.96 25.16 27.48
C LYS E 522 13.28 25.91 27.35
N LEU E 523 13.89 25.77 26.19
CA LEU E 523 15.14 26.44 25.86
C LEU E 523 14.86 27.62 24.94
N TYR E 524 15.55 28.73 25.19
CA TYR E 524 15.37 29.92 24.38
C TYR E 524 16.62 30.33 23.64
N PHE E 525 17.80 29.88 24.08
CA PHE E 525 19.06 30.35 23.54
C PHE E 525 19.08 31.87 23.50
N GLN E 526 18.70 32.48 24.62
CA GLN E 526 18.73 33.92 24.80
C GLN E 526 17.97 34.64 23.68
N ASN E 527 16.79 34.14 23.35
CA ASN E 527 15.96 34.75 22.31
C ASN E 527 14.51 34.63 22.74
N PRO E 528 13.83 35.73 23.03
CA PRO E 528 12.46 35.61 23.52
C PRO E 528 11.53 35.08 22.48
N GLN E 529 11.89 35.15 21.20
CA GLN E 529 11.06 34.58 20.15
C GLN E 529 11.80 33.47 19.44
N PHE E 530 12.54 32.69 20.20
CA PHE E 530 13.43 31.70 19.62
C PHE E 530 12.64 30.73 18.74
N MET E 531 13.18 30.46 17.55
CA MET E 531 12.64 29.42 16.68
C MET E 531 11.14 29.61 16.41
N GLY E 532 10.73 30.87 16.25
CA GLY E 532 9.31 31.12 16.06
C GLY E 532 8.78 30.66 14.71
N GLY E 533 9.59 30.76 13.66
CA GLY E 533 9.18 30.41 12.31
C GLY E 533 10.36 29.89 11.53
N TRP E 534 10.12 29.53 10.28
CA TRP E 534 11.17 28.94 9.47
C TRP E 534 11.51 29.74 8.23
N ASP E 535 10.79 30.85 7.97
CA ASP E 535 10.99 31.58 6.73
C ASP E 535 12.44 32.07 6.66
N LYS E 536 12.94 32.18 5.42
CA LYS E 536 14.33 32.60 5.24
C LYS E 536 14.54 34.02 5.75
N ASP E 537 13.54 34.89 5.55
CA ASP E 537 13.65 36.29 5.94
C ASP E 537 13.89 36.48 7.42
N LYS E 538 13.54 35.49 8.23
CA LYS E 538 13.60 35.62 9.67
C LYS E 538 14.63 34.69 10.30
N GLU E 539 15.44 34.02 9.48
CA GLU E 539 16.48 33.14 9.99
C GLU E 539 17.31 33.81 11.07
N THR E 540 17.74 35.04 10.82
CA THR E 540 18.52 35.78 11.81
C THR E 540 17.68 36.21 13.01
N ASP E 541 16.38 36.48 12.79
CA ASP E 541 15.52 36.88 13.90
C ASP E 541 15.26 35.71 14.84
N TYR E 542 15.07 34.52 14.32
CA TYR E 542 14.81 33.37 15.18
C TYR E 542 16.08 32.63 15.57
N ARG E 543 17.19 32.86 14.84
CA ARG E 543 18.48 32.23 15.13
C ARG E 543 18.37 30.70 15.14
N ALA E 544 17.42 30.16 14.36
CA ALA E 544 17.27 28.73 14.19
C ALA E 544 16.90 28.41 12.75
N THR E 545 17.41 27.28 12.26
CA THR E 545 17.12 26.82 10.91
C THR E 545 17.46 25.32 10.81
N ILE E 546 17.11 24.71 9.67
CA ILE E 546 17.22 23.26 9.46
C ILE E 546 18.25 22.96 8.37
N LEU E 547 19.20 22.07 8.65
CA LEU E 547 20.14 21.57 7.66
C LEU E 547 19.96 20.06 7.45
N ARG E 548 20.58 19.55 6.39
CA ARG E 548 20.59 18.10 6.20
C ARG E 548 21.88 17.65 5.51
N TYR E 549 22.36 16.47 5.89
CA TYR E 549 23.49 15.79 5.27
C TYR E 549 22.94 14.45 4.77
N GLY E 550 22.60 14.39 3.49
CA GLY E 550 21.91 13.22 2.98
C GLY E 550 20.58 13.08 3.69
N SER E 551 20.33 11.88 4.21
CA SER E 551 19.07 11.55 4.84
C SER E 551 18.97 12.03 6.28
N LYS E 552 20.05 12.54 6.85
CA LYS E 552 20.05 12.99 8.24
C LYS E 552 19.76 14.49 8.31
N TYR E 553 18.87 14.89 9.18
CA TYR E 553 18.50 16.30 9.29
C TYR E 553 19.01 16.91 10.60
N TYR E 554 19.36 18.20 10.54
CA TYR E 554 19.91 18.89 11.70
C TYR E 554 19.13 20.16 12.02
N LEU E 555 19.04 20.46 13.30
CA LEU E 555 18.61 21.77 13.79
C LEU E 555 19.87 22.59 14.08
N ALA E 556 19.99 23.75 13.44
CA ALA E 556 21.17 24.61 13.61
C ALA E 556 20.72 25.88 14.31
N ILE E 557 21.40 26.22 15.40
CA ILE E 557 21.06 27.38 16.23
C ILE E 557 22.23 28.35 16.22
N MET E 558 21.94 29.62 15.94
CA MET E 558 22.93 30.68 15.88
C MET E 558 23.13 31.26 17.26
N ASP E 559 24.39 31.38 17.68
CA ASP E 559 24.65 32.11 18.91
C ASP E 559 24.16 33.54 18.77
N LYS E 560 23.72 34.11 19.90
CA LYS E 560 23.22 35.49 19.89
C LYS E 560 24.27 36.47 19.40
N LYS E 561 25.56 36.16 19.59
CA LYS E 561 26.65 37.02 19.14
C LYS E 561 26.97 36.87 17.65
N TYR E 562 26.48 35.82 16.99
CA TYR E 562 26.80 35.54 15.58
C TYR E 562 25.52 35.14 14.82
N ALA E 563 24.55 36.06 14.74
CA ALA E 563 23.27 35.72 14.13
C ALA E 563 23.39 35.48 12.63
N LYS E 564 24.36 36.10 11.97
CA LYS E 564 24.47 35.95 10.51
C LYS E 564 25.50 34.90 10.09
N CYS E 565 26.02 34.11 11.04
CA CYS E 565 27.08 33.16 10.72
C CYS E 565 26.70 32.10 9.70
N LEU E 566 25.41 31.91 9.38
CA LEU E 566 24.99 31.02 8.28
C LEU E 566 24.68 31.77 6.98
N GLN E 567 24.91 33.08 6.93
CA GLN E 567 24.26 33.96 5.95
C GLN E 567 24.86 33.84 4.54
N LYS E 568 26.21 33.84 4.42
CA LYS E 568 26.86 33.74 3.10
C LYS E 568 27.84 32.58 3.11
N ILE E 569 27.35 31.41 2.70
CA ILE E 569 28.10 30.16 2.62
C ILE E 569 27.69 29.46 1.33
N ASP E 570 28.66 28.98 0.53
CA ASP E 570 28.22 28.19 -0.63
C ASP E 570 29.36 27.36 -1.21
N LYS E 571 28.98 26.21 -1.81
CA LYS E 571 29.84 25.37 -2.63
C LYS E 571 28.99 24.75 -3.73
N ASP E 572 29.62 24.41 -4.86
CA ASP E 572 28.86 24.04 -6.05
C ASP E 572 28.43 22.58 -6.03
N ASP E 573 29.13 21.75 -5.25
CA ASP E 573 28.82 20.33 -5.11
C ASP E 573 28.29 20.06 -3.71
N VAL E 574 27.16 19.33 -3.62
CA VAL E 574 26.67 18.92 -2.31
C VAL E 574 27.41 17.69 -1.78
N ASN E 575 28.24 17.03 -2.61
CA ASN E 575 29.07 15.91 -2.19
C ASN E 575 30.04 16.43 -1.13
N GLY E 576 29.74 16.10 0.13
CA GLY E 576 30.54 16.57 1.23
C GLY E 576 30.10 17.88 1.82
N ASN E 577 28.81 18.26 1.69
CA ASN E 577 28.35 19.55 2.16
C ASN E 577 26.94 19.42 2.72
N TYR E 578 26.58 20.36 3.62
CA TYR E 578 25.20 20.37 4.06
C TYR E 578 24.32 21.08 3.06
N GLU E 579 23.03 21.00 3.30
CA GLU E 579 22.06 21.85 2.64
C GLU E 579 21.26 22.59 3.70
N LYS E 580 21.06 23.88 3.49
CA LYS E 580 20.17 24.68 4.33
C LYS E 580 18.82 24.79 3.61
N ILE E 581 17.75 24.71 4.38
CA ILE E 581 16.40 24.80 3.82
C ILE E 581 16.15 26.25 3.43
N ASN E 582 15.48 26.44 2.32
CA ASN E 582 15.02 27.75 1.89
C ASN E 582 13.50 27.69 1.96
N TYR E 583 12.96 28.21 3.07
CA TYR E 583 11.55 28.06 3.41
C TYR E 583 10.86 29.41 3.29
N LYS E 584 9.76 29.46 2.54
CA LYS E 584 9.02 30.71 2.35
C LYS E 584 7.54 30.49 2.64
N LEU E 585 6.96 31.36 3.48
CA LEU E 585 5.57 31.21 3.91
C LEU E 585 4.85 32.56 3.91
N LEU E 586 3.67 32.58 3.32
CA LEU E 586 2.77 33.69 3.48
C LEU E 586 1.66 33.15 4.35
N PRO E 587 1.62 33.63 5.66
CA PRO E 587 0.65 32.95 6.50
C PRO E 587 -0.50 33.85 6.84
N GLY E 588 -1.72 33.34 6.82
CA GLY E 588 -2.88 34.18 7.04
C GLY E 588 -3.10 35.29 6.05
N PRO E 589 -3.40 34.88 4.74
CA PRO E 589 -3.47 35.99 3.78
C PRO E 589 -4.49 37.02 4.18
N ASN E 590 -5.60 36.62 4.78
CA ASN E 590 -6.60 37.58 5.12
C ASN E 590 -6.02 38.62 6.06
N LYS E 591 -5.28 38.20 7.07
CA LYS E 591 -4.54 39.14 7.90
C LYS E 591 -3.31 39.81 7.25
N MET E 592 -2.51 39.03 6.56
CA MET E 592 -1.27 39.51 5.98
C MET E 592 -1.41 40.54 4.87
N LEU E 593 -2.37 40.34 3.99
CA LEU E 593 -2.54 41.26 2.87
C LEU E 593 -3.00 42.66 3.32
N PRO E 594 -4.02 42.79 4.18
CA PRO E 594 -4.33 44.15 4.66
C PRO E 594 -3.24 44.72 5.51
N LYS E 595 -2.56 43.88 6.31
CA LYS E 595 -1.51 44.38 7.19
C LYS E 595 -0.44 45.08 6.38
N VAL E 596 0.04 44.44 5.31
CA VAL E 596 1.13 45.04 4.54
C VAL E 596 0.63 46.25 3.77
N PHE E 597 -0.44 46.07 2.98
CA PHE E 597 -0.82 47.09 2.00
C PHE E 597 -1.52 48.29 2.62
N PHE E 598 -1.98 48.20 3.88
CA PHE E 598 -2.56 49.35 4.54
C PHE E 598 -1.67 49.92 5.64
N SER E 599 -0.47 49.40 5.81
CA SER E 599 0.45 49.88 6.82
C SER E 599 0.92 51.30 6.51
N LYS E 600 1.43 51.99 7.52
CA LYS E 600 2.01 53.30 7.24
C LYS E 600 3.30 53.16 6.43
N LYS E 601 3.90 51.98 6.45
CA LYS E 601 5.11 51.78 5.68
C LYS E 601 4.82 51.81 4.18
N TRP E 602 3.65 51.30 3.76
CA TRP E 602 3.38 51.14 2.33
C TRP E 602 2.07 51.76 1.83
N MET E 603 1.19 52.24 2.70
CA MET E 603 -0.10 52.73 2.20
C MET E 603 0.10 53.91 1.26
N ALA E 604 1.05 54.79 1.57
CA ALA E 604 1.38 55.86 0.61
C ALA E 604 1.85 55.28 -0.72
N TYR E 605 2.71 54.25 -0.67
CA TYR E 605 3.31 53.71 -1.88
C TYR E 605 2.25 53.17 -2.85
N TYR E 606 1.25 52.45 -2.33
CA TYR E 606 0.17 51.88 -3.14
C TYR E 606 -1.06 52.72 -2.86
N ASN E 607 -1.12 53.89 -3.42
CA ASN E 607 -2.18 54.79 -2.99
C ASN E 607 -3.54 54.17 -3.34
N PRO E 608 -4.27 53.59 -2.38
CA PRO E 608 -5.55 52.96 -2.72
C PRO E 608 -6.60 54.02 -3.04
N SER E 609 -7.42 53.73 -4.06
CA SER E 609 -8.63 54.51 -4.31
C SER E 609 -9.34 54.80 -3.01
N GLU E 610 -9.80 56.05 -2.83
CA GLU E 610 -10.72 56.30 -1.72
C GLU E 610 -11.94 55.38 -1.85
N ASP E 611 -12.20 54.86 -3.05
CA ASP E 611 -13.19 53.80 -3.19
C ASP E 611 -12.74 52.51 -2.52
N ILE E 612 -11.45 52.17 -2.61
CA ILE E 612 -10.94 50.95 -2.00
C ILE E 612 -11.00 51.05 -0.46
N GLN E 613 -10.48 52.15 0.08
CA GLN E 613 -10.47 52.29 1.54
C GLN E 613 -11.88 52.20 2.10
N LYS E 614 -12.86 52.85 1.44
CA LYS E 614 -14.24 52.73 1.90
C LYS E 614 -14.72 51.29 1.78
N ILE E 615 -14.34 50.62 0.67
CA ILE E 615 -14.73 49.23 0.45
C ILE E 615 -14.25 48.36 1.59
N TYR E 616 -12.98 48.52 1.97
CA TYR E 616 -12.43 47.68 3.02
C TYR E 616 -12.99 48.05 4.40
N LYS E 617 -13.15 49.36 4.66
CA LYS E 617 -13.64 49.78 5.98
C LYS E 617 -15.06 49.30 6.26
N ASN E 618 -15.95 49.39 5.25
CA ASN E 618 -17.36 49.09 5.44
C ASN E 618 -17.70 47.61 5.32
N GLY E 619 -16.76 46.80 4.85
CA GLY E 619 -16.98 45.36 4.71
C GLY E 619 -17.83 45.02 3.52
N THR E 620 -17.66 45.75 2.41
CA THR E 620 -18.41 45.49 1.19
C THR E 620 -18.01 44.18 0.51
N PHE E 621 -16.86 43.60 0.87
CA PHE E 621 -16.30 42.44 0.19
C PHE E 621 -16.55 41.14 0.91
N LYS E 622 -17.23 41.18 2.06
CA LYS E 622 -17.56 40.00 2.85
C LYS E 622 -19.02 39.63 2.64
N LYS E 623 -19.38 38.41 3.02
CA LYS E 623 -20.76 37.99 2.82
C LYS E 623 -21.69 38.74 3.79
N GLY E 624 -22.98 38.82 3.42
CA GLY E 624 -23.96 39.44 4.28
C GLY E 624 -24.76 40.63 3.79
N ASP E 625 -25.28 41.37 4.77
CA ASP E 625 -25.95 42.66 4.56
C ASP E 625 -25.27 43.50 3.47
N MET E 626 -23.98 43.80 3.63
CA MET E 626 -23.27 44.80 2.83
C MET E 626 -22.58 44.24 1.57
N PHE E 627 -22.86 42.99 1.21
CA PHE E 627 -22.08 42.36 0.15
C PHE E 627 -22.33 42.97 -1.22
N ASN E 628 -21.24 43.23 -1.95
CA ASN E 628 -21.33 43.72 -3.32
C ASN E 628 -20.23 43.07 -4.15
N LEU E 629 -20.64 42.18 -5.06
CA LEU E 629 -19.68 41.41 -5.83
C LEU E 629 -18.71 42.30 -6.58
N ASN E 630 -19.20 43.40 -7.16
CA ASN E 630 -18.29 44.20 -7.97
C ASN E 630 -17.23 44.86 -7.13
N ASP E 631 -17.55 45.25 -5.89
CA ASP E 631 -16.53 45.90 -5.07
C ASP E 631 -15.59 44.88 -4.43
N CYS E 632 -16.02 43.62 -4.35
CA CYS E 632 -15.11 42.58 -3.90
C CYS E 632 -14.03 42.31 -4.95
N HIS E 633 -14.43 42.24 -6.23
CA HIS E 633 -13.44 42.13 -7.29
C HIS E 633 -12.47 43.31 -7.26
N LYS E 634 -12.98 44.50 -7.01
CA LYS E 634 -12.10 45.66 -7.10
C LYS E 634 -11.09 45.66 -5.97
N LEU E 635 -11.46 45.07 -4.82
CA LEU E 635 -10.48 44.86 -3.76
C LEU E 635 -9.48 43.78 -4.16
N ILE E 636 -9.95 42.67 -4.74
CA ILE E 636 -9.04 41.61 -5.15
C ILE E 636 -8.05 42.15 -6.17
N ASP E 637 -8.53 43.00 -7.07
CA ASP E 637 -7.66 43.61 -8.07
C ASP E 637 -6.59 44.45 -7.41
N PHE E 638 -6.96 45.18 -6.34
CA PHE E 638 -5.96 45.95 -5.63
C PHE E 638 -4.93 45.03 -5.00
N PHE E 639 -5.38 43.98 -4.33
CA PHE E 639 -4.43 43.07 -3.68
C PHE E 639 -3.55 42.39 -4.71
N LYS E 640 -4.11 42.05 -5.87
CA LYS E 640 -3.33 41.40 -6.92
C LYS E 640 -2.18 42.28 -7.37
N ASP E 641 -2.47 43.54 -7.73
CA ASP E 641 -1.46 44.42 -8.31
C ASP E 641 -0.35 44.74 -7.31
N SER E 642 -0.70 44.88 -6.02
CA SER E 642 0.34 45.19 -5.04
C SER E 642 1.22 43.98 -4.75
N ILE E 643 0.64 42.77 -4.81
CA ILE E 643 1.48 41.57 -4.69
C ILE E 643 2.51 41.55 -5.82
N SER E 644 2.13 41.99 -7.02
CA SER E 644 3.10 42.06 -8.11
C SER E 644 4.22 43.07 -7.83
N ARG E 645 3.98 44.06 -6.98
CA ARG E 645 5.01 45.06 -6.68
C ARG E 645 5.55 44.94 -5.26
N TYR E 646 5.22 43.86 -4.54
CA TYR E 646 5.89 43.55 -3.29
C TYR E 646 6.94 42.48 -3.59
N PRO E 647 8.21 42.85 -3.75
CA PRO E 647 9.23 41.86 -4.16
C PRO E 647 9.38 40.67 -3.22
N LYS E 648 9.23 40.86 -1.90
CA LYS E 648 9.38 39.77 -0.94
C LYS E 648 8.40 38.65 -1.23
N TRP E 649 7.18 38.99 -1.68
CA TRP E 649 6.19 38.00 -2.10
C TRP E 649 6.29 37.63 -3.58
N SER E 650 6.39 38.62 -4.47
CA SER E 650 6.24 38.35 -5.90
C SER E 650 7.33 37.42 -6.42
N ASN E 651 8.55 37.55 -5.92
CA ASN E 651 9.62 36.66 -6.38
C ASN E 651 9.56 35.27 -5.73
N ALA E 652 9.19 35.19 -4.45
CA ALA E 652 9.25 33.90 -3.76
C ALA E 652 8.22 32.93 -4.34
N TYR E 653 7.02 33.40 -4.61
CA TYR E 653 5.91 32.60 -5.10
C TYR E 653 5.58 33.13 -6.49
N ASP E 654 5.60 32.29 -7.50
CA ASP E 654 5.17 32.79 -8.80
C ASP E 654 3.67 32.59 -8.88
N PHE E 655 2.93 33.62 -8.49
CA PHE E 655 1.49 33.46 -8.36
C PHE E 655 0.87 33.32 -9.75
N ASN E 656 -0.09 32.43 -9.84
CA ASN E 656 -0.87 32.27 -11.07
C ASN E 656 -2.31 32.15 -10.59
N PHE E 657 -2.99 33.31 -10.48
CA PHE E 657 -4.36 33.39 -9.99
C PHE E 657 -5.38 33.14 -11.10
N SER E 658 -6.62 32.91 -10.67
CA SER E 658 -7.74 32.88 -11.58
C SER E 658 -8.11 34.30 -12.00
N GLU E 659 -8.77 34.43 -13.14
CA GLU E 659 -9.31 35.73 -13.50
C GLU E 659 -10.24 36.24 -12.40
N THR E 660 -10.08 37.52 -12.06
CA THR E 660 -10.82 38.10 -10.94
C THR E 660 -12.32 37.98 -11.15
N GLU E 661 -12.76 37.91 -12.40
CA GLU E 661 -14.18 37.72 -12.67
C GLU E 661 -14.68 36.37 -12.16
N LYS E 662 -13.82 35.35 -12.14
CA LYS E 662 -14.22 34.01 -11.74
C LYS E 662 -14.42 33.86 -10.24
N TYR E 663 -14.08 34.86 -9.43
CA TYR E 663 -14.16 34.72 -7.97
C TYR E 663 -15.59 34.93 -7.52
N LYS E 664 -16.08 34.02 -6.66
CA LYS E 664 -17.42 34.16 -6.13
C LYS E 664 -17.41 35.04 -4.89
N ASP E 665 -16.38 34.90 -4.04
CA ASP E 665 -16.18 35.68 -2.81
C ASP E 665 -14.69 35.93 -2.58
N ILE E 666 -14.37 36.71 -1.55
CA ILE E 666 -12.97 37.08 -1.27
C ILE E 666 -12.15 35.86 -0.87
N ALA E 667 -12.78 34.88 -0.22
CA ALA E 667 -12.06 33.67 0.19
C ALA E 667 -11.52 32.92 -1.01
N GLY E 668 -12.22 32.95 -2.13
CA GLY E 668 -11.73 32.26 -3.29
C GLY E 668 -10.38 32.79 -3.74
N PHE E 669 -10.18 34.10 -3.58
CA PHE E 669 -8.89 34.67 -3.90
C PHE E 669 -7.88 34.33 -2.82
N TYR E 670 -8.25 34.53 -1.55
CA TYR E 670 -7.32 34.23 -0.46
C TYR E 670 -6.86 32.77 -0.52
N ARG E 671 -7.78 31.84 -0.86
CA ARG E 671 -7.41 30.44 -0.92
C ARG E 671 -6.29 30.23 -1.94
N GLU E 672 -6.41 30.88 -3.10
CA GLU E 672 -5.35 30.74 -4.10
C GLU E 672 -4.04 31.33 -3.59
N VAL E 673 -4.08 32.48 -2.90
CA VAL E 673 -2.86 33.06 -2.34
C VAL E 673 -2.26 32.11 -1.32
N GLU E 674 -3.08 31.56 -0.43
CA GLU E 674 -2.50 30.77 0.62
C GLU E 674 -1.97 29.45 0.07
N GLU E 675 -2.66 28.88 -0.91
CA GLU E 675 -2.19 27.63 -1.48
C GLU E 675 -0.81 27.78 -2.10
N GLN E 676 -0.58 28.88 -2.84
CA GLN E 676 0.70 29.01 -3.53
C GLN E 676 1.75 29.75 -2.72
N GLY E 677 1.38 30.32 -1.58
CA GLY E 677 2.32 31.03 -0.74
C GLY E 677 3.10 30.16 0.24
N TYR E 678 3.54 29.00 -0.21
CA TYR E 678 4.37 28.10 0.57
C TYR E 678 5.33 27.43 -0.40
N LYS E 679 6.62 27.46 -0.11
CA LYS E 679 7.58 26.75 -0.93
C LYS E 679 8.73 26.30 -0.06
N VAL E 680 9.20 25.07 -0.26
CA VAL E 680 10.31 24.55 0.51
C VAL E 680 11.28 23.93 -0.46
N SER E 681 12.56 24.28 -0.32
CA SER E 681 13.65 23.81 -1.16
C SER E 681 14.94 23.89 -0.36
N PHE E 682 16.02 23.40 -0.96
CA PHE E 682 17.31 23.40 -0.27
C PHE E 682 18.37 24.07 -1.14
N GLU E 683 19.29 24.75 -0.45
CA GLU E 683 20.50 25.31 -1.01
C GLU E 683 21.70 24.69 -0.32
N SER E 684 22.83 24.67 -1.00
CA SER E 684 24.00 24.04 -0.41
C SER E 684 24.64 24.97 0.61
N ALA E 685 25.39 24.39 1.53
CA ALA E 685 26.08 25.13 2.58
C ALA E 685 27.34 24.35 2.95
N SER E 686 28.49 25.01 2.80
CA SER E 686 29.80 24.42 3.10
C SER E 686 29.84 23.66 4.42
N LYS E 687 30.25 22.41 4.33
CA LYS E 687 30.33 21.63 5.54
C LYS E 687 31.53 22.05 6.39
N LYS E 688 32.67 22.39 5.77
CA LYS E 688 33.77 22.86 6.61
C LYS E 688 33.47 24.21 7.25
N GLU E 689 32.90 25.14 6.48
CA GLU E 689 32.63 26.43 7.09
C GLU E 689 31.46 26.42 8.05
N VAL E 690 30.77 25.29 8.21
CA VAL E 690 29.72 25.18 9.21
C VAL E 690 30.19 24.32 10.37
N ASP E 691 31.01 23.32 10.07
CA ASP E 691 31.61 22.54 11.15
C ASP E 691 32.55 23.39 11.99
N LYS E 692 33.12 24.44 11.41
CA LYS E 692 34.00 25.27 12.21
C LYS E 692 33.22 26.22 13.08
N LEU E 693 32.10 26.76 12.56
CA LEU E 693 31.19 27.55 13.39
C LEU E 693 30.78 26.77 14.63
N VAL E 694 30.50 25.47 14.47
CA VAL E 694 30.15 24.64 15.61
C VAL E 694 31.32 24.51 16.56
N GLU E 695 32.52 24.28 16.02
CA GLU E 695 33.72 24.21 16.86
C GLU E 695 33.93 25.52 17.59
N GLU E 696 33.85 26.63 16.85
CA GLU E 696 34.14 27.92 17.45
C GLU E 696 33.04 28.37 18.37
N GLY E 697 31.96 27.60 18.52
CA GLY E 697 30.88 27.98 19.39
C GLY E 697 30.01 29.10 18.85
N LYS E 698 30.10 29.38 17.54
CA LYS E 698 29.23 30.38 16.93
C LYS E 698 27.91 29.78 16.45
N LEU E 699 27.86 28.46 16.33
CA LEU E 699 26.69 27.70 15.90
C LEU E 699 26.56 26.48 16.78
N TYR E 700 25.32 26.08 17.06
CA TYR E 700 25.05 24.84 17.78
C TYR E 700 24.26 23.93 16.86
N MET E 701 24.71 22.67 16.73
CA MET E 701 24.05 21.73 15.82
C MET E 701 23.53 20.51 16.57
N PHE E 702 22.28 20.16 16.29
CA PHE E 702 21.63 18.99 16.86
C PHE E 702 21.10 18.15 15.71
N GLN E 703 21.35 16.84 15.73
CA GLN E 703 20.70 15.96 14.76
C GLN E 703 19.27 15.71 15.22
N ILE E 704 18.32 15.91 14.30
CA ILE E 704 16.94 15.57 14.58
C ILE E 704 16.80 14.06 14.49
N TYR E 705 16.37 13.41 15.58
CA TYR E 705 16.60 11.98 15.65
C TYR E 705 15.48 11.15 16.30
N ASN E 706 15.22 9.98 15.70
CA ASN E 706 14.64 8.83 16.40
C ASN E 706 15.29 7.58 15.81
N LYS E 707 14.95 6.41 16.37
CA LYS E 707 15.68 5.18 16.04
C LYS E 707 15.60 4.83 14.56
N ASP E 708 14.53 5.25 13.86
CA ASP E 708 14.49 4.97 12.43
C ASP E 708 15.66 5.58 11.68
N PHE E 709 16.36 6.56 12.27
CA PHE E 709 17.49 7.21 11.64
C PHE E 709 18.80 6.53 11.96
N SER E 710 18.74 5.41 12.67
CA SER E 710 19.95 4.71 13.06
C SER E 710 20.49 3.92 11.88
N ASP E 711 21.81 3.80 11.83
CA ASP E 711 22.44 2.95 10.82
C ASP E 711 21.99 1.49 10.94
N LYS E 712 21.48 1.07 12.11
CA LYS E 712 21.04 -0.30 12.37
C LYS E 712 19.56 -0.54 12.14
N SER E 713 18.82 0.45 11.62
CA SER E 713 17.38 0.36 11.43
C SER E 713 17.02 -0.22 10.06
N HIS E 714 16.20 -1.27 10.05
CA HIS E 714 15.56 -1.77 8.84
C HIS E 714 14.09 -2.04 9.13
N GLY E 715 13.27 -2.05 8.11
CA GLY E 715 11.87 -2.27 8.39
C GLY E 715 11.10 -0.97 8.40
N THR E 716 9.83 -1.12 8.68
CA THR E 716 8.90 -0.02 8.49
C THR E 716 9.16 1.09 9.50
N PRO E 717 9.23 2.35 9.04
CA PRO E 717 9.43 3.47 9.96
C PRO E 717 8.16 3.83 10.71
N ASN E 718 8.35 4.64 11.76
CA ASN E 718 7.19 5.21 12.44
C ASN E 718 6.38 6.04 11.44
N LEU E 719 5.06 6.01 11.60
CA LEU E 719 4.22 6.92 10.83
C LEU E 719 4.77 8.33 10.90
N HIS E 720 5.14 8.77 12.11
CA HIS E 720 5.65 10.13 12.26
C HIS E 720 7.01 10.28 11.62
N THR E 721 7.77 9.21 11.54
CA THR E 721 8.97 9.33 10.72
C THR E 721 8.60 9.63 9.28
N MET E 722 7.57 8.95 8.75
CA MET E 722 7.18 9.17 7.36
C MET E 722 6.76 10.61 7.11
N TYR E 723 5.91 11.15 8.01
CA TYR E 723 5.47 12.54 7.87
C TYR E 723 6.64 13.52 7.82
N PHE E 724 7.56 13.40 8.79
CA PHE E 724 8.73 14.29 8.81
C PHE E 724 9.45 14.26 7.47
N LYS E 725 9.93 13.07 7.07
CA LYS E 725 10.63 12.95 5.79
C LYS E 725 9.83 13.54 4.64
N LEU E 726 8.52 13.29 4.61
CA LEU E 726 7.71 13.79 3.50
C LEU E 726 7.60 15.30 3.48
N LEU E 727 7.92 15.99 4.60
CA LEU E 727 7.90 17.45 4.63
C LEU E 727 8.71 18.02 3.49
N PHE E 728 9.77 17.32 3.10
CA PHE E 728 10.73 17.78 2.10
C PHE E 728 10.75 16.97 0.82
N ASP E 729 9.85 16.00 0.66
CA ASP E 729 9.83 15.18 -0.54
C ASP E 729 9.11 15.94 -1.65
N GLU E 730 9.69 15.88 -2.85
CA GLU E 730 9.13 16.58 -4.02
C GLU E 730 7.73 16.08 -4.36
N ASN E 731 7.40 14.83 -4.00
CA ASN E 731 6.05 14.34 -4.25
C ASN E 731 5.01 14.95 -3.32
N ASN E 732 5.45 15.70 -2.31
CA ASN E 732 4.58 16.40 -1.36
C ASN E 732 4.27 17.78 -1.91
N HIS E 733 3.11 17.95 -2.51
CA HIS E 733 2.75 19.21 -3.13
C HIS E 733 1.90 20.07 -2.21
N GLY E 734 2.10 19.97 -0.91
CA GLY E 734 1.35 20.73 0.05
C GLY E 734 0.50 19.89 0.96
N GLN E 735 0.44 18.58 0.73
CA GLN E 735 -0.42 17.76 1.58
C GLN E 735 0.03 17.83 3.02
N ILE E 736 1.34 17.97 3.24
CA ILE E 736 1.86 18.19 4.58
C ILE E 736 2.85 19.34 4.52
N ARG E 737 2.59 20.39 5.29
CA ARG E 737 3.46 21.53 5.38
C ARG E 737 4.22 21.45 6.70
N LEU E 738 5.45 21.97 6.69
CA LEU E 738 6.18 22.25 7.92
C LEU E 738 5.71 23.58 8.54
N SER E 739 5.35 23.54 9.83
CA SER E 739 4.76 24.71 10.47
C SER E 739 5.74 25.45 11.38
N GLY E 740 5.34 26.67 11.74
CA GLY E 740 6.07 27.44 12.72
C GLY E 740 5.76 26.94 14.11
N GLY E 741 6.34 27.60 15.10
CA GLY E 741 6.02 27.27 16.47
C GLY E 741 6.67 26.01 17.01
N ALA E 742 7.80 25.60 16.45
CA ALA E 742 8.55 24.51 17.04
C ALA E 742 9.12 24.93 18.41
N GLU E 743 9.45 23.92 19.21
CA GLU E 743 9.98 24.11 20.54
C GLU E 743 11.07 23.08 20.88
N LEU E 744 12.10 23.56 21.57
CA LEU E 744 13.20 22.76 22.07
C LEU E 744 13.15 22.71 23.59
N PHE E 745 13.36 21.52 24.17
CA PHE E 745 13.35 21.33 25.61
C PHE E 745 14.58 20.55 26.09
N MET E 746 14.94 20.74 27.35
CA MET E 746 15.92 19.89 27.99
C MET E 746 15.20 19.04 29.04
N ARG E 747 15.32 17.72 28.92
CA ARG E 747 14.79 16.77 29.90
C ARG E 747 15.98 16.12 30.62
N ARG E 748 16.26 16.60 31.84
CA ARG E 748 17.40 16.07 32.58
C ARG E 748 17.19 14.58 32.88
N ALA E 749 18.31 13.86 32.99
CA ALA E 749 18.24 12.47 33.41
C ALA E 749 17.60 12.39 34.78
N SER E 750 16.75 11.38 34.97
CA SER E 750 16.09 11.10 36.23
C SER E 750 16.55 9.79 36.85
N LEU E 751 17.39 9.03 36.15
CA LEU E 751 17.90 7.76 36.64
C LEU E 751 19.38 7.73 36.33
N LYS E 752 20.10 6.83 36.98
CA LYS E 752 21.50 6.63 36.69
C LYS E 752 21.66 5.21 36.15
N LYS E 753 22.56 5.05 35.17
CA LYS E 753 22.72 3.75 34.55
C LYS E 753 23.00 2.68 35.59
N GLU E 754 23.70 3.05 36.67
CA GLU E 754 23.95 2.12 37.76
C GLU E 754 22.65 1.69 38.45
N GLU E 755 21.56 2.45 38.31
CA GLU E 755 20.30 2.07 38.91
C GLU E 755 19.44 1.20 38.01
N LEU E 756 19.74 1.16 36.72
CA LEU E 756 18.85 0.50 35.76
C LEU E 756 18.99 -1.01 35.71
N VAL E 757 17.86 -1.67 35.45
CA VAL E 757 17.80 -3.11 35.25
C VAL E 757 18.60 -3.51 34.02
N VAL E 758 19.41 -4.57 34.13
CA VAL E 758 20.32 -4.95 33.05
C VAL E 758 20.06 -6.39 32.64
N HIS E 759 20.15 -6.63 31.34
CA HIS E 759 20.50 -7.93 30.80
C HIS E 759 21.93 -7.82 30.29
N PRO E 760 22.91 -8.40 30.98
CA PRO E 760 24.30 -8.18 30.60
C PRO E 760 24.68 -8.96 29.36
N ALA E 761 25.66 -8.42 28.64
CA ALA E 761 26.10 -9.01 27.39
C ALA E 761 26.59 -10.44 27.59
N ASN E 762 26.33 -11.27 26.57
CA ASN E 762 26.73 -12.67 26.47
C ASN E 762 26.04 -13.56 27.48
N SER E 763 25.07 -13.07 28.22
CA SER E 763 24.27 -14.06 28.91
C SER E 763 22.91 -14.19 28.22
N PRO E 764 22.34 -15.39 28.13
CA PRO E 764 21.12 -15.54 27.33
C PRO E 764 19.91 -14.94 28.03
N ILE E 765 19.08 -14.23 27.25
CA ILE E 765 17.84 -13.60 27.69
C ILE E 765 16.67 -14.48 27.25
N ALA E 766 15.73 -14.72 28.16
CA ALA E 766 14.54 -15.47 27.78
C ALA E 766 13.64 -14.64 26.87
N ASN E 767 13.13 -15.29 25.82
CA ASN E 767 12.14 -14.72 24.92
C ASN E 767 10.77 -15.03 25.50
N LYS E 768 9.84 -14.09 25.39
CA LYS E 768 8.61 -14.27 26.13
C LYS E 768 7.52 -14.98 25.35
N ASN E 769 7.68 -15.19 24.06
CA ASN E 769 6.58 -15.77 23.29
C ASN E 769 6.68 -17.28 23.28
N PRO E 770 5.71 -18.00 23.83
CA PRO E 770 5.84 -19.46 23.93
C PRO E 770 5.72 -20.19 22.60
N ASP E 771 5.09 -19.59 21.59
CA ASP E 771 4.98 -20.28 20.33
C ASP E 771 6.28 -20.31 19.53
N ASN E 772 7.31 -19.57 19.97
CA ASN E 772 8.53 -19.42 19.17
C ASN E 772 9.59 -20.42 19.60
N PRO E 773 10.03 -21.31 18.71
CA PRO E 773 11.01 -22.33 19.11
C PRO E 773 12.39 -21.79 19.39
N LYS E 774 12.62 -20.51 19.12
CA LYS E 774 13.86 -19.85 19.54
C LYS E 774 13.57 -19.22 20.91
N LYS E 775 13.85 -19.97 21.98
CA LYS E 775 13.37 -19.54 23.29
C LYS E 775 14.28 -18.53 23.96
N THR E 776 15.31 -18.06 23.26
CA THR E 776 16.39 -17.32 23.88
C THR E 776 16.98 -16.34 22.90
N THR E 777 17.53 -15.23 23.41
CA THR E 777 18.34 -14.33 22.61
C THR E 777 19.59 -14.01 23.39
N THR E 778 20.74 -14.06 22.72
CA THR E 778 22.02 -13.77 23.35
C THR E 778 22.72 -12.67 22.56
N LEU E 779 22.81 -11.49 23.15
CA LEU E 779 23.41 -10.35 22.47
C LEU E 779 24.81 -10.09 23.02
N SER E 780 25.59 -9.36 22.24
CA SER E 780 26.95 -9.03 22.63
C SER E 780 27.06 -7.68 23.38
N TYR E 781 25.94 -7.07 23.78
CA TYR E 781 25.98 -5.78 24.46
C TYR E 781 24.89 -5.76 25.53
N ASP E 782 25.06 -4.88 26.52
CA ASP E 782 24.07 -4.81 27.58
C ASP E 782 22.75 -4.22 27.06
N VAL E 783 21.66 -4.70 27.64
CA VAL E 783 20.32 -4.22 27.35
C VAL E 783 19.76 -3.66 28.65
N TYR E 784 19.48 -2.37 28.70
CA TYR E 784 19.06 -1.72 29.93
C TYR E 784 17.58 -1.34 29.88
N LYS E 785 16.93 -1.36 31.05
CA LYS E 785 15.58 -0.84 31.15
C LYS E 785 15.61 0.67 31.35
N ASP E 786 14.70 1.36 30.66
CA ASP E 786 14.54 2.81 30.80
C ASP E 786 15.83 3.54 30.53
N LYS E 787 16.64 3.02 29.62
CA LYS E 787 17.89 3.68 29.31
C LYS E 787 17.67 5.14 28.95
N ARG E 788 16.60 5.42 28.19
CA ARG E 788 16.38 6.78 27.68
C ARG E 788 16.28 7.83 28.78
N PHE E 789 15.86 7.44 29.99
CA PHE E 789 15.76 8.36 31.13
C PHE E 789 17.02 8.43 31.97
N SER E 790 18.09 7.75 31.58
CA SER E 790 19.34 7.78 32.32
C SER E 790 20.34 8.75 31.75
N GLU E 791 19.95 9.54 30.76
CA GLU E 791 20.83 10.56 30.20
C GLU E 791 20.00 11.81 29.90
N ASP E 792 20.65 12.96 29.93
CA ASP E 792 19.96 14.19 29.57
C ASP E 792 19.48 14.08 28.13
N GLN E 793 18.32 14.68 27.85
CA GLN E 793 17.80 14.58 26.50
C GLN E 793 17.18 15.89 26.06
N TYR E 794 17.61 16.38 24.89
CA TYR E 794 16.97 17.51 24.24
C TYR E 794 15.79 17.02 23.43
N GLU E 795 14.63 17.68 23.58
CA GLU E 795 13.41 17.32 22.87
C GLU E 795 12.99 18.43 21.94
N LEU E 796 12.74 18.08 20.67
CA LEU E 796 12.29 18.99 19.63
C LEU E 796 10.88 18.61 19.19
N HIS E 797 9.98 19.56 19.24
CA HIS E 797 8.60 19.34 18.83
C HIS E 797 8.36 20.20 17.61
N ILE E 798 8.06 19.57 16.48
CA ILE E 798 7.89 20.28 15.23
C ILE E 798 6.42 20.11 14.81
N PRO E 799 5.63 21.18 14.83
CA PRO E 799 4.23 21.07 14.37
C PRO E 799 4.16 21.00 12.86
N ILE E 800 3.24 20.17 12.36
CA ILE E 800 2.97 20.04 10.93
C ILE E 800 1.50 20.34 10.70
N ALA E 801 1.16 20.75 9.47
CA ALA E 801 -0.22 21.01 9.05
C ALA E 801 -0.60 20.07 7.92
N ILE E 802 -1.61 19.22 8.14
CA ILE E 802 -2.07 18.30 7.12
C ILE E 802 -3.27 18.92 6.39
N ASN E 803 -3.20 18.91 5.06
CA ASN E 803 -4.31 19.31 4.19
C ASN E 803 -4.71 20.77 4.38
N LYS E 804 -3.69 21.65 4.39
CA LYS E 804 -3.93 23.06 4.65
C LYS E 804 -4.86 23.69 3.61
N CYS E 805 -4.92 23.14 2.41
CA CYS E 805 -5.81 23.67 1.38
C CYS E 805 -6.68 22.53 0.89
N PRO E 806 -7.80 22.28 1.57
CA PRO E 806 -8.67 21.16 1.18
C PRO E 806 -9.45 21.50 -0.07
N LYS E 807 -9.46 20.56 -1.01
CA LYS E 807 -10.19 20.69 -2.26
C LYS E 807 -11.54 19.98 -2.24
N ASN E 808 -11.66 18.85 -1.54
CA ASN E 808 -12.89 18.07 -1.52
C ASN E 808 -13.78 18.47 -0.36
N ILE E 809 -14.59 19.51 -0.55
CA ILE E 809 -15.40 20.05 0.54
C ILE E 809 -16.84 19.55 0.38
N PHE E 810 -17.33 18.87 1.41
CA PHE E 810 -18.74 18.48 1.55
C PHE E 810 -18.96 18.16 3.02
N LYS E 811 -20.23 18.06 3.42
CA LYS E 811 -20.53 17.58 4.77
C LYS E 811 -20.27 16.08 4.77
N ILE E 812 -19.40 15.63 5.69
CA ILE E 812 -18.92 14.26 5.65
C ILE E 812 -20.05 13.26 5.92
N ASN E 813 -20.93 13.54 6.89
CA ASN E 813 -22.04 12.62 7.14
C ASN E 813 -22.95 12.49 5.92
N THR E 814 -23.28 13.61 5.29
CA THR E 814 -24.11 13.55 4.09
C THR E 814 -23.47 12.67 3.01
N GLU E 815 -22.19 12.89 2.74
CA GLU E 815 -21.52 12.10 1.71
C GLU E 815 -21.51 10.60 2.05
N VAL E 816 -21.31 10.28 3.33
CA VAL E 816 -21.37 8.89 3.79
C VAL E 816 -22.76 8.31 3.58
N ARG E 817 -23.82 9.10 3.81
CA ARG E 817 -25.17 8.57 3.57
C ARG E 817 -25.43 8.34 2.09
N VAL E 818 -25.01 9.27 1.24
CA VAL E 818 -25.23 9.15 -0.20
C VAL E 818 -24.56 7.88 -0.73
N LEU E 819 -23.30 7.67 -0.34
CA LEU E 819 -22.56 6.52 -0.83
C LEU E 819 -23.15 5.23 -0.28
N LEU E 820 -23.60 5.26 0.97
CA LEU E 820 -24.28 4.10 1.54
C LEU E 820 -25.59 3.84 0.80
N LYS E 821 -26.31 4.91 0.40
CA LYS E 821 -27.58 4.71 -0.30
C LYS E 821 -27.37 3.95 -1.60
N HIS E 822 -26.30 4.28 -2.31
CA HIS E 822 -26.03 3.74 -3.64
C HIS E 822 -25.02 2.60 -3.62
N ASP E 823 -24.81 1.97 -2.45
CA ASP E 823 -23.91 0.82 -2.31
C ASP E 823 -24.70 -0.48 -2.25
N ASP E 824 -24.56 -1.31 -3.29
CA ASP E 824 -25.33 -2.56 -3.40
C ASP E 824 -25.04 -3.52 -2.25
N ASN E 825 -23.84 -3.50 -1.70
CA ASN E 825 -23.44 -4.44 -0.65
C ASN E 825 -22.56 -3.75 0.39
N PRO E 826 -23.12 -2.87 1.21
CA PRO E 826 -22.29 -2.14 2.20
C PRO E 826 -22.07 -2.97 3.46
N TYR E 827 -20.81 -3.17 3.84
CA TYR E 827 -20.43 -3.89 5.07
C TYR E 827 -20.47 -3.00 6.32
N VAL E 828 -20.70 -3.61 7.47
CA VAL E 828 -20.72 -2.92 8.74
C VAL E 828 -19.86 -3.68 9.75
N ILE E 829 -19.06 -2.93 10.52
CA ILE E 829 -18.30 -3.50 11.63
C ILE E 829 -19.05 -3.14 12.92
N GLY E 830 -19.59 -4.15 13.60
CA GLY E 830 -20.20 -3.94 14.90
C GLY E 830 -19.23 -4.22 16.03
N ILE E 831 -19.20 -3.34 17.02
CA ILE E 831 -18.19 -3.38 18.09
C ILE E 831 -18.87 -3.29 19.44
N ASP E 832 -18.75 -4.35 20.23
CA ASP E 832 -19.47 -4.61 21.46
C ASP E 832 -18.51 -4.58 22.67
N ARG E 833 -19.04 -4.21 23.82
CA ARG E 833 -18.31 -4.34 25.06
C ARG E 833 -19.07 -5.31 25.96
N GLY E 834 -18.33 -6.20 26.60
CA GLY E 834 -18.93 -7.11 27.55
C GLY E 834 -18.08 -7.16 28.80
N GLU E 835 -18.65 -7.57 29.91
CA GLU E 835 -17.87 -7.75 31.12
C GLU E 835 -16.87 -8.83 30.80
N ARG E 836 -17.35 -9.82 30.06
CA ARG E 836 -16.55 -10.95 29.61
C ARG E 836 -15.43 -10.59 28.66
N ASN E 837 -15.73 -9.70 27.72
CA ASN E 837 -14.81 -9.35 26.64
C ASN E 837 -14.54 -7.86 26.59
N LEU E 838 -13.29 -7.48 26.45
CA LEU E 838 -12.95 -6.07 26.41
C LEU E 838 -13.62 -5.42 25.22
N LEU E 839 -13.61 -6.13 24.11
CA LEU E 839 -14.28 -5.71 22.90
C LEU E 839 -14.66 -6.99 22.19
N TYR E 840 -15.81 -6.98 21.55
CA TYR E 840 -16.18 -8.07 20.67
C TYR E 840 -16.52 -7.46 19.32
N ILE E 841 -16.26 -8.21 18.26
CA ILE E 841 -16.42 -7.70 16.91
C ILE E 841 -17.19 -8.71 16.07
N VAL E 842 -18.17 -8.22 15.32
CA VAL E 842 -18.90 -8.99 14.32
C VAL E 842 -18.87 -8.15 13.07
N VAL E 843 -18.52 -8.77 11.93
CA VAL E 843 -18.60 -8.08 10.64
C VAL E 843 -19.71 -8.71 9.79
N VAL E 844 -20.60 -7.85 9.24
CA VAL E 844 -21.70 -8.28 8.37
C VAL E 844 -21.57 -7.65 6.99
N ASP E 845 -22.15 -8.32 6.00
CA ASP E 845 -22.28 -7.75 4.68
C ASP E 845 -23.62 -7.02 4.59
N GLY E 846 -24.01 -6.58 3.38
CA GLY E 846 -25.23 -5.79 3.16
C GLY E 846 -26.49 -6.57 3.45
N LYS E 847 -26.36 -7.86 3.68
CA LYS E 847 -27.43 -8.79 3.91
C LYS E 847 -27.50 -9.28 5.35
N GLY E 848 -26.66 -8.73 6.21
CA GLY E 848 -26.65 -9.20 7.57
C GLY E 848 -25.96 -10.53 7.73
N ASN E 849 -25.29 -11.03 6.70
CA ASN E 849 -24.55 -12.27 6.85
C ASN E 849 -23.33 -12.04 7.72
N ILE E 850 -23.12 -12.90 8.71
CA ILE E 850 -21.91 -12.80 9.51
C ILE E 850 -20.71 -13.23 8.67
N VAL E 851 -19.75 -12.34 8.49
CA VAL E 851 -18.51 -12.63 7.78
C VAL E 851 -17.38 -12.95 8.75
N GLU E 852 -17.24 -12.14 9.82
CA GLU E 852 -16.28 -12.39 10.88
C GLU E 852 -16.92 -12.13 12.24
N GLN E 853 -16.47 -12.87 13.24
CA GLN E 853 -16.85 -12.58 14.61
C GLN E 853 -15.78 -13.15 15.52
N TYR E 854 -15.28 -12.35 16.46
CA TYR E 854 -14.29 -12.82 17.41
C TYR E 854 -14.15 -11.85 18.57
N SER E 855 -13.58 -12.38 19.65
CA SER E 855 -13.24 -11.55 20.81
C SER E 855 -11.94 -10.80 20.57
N LEU E 856 -11.92 -9.52 20.93
CA LEU E 856 -10.67 -8.76 20.89
C LEU E 856 -9.98 -8.76 22.24
N ASN E 857 -10.22 -9.81 23.04
CA ASN E 857 -9.52 -9.97 24.32
C ASN E 857 -8.04 -10.23 24.08
N GLU E 858 -7.72 -11.05 23.09
CA GLU E 858 -6.34 -11.32 22.69
C GLU E 858 -6.07 -10.58 21.38
N ILE E 859 -4.99 -9.83 21.35
CA ILE E 859 -4.50 -9.21 20.12
C ILE E 859 -3.49 -10.17 19.50
N ILE E 860 -3.74 -10.56 18.25
CA ILE E 860 -2.88 -11.50 17.54
C ILE E 860 -2.09 -10.71 16.51
N ASN E 861 -0.77 -10.92 16.46
CA ASN E 861 0.03 -10.23 15.46
C ASN E 861 0.93 -11.20 14.71
N ASN E 862 1.03 -11.00 13.38
CA ASN E 862 1.90 -11.76 12.50
C ASN E 862 2.97 -10.81 11.97
N PHE E 863 4.22 -11.03 12.35
CA PHE E 863 5.35 -10.45 11.62
C PHE E 863 6.50 -11.46 11.63
N ASN E 864 6.92 -11.86 10.43
CA ASN E 864 8.03 -12.77 10.14
C ASN E 864 7.71 -14.23 10.46
N GLY E 865 6.49 -14.65 10.09
CA GLY E 865 6.04 -16.01 10.14
C GLY E 865 5.59 -16.56 11.48
N ILE E 866 6.17 -16.12 12.59
CA ILE E 866 5.63 -16.51 13.90
C ILE E 866 4.63 -15.51 14.47
N ARG E 867 3.56 -16.11 14.92
CA ARG E 867 2.35 -15.55 15.44
C ARG E 867 2.54 -15.41 16.93
N ILE E 868 2.21 -14.25 17.46
CA ILE E 868 2.20 -14.03 18.89
C ILE E 868 0.82 -13.49 19.23
N LYS E 869 0.18 -14.08 20.23
CA LYS E 869 -1.11 -13.59 20.70
C LYS E 869 -0.90 -13.06 22.12
N THR E 870 -1.30 -11.82 22.35
CA THR E 870 -1.09 -11.15 23.64
C THR E 870 -2.43 -10.91 24.32
N ASP E 871 -2.61 -11.54 25.47
CA ASP E 871 -3.89 -11.49 26.17
C ASP E 871 -3.93 -10.22 27.00
N TYR E 872 -4.44 -9.14 26.40
CA TYR E 872 -4.59 -7.89 27.12
C TYR E 872 -5.61 -7.97 28.21
N HIS E 873 -6.58 -8.89 28.10
CA HIS E 873 -7.54 -9.06 29.19
C HIS E 873 -6.84 -9.49 30.48
N SER E 874 -5.89 -10.41 30.37
CA SER E 874 -5.17 -10.82 31.55
C SER E 874 -4.12 -9.79 31.97
N LEU E 875 -3.55 -9.04 31.02
CA LEU E 875 -2.69 -7.92 31.40
C LEU E 875 -3.48 -6.85 32.13
N LEU E 876 -4.70 -6.57 31.68
CA LEU E 876 -5.45 -5.47 32.25
C LEU E 876 -5.81 -5.75 33.71
N ASP E 877 -6.26 -6.97 34.01
CA ASP E 877 -6.58 -7.27 35.40
C ASP E 877 -5.33 -7.47 36.26
N LYS E 878 -4.28 -8.09 35.70
CA LYS E 878 -3.03 -8.27 36.44
C LYS E 878 -2.46 -6.93 36.92
N LYS E 879 -2.34 -5.95 36.00
CA LYS E 879 -1.83 -4.65 36.41
C LYS E 879 -2.84 -3.90 37.27
N GLU E 880 -4.12 -4.27 37.17
CA GLU E 880 -5.12 -3.64 38.02
C GLU E 880 -4.92 -4.04 39.48
N LYS E 881 -4.50 -5.28 39.72
CA LYS E 881 -4.30 -5.75 41.09
C LYS E 881 -2.86 -5.53 41.56
N GLU E 882 -1.95 -5.14 40.67
CA GLU E 882 -0.66 -4.62 41.12
C GLU E 882 -0.78 -3.20 41.66
N ARG E 883 -1.72 -2.40 41.14
CA ARG E 883 -2.05 -1.10 41.74
C ARG E 883 -2.56 -1.24 43.16
N PHE E 884 -3.42 -2.23 43.42
CA PHE E 884 -3.84 -2.42 44.81
C PHE E 884 -2.65 -2.87 45.64
N GLU E 885 -1.80 -3.71 45.07
CA GLU E 885 -0.66 -4.24 45.80
C GLU E 885 0.35 -3.14 46.14
N ALA E 886 0.52 -2.15 45.26
CA ALA E 886 1.59 -1.17 45.47
C ALA E 886 1.29 -0.14 46.56
N ARG E 887 0.02 0.27 46.73
CA ARG E 887 -0.27 1.23 47.78
C ARG E 887 -0.11 0.59 49.16
N GLN E 888 -0.26 -0.73 49.25
CA GLN E 888 -0.13 -1.41 50.53
C GLN E 888 1.33 -1.70 50.86
N ASN E 889 2.16 -1.96 49.86
CA ASN E 889 3.56 -2.26 50.11
C ASN E 889 4.47 -1.06 49.85
N TRP E 890 3.91 0.07 49.47
CA TRP E 890 4.67 1.31 49.25
C TRP E 890 5.71 1.15 48.15
N THR E 891 5.44 0.34 47.15
CA THR E 891 6.30 0.26 45.98
C THR E 891 5.67 1.08 44.85
N SER E 892 6.43 1.27 43.77
CA SER E 892 6.03 2.24 42.77
C SER E 892 4.73 1.82 42.08
N ILE E 893 3.85 2.80 41.84
CA ILE E 893 2.56 2.50 41.25
C ILE E 893 2.74 2.14 39.78
N GLU E 894 2.20 0.99 39.38
CA GLU E 894 2.30 0.59 37.99
C GLU E 894 1.24 1.28 37.14
N ASN E 895 1.51 1.27 35.83
CA ASN E 895 1.08 2.24 34.83
C ASN E 895 -0.10 1.69 34.05
N ILE E 896 -1.33 1.85 34.57
CA ILE E 896 -2.42 1.27 33.80
C ILE E 896 -3.06 2.27 32.84
N LYS E 897 -2.77 3.57 32.96
CA LYS E 897 -3.28 4.46 31.92
C LYS E 897 -2.59 4.14 30.60
N GLU E 898 -1.38 3.62 30.66
CA GLU E 898 -0.66 3.35 29.43
C GLU E 898 -0.94 1.98 28.85
N LEU E 899 -1.20 0.98 29.69
CA LEU E 899 -1.51 -0.33 29.13
C LEU E 899 -2.85 -0.28 28.43
N LYS E 900 -3.71 0.67 28.83
CA LYS E 900 -4.93 0.86 28.06
C LYS E 900 -4.63 1.45 26.69
N ALA E 901 -3.83 2.53 26.66
CA ALA E 901 -3.45 3.16 25.41
C ALA E 901 -2.72 2.17 24.53
N GLY E 902 -1.87 1.34 25.14
CA GLY E 902 -1.18 0.33 24.37
C GLY E 902 -2.17 -0.63 23.73
N TYR E 903 -3.11 -1.14 24.53
CA TYR E 903 -4.11 -2.06 24.01
C TYR E 903 -4.96 -1.40 22.92
N ILE E 904 -5.41 -0.17 23.17
CA ILE E 904 -6.20 0.56 22.20
C ILE E 904 -5.46 0.70 20.87
N SER E 905 -4.16 0.98 20.92
CA SER E 905 -3.46 1.14 19.64
C SER E 905 -3.49 -0.16 18.81
N GLN E 906 -3.43 -1.31 19.46
CA GLN E 906 -3.60 -2.55 18.69
C GLN E 906 -5.02 -2.64 18.14
N VAL E 907 -6.00 -2.34 18.99
CA VAL E 907 -7.39 -2.42 18.57
C VAL E 907 -7.65 -1.46 17.40
N VAL E 908 -7.19 -0.21 17.54
CA VAL E 908 -7.49 0.79 16.51
C VAL E 908 -6.89 0.37 15.18
N HIS E 909 -5.67 -0.16 15.20
CA HIS E 909 -5.06 -0.62 13.97
C HIS E 909 -5.92 -1.70 13.32
N LYS E 910 -6.45 -2.61 14.13
CA LYS E 910 -7.21 -3.74 13.59
C LYS E 910 -8.53 -3.27 13.02
N ILE E 911 -9.22 -2.35 13.71
CA ILE E 911 -10.47 -1.81 13.17
C ILE E 911 -10.20 -1.13 11.83
N CYS E 912 -9.11 -0.35 11.76
CA CYS E 912 -8.85 0.37 10.51
C CYS E 912 -8.56 -0.60 9.38
N GLU E 913 -7.84 -1.69 9.70
CA GLU E 913 -7.58 -2.70 8.70
C GLU E 913 -8.86 -3.39 8.25
N LEU E 914 -9.86 -3.49 9.14
CA LEU E 914 -11.14 -4.06 8.74
C LEU E 914 -11.90 -3.06 7.88
N VAL E 915 -11.83 -1.76 8.23
CA VAL E 915 -12.45 -0.72 7.41
C VAL E 915 -11.92 -0.76 5.98
N GLU E 916 -10.60 -0.88 5.82
CA GLU E 916 -10.05 -0.91 4.47
C GLU E 916 -10.37 -2.21 3.76
N LYS E 917 -10.33 -3.34 4.47
CA LYS E 917 -10.61 -4.61 3.82
C LYS E 917 -12.05 -4.68 3.30
N TYR E 918 -13.02 -4.20 4.08
CA TYR E 918 -14.41 -4.35 3.74
C TYR E 918 -15.10 -3.05 3.33
N ASP E 919 -14.40 -1.91 3.25
CA ASP E 919 -15.05 -0.63 2.93
C ASP E 919 -16.25 -0.38 3.83
N ALA E 920 -16.04 -0.52 5.13
CA ALA E 920 -17.12 -0.77 6.07
C ALA E 920 -17.35 0.41 7.01
N VAL E 921 -18.63 0.69 7.30
CA VAL E 921 -18.96 1.65 8.36
C VAL E 921 -18.87 0.95 9.70
N ILE E 922 -18.79 1.74 10.76
CA ILE E 922 -18.64 1.22 12.11
C ILE E 922 -19.95 1.44 12.85
N ALA E 923 -20.39 0.42 13.57
CA ALA E 923 -21.47 0.55 14.54
C ALA E 923 -20.89 0.38 15.94
N LEU E 924 -20.94 1.45 16.74
CA LEU E 924 -20.51 1.49 18.13
C LEU E 924 -21.74 1.59 19.05
N GLU E 925 -21.53 1.21 20.31
CA GLU E 925 -22.58 1.15 21.31
C GLU E 925 -22.72 2.49 22.01
N ASP E 926 -23.92 3.08 22.00
CA ASP E 926 -24.18 4.21 22.89
C ASP E 926 -24.01 3.68 24.30
N LEU E 927 -23.16 4.31 25.11
CA LEU E 927 -22.79 3.66 26.36
C LEU E 927 -23.26 4.38 27.64
N ASN E 928 -23.52 3.53 28.63
CA ASN E 928 -24.18 3.82 29.90
C ASN E 928 -23.47 4.83 30.80
N SER E 929 -24.28 5.60 31.54
CA SER E 929 -23.77 6.46 32.61
C SER E 929 -23.07 5.66 33.70
N GLY E 930 -23.53 4.44 33.95
CA GLY E 930 -23.35 3.79 35.25
C GLY E 930 -22.02 3.11 35.51
N PHE E 931 -21.64 3.15 36.78
CA PHE E 931 -20.52 2.40 37.35
C PHE E 931 -21.08 1.20 38.13
N LYS E 932 -20.74 -0.01 37.70
CA LYS E 932 -21.28 -1.17 38.40
C LYS E 932 -20.23 -1.75 39.33
N ASN E 933 -19.19 -2.32 38.73
CA ASN E 933 -18.16 -3.08 39.39
C ASN E 933 -16.81 -2.38 39.20
N SER E 934 -15.90 -2.55 40.18
CA SER E 934 -14.54 -2.02 40.05
C SER E 934 -13.90 -2.46 38.74
N ARG E 935 -14.01 -3.75 38.41
CA ARG E 935 -13.39 -4.26 37.18
C ARG E 935 -14.13 -3.76 35.95
N VAL E 936 -15.45 -3.55 36.07
CA VAL E 936 -16.21 -3.05 34.93
C VAL E 936 -15.84 -1.61 34.62
N LYS E 937 -15.46 -0.83 35.63
CA LYS E 937 -15.21 0.58 35.35
C LYS E 937 -13.91 0.76 34.60
N VAL E 938 -12.93 -0.09 34.86
CA VAL E 938 -11.75 -0.15 33.98
C VAL E 938 -12.16 -0.43 32.54
N GLU E 939 -13.14 -1.33 32.33
CA GLU E 939 -13.48 -1.68 30.96
C GLU E 939 -14.41 -0.65 30.33
N LYS E 940 -15.07 0.18 31.12
CA LYS E 940 -15.85 1.24 30.49
C LYS E 940 -14.99 2.44 30.18
N GLN E 941 -13.91 2.66 30.92
CA GLN E 941 -12.96 3.68 30.50
C GLN E 941 -12.07 3.15 29.37
N VAL E 942 -11.83 1.82 29.32
CA VAL E 942 -11.14 1.27 28.15
C VAL E 942 -12.00 1.49 26.91
N TYR E 943 -13.31 1.41 27.05
CA TYR E 943 -14.18 1.62 25.91
C TYR E 943 -14.28 3.10 25.58
N GLN E 944 -14.34 3.97 26.59
CA GLN E 944 -14.41 5.40 26.30
C GLN E 944 -13.10 5.89 25.67
N LYS E 945 -11.94 5.34 26.06
CA LYS E 945 -10.73 5.78 25.39
C LYS E 945 -10.63 5.20 23.99
N PHE E 946 -11.11 3.96 23.80
CA PHE E 946 -11.10 3.40 22.45
C PHE E 946 -11.82 4.31 21.48
N GLU E 947 -12.91 4.93 21.90
CA GLU E 947 -13.68 5.74 20.96
C GLU E 947 -12.91 7.00 20.57
N LYS E 948 -12.41 7.75 21.55
CA LYS E 948 -11.65 8.97 21.27
C LYS E 948 -10.51 8.69 20.30
N MET E 949 -9.70 7.65 20.59
CA MET E 949 -8.55 7.33 19.75
C MET E 949 -9.01 6.96 18.34
N LEU E 950 -10.08 6.17 18.24
CA LEU E 950 -10.58 5.73 16.94
C LEU E 950 -11.10 6.90 16.12
N ILE E 951 -11.82 7.84 16.76
CA ILE E 951 -12.22 9.05 16.04
C ILE E 951 -10.98 9.82 15.57
N ASP E 952 -9.94 9.90 16.40
CA ASP E 952 -8.73 10.61 15.99
C ASP E 952 -8.15 9.98 14.73
N LYS E 953 -7.82 8.69 14.79
CA LYS E 953 -7.15 8.06 13.66
C LYS E 953 -7.97 8.23 12.39
N LEU E 954 -9.29 8.16 12.50
CA LEU E 954 -10.10 8.37 11.32
C LEU E 954 -10.16 9.84 10.91
N ASN E 955 -9.50 10.77 11.63
CA ASN E 955 -9.35 12.11 11.07
C ASN E 955 -8.45 12.09 9.84
N TYR E 956 -7.37 11.31 9.91
CA TYR E 956 -6.40 11.14 8.82
C TYR E 956 -5.87 9.72 8.91
N MET E 957 -6.45 8.81 8.14
CA MET E 957 -6.17 7.40 8.29
C MET E 957 -5.21 6.97 7.19
N VAL E 958 -3.99 6.60 7.58
CA VAL E 958 -2.92 6.30 6.64
C VAL E 958 -2.55 4.83 6.79
N ASP E 959 -2.26 4.21 5.65
CA ASP E 959 -1.75 2.85 5.55
C ASP E 959 -0.25 2.97 5.28
N LYS E 960 0.57 2.70 6.30
CA LYS E 960 2.01 2.91 6.18
C LYS E 960 2.63 2.10 5.05
N LYS E 961 1.92 1.13 4.49
CA LYS E 961 2.58 0.36 3.46
C LYS E 961 2.34 0.89 2.05
N SER E 962 1.17 1.50 1.79
CA SER E 962 0.93 2.10 0.48
C SER E 962 2.09 3.00 0.06
N ASN E 963 2.27 3.10 -1.26
CA ASN E 963 2.98 4.20 -1.86
C ASN E 963 2.44 5.52 -1.32
N PRO E 964 3.28 6.40 -0.76
CA PRO E 964 2.77 7.61 -0.08
C PRO E 964 1.72 8.42 -0.84
N CYS E 965 1.80 8.53 -2.18
CA CYS E 965 0.80 9.31 -2.93
C CYS E 965 -0.39 8.50 -3.39
N ALA E 966 -0.44 7.21 -3.09
CA ALA E 966 -1.64 6.47 -3.39
C ALA E 966 -2.75 6.86 -2.43
N THR E 967 -3.97 6.66 -2.86
CA THR E 967 -5.10 6.86 -1.97
C THR E 967 -4.85 6.09 -0.67
N GLY E 968 -5.07 6.74 0.45
CA GLY E 968 -4.76 6.13 1.72
C GLY E 968 -3.30 6.15 2.11
N GLY E 969 -2.41 6.62 1.26
CA GLY E 969 -1.03 6.80 1.65
C GLY E 969 -0.85 7.99 2.58
N ALA E 970 0.38 8.15 3.06
CA ALA E 970 0.65 9.18 4.06
C ALA E 970 0.29 10.57 3.54
N LEU E 971 0.48 10.81 2.24
CA LEU E 971 0.06 12.08 1.61
C LEU E 971 -1.44 12.17 1.32
N LYS E 972 -2.11 11.04 1.14
CA LYS E 972 -3.51 11.05 0.78
C LYS E 972 -4.30 10.18 1.73
N GLY E 973 -4.11 10.40 3.03
CA GLY E 973 -4.88 9.66 4.02
C GLY E 973 -6.37 9.97 3.97
N TYR E 974 -7.16 8.99 4.41
CA TYR E 974 -8.62 9.09 4.44
C TYR E 974 -9.06 9.96 5.60
N GLN E 975 -10.17 10.67 5.41
CA GLN E 975 -10.77 11.48 6.47
C GLN E 975 -12.22 11.05 6.59
N ILE E 976 -12.49 10.08 7.48
CA ILE E 976 -13.83 9.51 7.60
C ILE E 976 -14.48 9.77 8.95
N THR E 977 -13.85 10.51 9.84
CA THR E 977 -14.57 11.05 10.99
C THR E 977 -14.39 12.55 10.99
N ASN E 978 -15.34 13.24 11.61
CA ASN E 978 -15.32 14.69 11.56
C ASN E 978 -14.24 15.24 12.48
N LYS E 979 -13.88 16.51 12.17
CA LYS E 979 -12.75 17.22 12.74
C LYS E 979 -12.54 16.97 14.23
N PHE E 980 -13.46 17.41 15.07
CA PHE E 980 -13.20 17.22 16.48
C PHE E 980 -13.67 15.84 16.94
N GLU E 981 -12.93 15.33 17.90
CA GLU E 981 -13.29 14.16 18.69
C GLU E 981 -14.66 14.26 19.39
N SER E 982 -15.13 15.45 19.80
CA SER E 982 -16.29 15.41 20.70
C SER E 982 -17.53 16.22 20.23
N PHE E 983 -17.58 17.51 20.56
CA PHE E 983 -18.77 18.35 20.42
C PHE E 983 -18.46 19.62 19.62
N LYS E 984 -19.49 20.41 19.27
CA LYS E 984 -20.91 20.19 19.55
C LYS E 984 -21.67 19.60 18.36
N SER E 985 -21.05 19.64 17.17
CA SER E 985 -21.63 19.09 15.94
C SER E 985 -22.23 17.70 16.15
N MET E 986 -21.53 16.85 16.90
CA MET E 986 -21.93 15.51 17.35
C MET E 986 -23.42 15.18 17.14
N SER E 987 -23.66 14.07 16.46
CA SER E 987 -24.96 13.55 16.13
C SER E 987 -24.95 12.07 16.45
N THR E 988 -26.01 11.35 16.06
CA THR E 988 -25.97 9.89 16.19
C THR E 988 -24.87 9.30 15.33
N GLN E 989 -24.43 10.00 14.27
CA GLN E 989 -23.32 9.53 13.43
C GLN E 989 -22.22 10.58 13.34
N ASN E 990 -20.99 10.07 13.20
CA ASN E 990 -19.79 10.85 12.95
C ASN E 990 -19.03 10.16 11.80
N GLY E 991 -19.36 10.57 10.58
CA GLY E 991 -18.73 10.00 9.41
C GLY E 991 -19.08 8.53 9.25
N PHE E 992 -18.07 7.68 9.20
CA PHE E 992 -18.27 6.24 9.08
C PHE E 992 -18.70 5.60 10.40
N ILE E 993 -18.79 6.38 11.49
CA ILE E 993 -19.07 5.82 12.82
C ILE E 993 -20.53 6.13 13.15
N PHE E 994 -21.29 5.10 13.53
CA PHE E 994 -22.69 5.24 13.90
C PHE E 994 -22.84 4.86 15.37
N TYR E 995 -23.49 5.73 16.15
CA TYR E 995 -23.70 5.50 17.58
C TYR E 995 -25.07 4.88 17.78
N ILE E 996 -25.09 3.62 18.23
CA ILE E 996 -26.30 2.80 18.21
C ILE E 996 -26.68 2.47 19.65
N PRO E 997 -27.93 2.68 20.06
CA PRO E 997 -28.35 2.32 21.42
C PRO E 997 -28.45 0.81 21.54
N ALA E 998 -28.36 0.33 22.77
CA ALA E 998 -28.18 -1.11 22.98
C ALA E 998 -29.47 -1.88 23.23
N TRP E 999 -30.63 -1.22 23.35
CA TRP E 999 -31.84 -1.90 23.79
C TRP E 999 -32.18 -3.09 22.89
N LEU E 1000 -32.32 -4.26 23.50
CA LEU E 1000 -32.65 -5.51 22.82
C LEU E 1000 -31.63 -5.91 21.76
N THR E 1001 -30.34 -5.65 22.00
CA THR E 1001 -29.31 -6.23 21.15
C THR E 1001 -28.79 -7.55 21.69
N SER E 1002 -28.90 -7.76 23.01
CA SER E 1002 -28.33 -8.91 23.72
C SER E 1002 -29.35 -10.01 23.95
N LYS E 1003 -30.42 -9.67 24.68
CA LYS E 1003 -31.48 -10.62 25.01
C LYS E 1003 -32.53 -10.65 23.89
N ILE E 1004 -32.08 -11.12 22.72
CA ILE E 1004 -32.97 -11.31 21.58
C ILE E 1004 -32.47 -12.55 20.84
N ASP E 1005 -33.41 -13.38 20.40
CA ASP E 1005 -33.06 -14.58 19.65
C ASP E 1005 -32.68 -14.13 18.24
N PRO E 1006 -31.43 -14.30 17.83
CA PRO E 1006 -31.04 -13.78 16.51
C PRO E 1006 -31.69 -14.54 15.37
N SER E 1007 -32.08 -15.78 15.60
CA SER E 1007 -32.70 -16.58 14.54
C SER E 1007 -34.12 -16.14 14.24
N THR E 1008 -34.87 -15.71 15.24
CA THR E 1008 -36.29 -15.46 15.08
C THR E 1008 -36.69 -14.02 15.28
N GLY E 1009 -35.85 -13.22 15.96
CA GLY E 1009 -36.22 -11.90 16.41
C GLY E 1009 -37.02 -11.91 17.69
N PHE E 1010 -37.12 -13.06 18.36
CA PHE E 1010 -37.94 -13.15 19.55
C PHE E 1010 -37.29 -12.43 20.73
N VAL E 1011 -38.10 -11.68 21.46
CA VAL E 1011 -37.69 -11.07 22.71
C VAL E 1011 -38.80 -11.33 23.70
N ASN E 1012 -38.46 -11.23 24.98
CA ASN E 1012 -39.39 -11.42 26.08
C ASN E 1012 -39.99 -10.07 26.48
N LEU E 1013 -41.27 -9.87 26.19
CA LEU E 1013 -41.97 -8.65 26.62
C LEU E 1013 -42.93 -8.87 27.79
N LEU E 1014 -42.99 -10.07 28.37
CA LEU E 1014 -43.89 -10.35 29.49
C LEU E 1014 -43.23 -9.99 30.82
N LYS E 1015 -44.01 -9.43 31.73
CA LYS E 1015 -43.56 -9.22 33.11
C LYS E 1015 -44.10 -10.39 33.93
N THR E 1016 -43.19 -11.23 34.43
CA THR E 1016 -43.51 -12.49 35.10
C THR E 1016 -43.18 -12.46 36.60
N LYS E 1017 -42.93 -11.27 37.16
CA LYS E 1017 -42.84 -11.11 38.61
C LYS E 1017 -44.18 -11.53 39.21
N TYR E 1018 -44.12 -12.27 40.33
CA TYR E 1018 -45.31 -12.99 40.81
C TYR E 1018 -46.49 -12.06 41.11
N THR E 1019 -46.28 -11.06 41.98
CA THR E 1019 -47.33 -10.17 42.47
C THR E 1019 -48.46 -10.91 43.22
N SER E 1020 -49.55 -11.31 42.56
CA SER E 1020 -50.70 -11.81 43.29
C SER E 1020 -51.32 -13.03 42.62
N ILE E 1021 -52.12 -13.78 43.40
CA ILE E 1021 -52.87 -14.91 42.86
C ILE E 1021 -53.86 -14.44 41.81
N ALA E 1022 -54.53 -13.31 42.07
CA ALA E 1022 -55.53 -12.80 41.13
C ALA E 1022 -54.89 -12.34 39.83
N ASP E 1023 -53.80 -11.57 39.94
CA ASP E 1023 -53.12 -11.05 38.76
C ASP E 1023 -52.46 -12.17 37.97
N SER E 1024 -52.03 -13.22 38.69
CA SER E 1024 -51.40 -14.39 38.09
C SER E 1024 -52.37 -15.23 37.27
N LYS E 1025 -53.67 -15.10 37.46
CA LYS E 1025 -54.57 -16.01 36.76
C LYS E 1025 -55.04 -15.48 35.41
N LYS E 1026 -54.96 -14.16 35.17
CA LYS E 1026 -55.11 -13.73 33.78
C LYS E 1026 -53.81 -13.88 33.00
N PHE E 1027 -52.65 -13.95 33.69
CA PHE E 1027 -51.44 -14.29 32.96
C PHE E 1027 -51.58 -15.65 32.32
N ILE E 1028 -52.04 -16.63 33.11
CA ILE E 1028 -52.16 -17.97 32.55
C ILE E 1028 -53.32 -18.02 31.56
N SER E 1029 -54.32 -17.17 31.75
CA SER E 1029 -55.50 -17.17 30.89
C SER E 1029 -55.32 -16.33 29.63
N SER E 1030 -54.33 -15.45 29.59
CA SER E 1030 -54.05 -14.70 28.37
C SER E 1030 -53.27 -15.51 27.33
N PHE E 1031 -52.61 -16.58 27.75
CA PHE E 1031 -52.08 -17.52 26.78
C PHE E 1031 -53.20 -18.14 25.97
N ASP E 1032 -52.96 -18.36 24.68
CA ASP E 1032 -53.98 -18.99 23.83
C ASP E 1032 -54.13 -20.46 24.14
N ARG E 1033 -53.04 -21.12 24.54
CA ARG E 1033 -53.02 -22.54 24.85
C ARG E 1033 -51.76 -22.84 25.67
N ILE E 1034 -51.84 -23.86 26.54
CA ILE E 1034 -50.68 -24.39 27.25
C ILE E 1034 -50.84 -25.90 27.27
N MET E 1035 -49.94 -26.63 26.62
CA MET E 1035 -50.13 -28.07 26.52
C MET E 1035 -48.80 -28.82 26.58
N TYR E 1036 -48.88 -30.14 26.64
CA TYR E 1036 -47.72 -31.03 26.67
C TYR E 1036 -47.61 -31.80 25.35
N VAL E 1037 -46.41 -31.83 24.79
CA VAL E 1037 -46.14 -32.56 23.54
C VAL E 1037 -45.30 -33.78 23.86
N PRO E 1038 -45.90 -34.96 24.04
CA PRO E 1038 -45.11 -36.11 24.51
C PRO E 1038 -44.03 -36.52 23.54
N GLU E 1039 -44.21 -36.27 22.25
CA GLU E 1039 -43.25 -36.69 21.25
C GLU E 1039 -41.94 -35.92 21.36
N GLU E 1040 -41.95 -34.76 22.03
CA GLU E 1040 -40.76 -33.93 22.17
C GLU E 1040 -40.35 -33.70 23.61
N ASP E 1041 -41.05 -34.29 24.59
CA ASP E 1041 -40.83 -34.03 26.01
C ASP E 1041 -40.67 -32.55 26.27
N LEU E 1042 -41.64 -31.78 25.75
CA LEU E 1042 -41.61 -30.34 25.88
C LEU E 1042 -42.99 -29.84 26.26
N PHE E 1043 -43.06 -28.80 27.09
CA PHE E 1043 -44.32 -28.12 27.33
C PHE E 1043 -44.37 -26.89 26.42
N GLU E 1044 -45.43 -26.79 25.64
CA GLU E 1044 -45.65 -25.67 24.74
C GLU E 1044 -46.61 -24.66 25.38
N PHE E 1045 -46.29 -23.38 25.26
CA PHE E 1045 -47.15 -22.28 25.72
C PHE E 1045 -47.36 -21.33 24.54
N ALA E 1046 -48.47 -21.47 23.82
CA ALA E 1046 -48.73 -20.65 22.63
C ALA E 1046 -49.33 -19.31 23.05
N LEU E 1047 -48.58 -18.23 22.82
CA LEU E 1047 -49.01 -16.91 23.24
C LEU E 1047 -49.18 -16.01 22.03
N ASP E 1048 -50.12 -15.06 22.16
CA ASP E 1048 -50.25 -13.93 21.26
C ASP E 1048 -50.07 -12.67 22.09
N TYR E 1049 -48.98 -11.95 21.80
CA TYR E 1049 -48.59 -10.78 22.58
C TYR E 1049 -49.69 -9.73 22.64
N LYS E 1050 -50.70 -9.80 21.76
CA LYS E 1050 -51.77 -8.81 21.81
C LYS E 1050 -52.63 -8.95 23.06
N ASN E 1051 -52.54 -10.05 23.80
CA ASN E 1051 -53.31 -10.27 25.02
C ASN E 1051 -52.57 -9.82 26.27
N PHE E 1052 -51.42 -9.17 26.13
CA PHE E 1052 -50.65 -8.72 27.28
C PHE E 1052 -50.33 -7.26 27.11
N SER E 1053 -50.15 -6.59 28.24
CA SER E 1053 -49.87 -5.17 28.22
C SER E 1053 -48.49 -4.97 27.66
N ARG E 1054 -48.23 -3.80 27.07
CA ARG E 1054 -46.85 -3.40 26.91
C ARG E 1054 -46.13 -4.12 25.78
N THR E 1055 -46.87 -4.71 24.83
CA THR E 1055 -46.30 -5.52 23.76
C THR E 1055 -46.51 -4.91 22.37
N ASP E 1056 -46.69 -3.58 22.31
CA ASP E 1056 -46.89 -2.92 21.03
C ASP E 1056 -45.67 -3.11 20.13
N ALA E 1057 -44.49 -3.15 20.73
CA ALA E 1057 -43.28 -3.21 19.93
C ALA E 1057 -43.21 -4.48 19.08
N ASP E 1058 -43.68 -5.62 19.62
CA ASP E 1058 -43.53 -6.88 18.89
C ASP E 1058 -44.25 -6.83 17.55
N TYR E 1059 -43.62 -7.38 16.52
CA TYR E 1059 -44.23 -7.39 15.20
C TYR E 1059 -45.02 -8.66 14.91
N ILE E 1060 -44.40 -9.83 15.11
CA ILE E 1060 -45.01 -11.13 14.78
C ILE E 1060 -46.25 -11.38 15.64
N LYS E 1061 -46.22 -10.97 16.91
CA LYS E 1061 -47.33 -11.10 17.87
C LYS E 1061 -47.53 -12.54 18.32
N LYS E 1062 -47.71 -13.47 17.39
CA LYS E 1062 -48.03 -14.85 17.74
C LYS E 1062 -46.75 -15.70 17.76
N TRP E 1063 -46.42 -16.25 18.93
CA TRP E 1063 -45.26 -17.12 19.16
C TRP E 1063 -45.69 -18.38 19.91
N LYS E 1064 -44.99 -19.50 19.68
CA LYS E 1064 -45.15 -20.70 20.50
C LYS E 1064 -43.87 -20.91 21.31
N LEU E 1065 -43.97 -20.74 22.64
CA LEU E 1065 -42.83 -20.91 23.53
C LEU E 1065 -42.78 -22.36 23.97
N TYR E 1066 -41.57 -22.87 24.18
CA TYR E 1066 -41.36 -24.24 24.65
C TYR E 1066 -40.41 -24.24 25.84
N SER E 1067 -40.50 -25.30 26.64
CA SER E 1067 -39.55 -25.54 27.72
C SER E 1067 -38.38 -26.37 27.20
N TYR E 1068 -37.55 -25.74 26.37
CA TYR E 1068 -36.44 -26.45 25.74
C TYR E 1068 -35.14 -26.10 26.45
N GLY E 1069 -34.34 -27.13 26.76
CA GLY E 1069 -33.02 -26.91 27.29
C GLY E 1069 -33.08 -26.53 28.75
N ASN E 1070 -31.90 -26.25 29.29
CA ASN E 1070 -31.79 -25.82 30.67
C ASN E 1070 -31.67 -24.30 30.76
N ARG E 1071 -31.73 -23.79 31.98
CA ARG E 1071 -31.48 -22.40 32.28
C ARG E 1071 -30.57 -22.32 33.50
N ILE E 1072 -30.21 -21.10 33.92
CA ILE E 1072 -29.38 -20.88 35.10
C ILE E 1072 -30.09 -19.90 36.00
N ARG E 1073 -30.26 -20.26 37.28
CA ARG E 1073 -30.90 -19.36 38.22
C ARG E 1073 -29.89 -18.75 39.18
N ILE E 1074 -30.14 -17.50 39.55
CA ILE E 1074 -29.33 -16.77 40.51
C ILE E 1074 -29.62 -17.28 41.93
N PHE E 1075 -28.65 -17.12 42.84
CA PHE E 1075 -29.03 -17.27 44.25
C PHE E 1075 -29.92 -16.12 44.60
N ARG E 1076 -30.83 -16.36 45.52
CA ARG E 1076 -31.56 -15.21 46.02
C ARG E 1076 -30.95 -14.70 47.31
N ASN E 1077 -30.37 -15.59 48.12
CA ASN E 1077 -29.55 -15.19 49.27
C ASN E 1077 -28.72 -16.37 49.77
N PHE E 1084 -21.85 -22.53 45.53
CA PHE E 1084 -22.25 -21.88 44.28
C PHE E 1084 -23.45 -21.00 44.54
N ASP E 1085 -23.36 -19.71 44.21
CA ASP E 1085 -24.59 -18.96 44.40
C ASP E 1085 -25.53 -19.07 43.19
N TRP E 1086 -25.15 -19.77 42.15
CA TRP E 1086 -26.04 -20.05 41.03
C TRP E 1086 -26.42 -21.53 41.04
N GLU E 1087 -27.59 -21.85 40.49
CA GLU E 1087 -28.06 -23.23 40.35
C GLU E 1087 -28.58 -23.41 38.93
N GLU E 1088 -28.55 -24.63 38.41
CA GLU E 1088 -28.95 -24.86 37.02
C GLU E 1088 -30.25 -25.65 36.95
N VAL E 1089 -31.28 -25.01 36.43
CA VAL E 1089 -32.63 -25.56 36.36
C VAL E 1089 -32.81 -26.25 35.01
N CYS E 1090 -33.52 -27.39 35.01
CA CYS E 1090 -33.99 -28.00 33.77
C CYS E 1090 -35.50 -27.82 33.69
N LEU E 1091 -35.95 -27.09 32.66
CA LEU E 1091 -37.30 -26.54 32.64
C LEU E 1091 -38.35 -27.62 32.51
N THR E 1092 -38.17 -28.57 31.58
CA THR E 1092 -39.24 -29.53 31.34
C THR E 1092 -39.47 -30.43 32.55
N SER E 1093 -38.44 -30.65 33.37
CA SER E 1093 -38.63 -31.47 34.55
C SER E 1093 -39.21 -30.66 35.70
N ALA E 1094 -38.85 -29.38 35.79
CA ALA E 1094 -39.41 -28.55 36.85
C ALA E 1094 -40.91 -28.39 36.68
N TYR E 1095 -41.37 -28.20 35.43
CA TYR E 1095 -42.81 -28.11 35.20
C TYR E 1095 -43.50 -29.40 35.61
N LYS E 1096 -42.87 -30.55 35.34
CA LYS E 1096 -43.44 -31.83 35.77
C LYS E 1096 -43.44 -31.97 37.28
N GLU E 1097 -42.36 -31.57 37.96
CA GLU E 1097 -42.38 -31.66 39.41
C GLU E 1097 -43.39 -30.72 40.01
N LEU E 1098 -43.51 -29.50 39.48
CA LEU E 1098 -44.49 -28.57 40.01
C LEU E 1098 -45.91 -29.09 39.77
N PHE E 1099 -46.19 -29.55 38.56
CA PHE E 1099 -47.54 -30.04 38.24
C PHE E 1099 -47.85 -31.34 38.98
N ASN E 1100 -46.89 -32.27 39.07
CA ASN E 1100 -47.08 -33.47 39.87
C ASN E 1100 -47.30 -33.12 41.34
N LYS E 1101 -46.56 -32.12 41.83
CA LYS E 1101 -46.63 -31.70 43.23
C LYS E 1101 -48.04 -31.28 43.65
N TYR E 1102 -48.84 -30.73 42.74
CA TYR E 1102 -50.14 -30.19 43.13
C TYR E 1102 -51.37 -30.86 42.53
N GLY E 1103 -51.29 -32.04 41.91
CA GLY E 1103 -52.55 -32.66 41.51
C GLY E 1103 -53.37 -32.21 40.32
N ILE E 1104 -52.74 -31.52 39.37
CA ILE E 1104 -53.08 -31.12 38.01
C ILE E 1104 -52.69 -32.28 37.10
N ASN E 1105 -53.48 -32.56 35.94
CA ASN E 1105 -52.87 -33.63 35.20
C ASN E 1105 -52.43 -33.11 33.89
N TYR E 1106 -51.10 -32.95 33.75
CA TYR E 1106 -50.50 -32.17 32.66
C TYR E 1106 -50.63 -32.74 31.25
N GLN E 1107 -50.60 -34.07 31.10
CA GLN E 1107 -50.79 -34.68 29.80
C GLN E 1107 -52.19 -34.39 29.30
N GLN E 1108 -52.99 -33.70 30.07
CA GLN E 1108 -54.28 -33.23 29.60
C GLN E 1108 -54.21 -31.89 28.87
N GLY E 1109 -53.28 -31.88 27.88
CA GLY E 1109 -53.36 -30.89 26.81
C GLY E 1109 -53.56 -29.46 27.21
N ASP E 1110 -54.66 -28.87 26.75
CA ASP E 1110 -54.83 -27.48 27.12
C ASP E 1110 -55.21 -27.44 28.60
N ILE E 1111 -54.25 -26.99 29.40
CA ILE E 1111 -54.32 -27.10 30.83
C ILE E 1111 -54.44 -25.72 31.48
N ARG E 1112 -54.82 -24.68 30.73
CA ARG E 1112 -54.89 -23.35 31.34
C ARG E 1112 -55.98 -23.28 32.42
N ALA E 1113 -57.17 -23.82 32.12
CA ALA E 1113 -58.23 -23.85 33.12
C ALA E 1113 -57.79 -24.64 34.35
N LEU E 1114 -57.10 -25.77 34.13
CA LEU E 1114 -56.67 -26.61 35.23
C LEU E 1114 -55.78 -25.86 36.19
N LEU E 1115 -54.80 -25.12 35.65
CA LEU E 1115 -53.85 -24.41 36.49
C LEU E 1115 -54.56 -23.39 37.36
N CYS E 1116 -55.56 -22.71 36.79
CA CYS E 1116 -56.28 -21.65 37.52
C CYS E 1116 -57.23 -22.20 38.56
N GLU E 1117 -57.50 -23.51 38.52
CA GLU E 1117 -58.32 -24.13 39.55
C GLU E 1117 -57.63 -24.21 40.89
N GLN E 1118 -56.30 -24.30 40.90
CA GLN E 1118 -55.53 -24.37 42.15
C GLN E 1118 -55.74 -23.13 43.01
N SER E 1119 -55.70 -23.33 44.34
CA SER E 1119 -55.94 -22.23 45.28
C SER E 1119 -54.68 -21.83 46.04
N ASP E 1120 -53.59 -22.56 45.89
CA ASP E 1120 -52.41 -22.44 46.75
C ASP E 1120 -51.41 -21.43 46.20
N LYS E 1121 -50.95 -20.51 47.06
CA LYS E 1121 -50.12 -19.41 46.60
C LYS E 1121 -48.73 -19.89 46.23
N ALA E 1122 -48.30 -21.01 46.82
CA ALA E 1122 -47.01 -21.61 46.50
C ALA E 1122 -46.96 -22.11 45.05
N PHE E 1123 -48.07 -22.65 44.53
CA PHE E 1123 -48.04 -23.09 43.14
C PHE E 1123 -47.91 -21.91 42.19
N TYR E 1124 -48.72 -20.88 42.39
CA TYR E 1124 -48.69 -19.73 41.49
C TYR E 1124 -47.35 -18.98 41.59
N SER E 1125 -46.88 -18.75 42.83
CA SER E 1125 -45.65 -17.97 42.99
C SER E 1125 -44.47 -18.71 42.37
N SER E 1126 -44.47 -20.04 42.49
CA SER E 1126 -43.43 -20.87 41.88
C SER E 1126 -43.73 -21.29 40.45
N PHE E 1127 -44.96 -21.08 39.96
CA PHE E 1127 -45.22 -21.27 38.53
C PHE E 1127 -44.74 -20.08 37.73
N MET E 1128 -44.88 -18.87 38.27
CA MET E 1128 -44.35 -17.70 37.59
C MET E 1128 -42.83 -17.69 37.58
N ALA E 1129 -42.19 -18.31 38.57
CA ALA E 1129 -40.74 -18.43 38.54
C ALA E 1129 -40.23 -19.27 37.36
N LEU E 1130 -41.00 -20.27 36.93
CA LEU E 1130 -40.56 -21.09 35.80
C LEU E 1130 -40.83 -20.39 34.46
N MET E 1131 -41.94 -19.67 34.37
CA MET E 1131 -42.21 -18.88 33.18
C MET E 1131 -41.34 -17.65 33.10
N SER E 1132 -40.39 -17.51 34.03
CA SER E 1132 -39.40 -16.44 33.99
C SER E 1132 -38.04 -16.97 33.60
N LEU E 1133 -37.81 -18.24 33.82
CA LEU E 1133 -36.52 -18.79 33.49
C LEU E 1133 -36.53 -19.34 32.08
N MET E 1134 -37.69 -19.81 31.64
CA MET E 1134 -37.86 -20.17 30.24
C MET E 1134 -37.67 -18.95 29.35
N LEU E 1135 -38.10 -17.78 29.81
CA LEU E 1135 -37.95 -16.55 29.04
C LEU E 1135 -36.58 -15.90 29.16
N GLN E 1136 -35.74 -16.27 30.13
CA GLN E 1136 -34.45 -15.60 30.20
C GLN E 1136 -33.51 -16.28 29.22
N MET E 1137 -33.28 -15.64 28.07
CA MET E 1137 -32.49 -16.26 27.01
C MET E 1137 -31.00 -16.21 27.32
N ARG E 1138 -30.51 -15.11 27.91
CA ARG E 1138 -29.11 -15.06 28.31
C ARG E 1138 -28.96 -15.68 29.68
N ASN E 1139 -28.13 -16.71 29.76
CA ASN E 1139 -27.83 -17.39 31.01
C ASN E 1139 -26.32 -17.36 31.20
N SER E 1140 -25.86 -16.83 32.33
CA SER E 1140 -24.48 -17.05 32.68
C SER E 1140 -24.22 -16.67 34.12
N ILE E 1141 -22.97 -16.88 34.53
CA ILE E 1141 -22.59 -16.87 35.94
C ILE E 1141 -21.53 -15.80 36.18
N THR E 1142 -21.75 -15.03 37.24
CA THR E 1142 -20.78 -14.13 37.84
C THR E 1142 -19.34 -14.67 37.82
N GLY E 1143 -18.47 -13.93 37.14
CA GLY E 1143 -17.02 -14.16 37.16
C GLY E 1143 -16.51 -15.33 36.35
N ARG E 1144 -17.27 -16.41 36.29
CA ARG E 1144 -16.90 -17.54 35.47
C ARG E 1144 -17.15 -17.15 34.02
N THR E 1145 -16.07 -16.94 33.26
CA THR E 1145 -16.17 -16.61 31.85
C THR E 1145 -16.66 -17.78 31.00
N ASP E 1146 -16.59 -19.01 31.55
CA ASP E 1146 -16.90 -20.22 30.79
C ASP E 1146 -18.25 -20.12 30.08
N VAL E 1147 -19.30 -19.74 30.81
CA VAL E 1147 -20.68 -19.82 30.34
C VAL E 1147 -21.11 -18.42 29.94
N ASP E 1148 -21.47 -18.27 28.67
CA ASP E 1148 -22.05 -17.04 28.15
C ASP E 1148 -23.20 -17.35 27.21
N PHE E 1149 -23.82 -18.51 27.40
CA PHE E 1149 -24.70 -19.05 26.36
C PHE E 1149 -26.03 -18.31 26.29
N LEU E 1150 -26.61 -18.36 25.10
CA LEU E 1150 -27.88 -17.74 24.75
C LEU E 1150 -28.77 -18.80 24.13
N ILE E 1151 -29.92 -19.06 24.75
CA ILE E 1151 -30.85 -20.10 24.28
C ILE E 1151 -32.23 -19.48 24.15
N SER E 1152 -33.00 -20.00 23.20
CA SER E 1152 -34.31 -19.41 22.92
C SER E 1152 -35.42 -20.43 23.12
N PRO E 1153 -36.58 -20.01 23.64
CA PRO E 1153 -37.71 -20.92 23.79
C PRO E 1153 -38.55 -21.08 22.53
N VAL E 1154 -38.15 -20.50 21.41
CA VAL E 1154 -38.95 -20.42 20.20
C VAL E 1154 -38.26 -21.18 19.07
N LYS E 1155 -39.04 -21.86 18.24
CA LYS E 1155 -38.51 -22.58 17.09
C LYS E 1155 -38.36 -21.66 15.89
N ASN E 1156 -37.50 -22.05 14.97
CA ASN E 1156 -37.28 -21.26 13.77
C ASN E 1156 -38.02 -21.89 12.59
N SER E 1157 -37.78 -21.36 11.39
CA SER E 1157 -38.45 -21.85 10.19
C SER E 1157 -38.35 -23.37 10.07
N ASP E 1158 -37.17 -23.92 10.33
CA ASP E 1158 -36.90 -25.35 10.25
C ASP E 1158 -37.05 -26.04 11.60
N GLY E 1159 -37.75 -25.39 12.52
CA GLY E 1159 -38.18 -26.02 13.76
C GLY E 1159 -37.11 -26.39 14.75
N ILE E 1160 -36.06 -25.61 14.84
CA ILE E 1160 -34.97 -25.91 15.76
C ILE E 1160 -34.73 -24.69 16.64
N PHE E 1161 -34.45 -24.93 17.92
CA PHE E 1161 -34.15 -23.85 18.86
C PHE E 1161 -32.74 -23.34 18.64
N TYR E 1162 -32.47 -22.14 19.14
CA TYR E 1162 -31.20 -21.47 18.92
C TYR E 1162 -30.36 -21.65 20.18
N ASP E 1163 -29.22 -22.33 20.04
CA ASP E 1163 -28.23 -22.45 21.09
C ASP E 1163 -26.97 -21.72 20.64
N SER E 1164 -26.53 -20.74 21.42
CA SER E 1164 -25.21 -20.18 21.16
C SER E 1164 -24.13 -21.27 21.11
N ARG E 1165 -24.21 -22.24 22.01
CA ARG E 1165 -23.14 -23.23 22.13
C ARG E 1165 -23.00 -24.09 20.88
N ASN E 1166 -24.08 -24.25 20.09
CA ASN E 1166 -23.90 -24.91 18.82
C ASN E 1166 -22.99 -24.13 17.89
N TYR E 1167 -22.84 -22.82 18.12
CA TYR E 1167 -22.08 -22.00 17.19
C TYR E 1167 -20.71 -21.63 17.72
N GLU E 1168 -20.54 -21.57 19.06
CA GLU E 1168 -19.23 -21.27 19.63
C GLU E 1168 -18.19 -22.31 19.25
N ALA E 1169 -18.62 -23.56 19.02
CA ALA E 1169 -17.69 -24.65 18.73
C ALA E 1169 -17.06 -24.46 17.36
N GLN E 1170 -17.89 -24.17 16.36
CA GLN E 1170 -17.44 -24.05 14.98
C GLN E 1170 -16.59 -22.80 14.79
N GLU E 1171 -15.71 -22.82 13.78
CA GLU E 1171 -14.88 -21.65 13.56
C GLU E 1171 -15.54 -20.65 12.62
N ASN E 1172 -16.46 -21.08 11.77
CA ASN E 1172 -17.11 -20.19 10.81
C ASN E 1172 -18.62 -20.30 11.03
N ALA E 1173 -19.07 -19.69 12.13
CA ALA E 1173 -20.46 -19.73 12.55
C ALA E 1173 -21.27 -18.64 11.86
N ILE E 1174 -22.37 -19.05 11.23
CA ILE E 1174 -23.27 -18.14 10.52
C ILE E 1174 -24.24 -17.42 11.44
N LEU E 1175 -24.23 -17.73 12.72
CA LEU E 1175 -25.04 -17.10 13.75
C LEU E 1175 -24.14 -16.73 14.92
N PRO E 1176 -24.58 -15.85 15.81
CA PRO E 1176 -23.70 -15.44 16.91
C PRO E 1176 -23.26 -16.64 17.75
N LYS E 1177 -22.10 -16.52 18.34
CA LYS E 1177 -21.54 -17.58 19.17
C LYS E 1177 -21.78 -17.39 20.66
N ASN E 1178 -22.28 -16.23 21.09
CA ASN E 1178 -22.56 -15.95 22.49
C ASN E 1178 -23.22 -14.57 22.60
N ALA E 1179 -23.63 -14.25 23.83
CA ALA E 1179 -24.39 -13.01 24.04
C ALA E 1179 -23.59 -11.77 23.69
N ASP E 1180 -22.26 -11.84 23.75
CA ASP E 1180 -21.50 -10.66 23.35
C ASP E 1180 -21.37 -10.58 21.84
N ALA E 1181 -21.14 -11.71 21.18
CA ALA E 1181 -21.20 -11.71 19.73
C ALA E 1181 -22.59 -11.25 19.27
N ASN E 1182 -23.64 -11.63 20.01
CA ASN E 1182 -24.99 -11.29 19.59
C ASN E 1182 -25.19 -9.78 19.58
N GLY E 1183 -24.79 -9.11 20.67
CA GLY E 1183 -24.91 -7.67 20.72
C GLY E 1183 -24.21 -6.98 19.56
N ALA E 1184 -22.93 -7.33 19.34
CA ALA E 1184 -22.19 -6.74 18.23
C ALA E 1184 -22.90 -6.98 16.92
N TYR E 1185 -23.34 -8.22 16.70
CA TYR E 1185 -24.06 -8.59 15.50
C TYR E 1185 -25.30 -7.71 15.33
N ASN E 1186 -26.05 -7.51 16.41
CA ASN E 1186 -27.29 -6.74 16.33
C ASN E 1186 -27.02 -5.25 16.34
N ILE E 1187 -25.96 -4.81 17.01
CA ILE E 1187 -25.54 -3.43 16.85
C ILE E 1187 -25.28 -3.13 15.39
N ALA E 1188 -24.66 -4.07 14.68
CA ALA E 1188 -24.42 -3.87 13.27
C ALA E 1188 -25.73 -3.81 12.49
N ARG E 1189 -26.65 -4.73 12.79
CA ARG E 1189 -27.90 -4.78 12.05
C ARG E 1189 -28.67 -3.47 12.14
N LYS E 1190 -28.69 -2.84 13.33
CA LYS E 1190 -29.38 -1.55 13.45
C LYS E 1190 -28.82 -0.50 12.49
N VAL E 1191 -27.53 -0.57 12.16
CA VAL E 1191 -27.01 0.33 11.12
C VAL E 1191 -27.51 -0.09 9.74
N LEU E 1192 -27.56 -1.41 9.47
CA LEU E 1192 -28.13 -1.92 8.22
C LEU E 1192 -29.53 -1.40 8.03
N TRP E 1193 -30.34 -1.49 9.07
CA TRP E 1193 -31.66 -0.88 9.02
C TRP E 1193 -31.55 0.58 8.59
N ALA E 1194 -30.65 1.35 9.21
CA ALA E 1194 -30.51 2.76 8.84
C ALA E 1194 -30.07 2.90 7.38
N ILE E 1195 -29.16 2.03 6.91
CA ILE E 1195 -28.79 2.08 5.50
C ILE E 1195 -30.03 1.85 4.64
N GLY E 1196 -30.92 0.95 5.07
CA GLY E 1196 -32.17 0.78 4.35
C GLY E 1196 -32.98 2.06 4.31
N GLN E 1197 -33.07 2.75 5.45
CA GLN E 1197 -33.74 4.04 5.49
C GLN E 1197 -33.10 5.05 4.55
N PHE E 1198 -31.78 5.02 4.43
CA PHE E 1198 -31.15 5.90 3.46
C PHE E 1198 -31.61 5.52 2.06
N LYS E 1199 -31.73 4.22 1.81
CA LYS E 1199 -32.09 3.76 0.47
C LYS E 1199 -33.52 4.10 0.12
N LYS E 1200 -34.34 4.41 1.11
CA LYS E 1200 -35.73 4.78 0.90
C LYS E 1200 -35.94 6.27 0.68
N ALA E 1201 -34.96 7.10 1.06
CA ALA E 1201 -35.03 8.53 0.82
C ALA E 1201 -34.39 8.87 -0.51
N GLU E 1202 -34.49 10.13 -0.91
CA GLU E 1202 -33.83 10.62 -2.12
C GLU E 1202 -32.67 11.49 -1.72
N ASP E 1203 -31.63 11.46 -2.55
CA ASP E 1203 -30.33 12.01 -2.19
C ASP E 1203 -30.43 13.35 -1.46
N GLU E 1204 -31.29 14.23 -1.95
CA GLU E 1204 -31.45 15.57 -1.41
C GLU E 1204 -32.11 15.58 -0.03
N LYS E 1205 -32.70 14.47 0.43
CA LYS E 1205 -33.29 14.42 1.76
C LYS E 1205 -32.54 13.52 2.74
N LEU E 1206 -31.41 12.92 2.32
CA LEU E 1206 -30.71 11.96 3.18
C LEU E 1206 -30.27 12.59 4.50
N ASP E 1207 -29.79 13.85 4.45
CA ASP E 1207 -29.34 14.55 5.66
C ASP E 1207 -30.43 14.63 6.73
N LYS E 1208 -31.70 14.50 6.35
CA LYS E 1208 -32.78 14.60 7.32
C LYS E 1208 -33.31 13.22 7.75
N VAL E 1209 -32.75 12.14 7.21
CA VAL E 1209 -33.20 10.79 7.55
C VAL E 1209 -32.88 10.49 9.02
N LYS E 1210 -33.90 10.05 9.77
CA LYS E 1210 -33.70 9.68 11.17
C LYS E 1210 -33.16 8.25 11.24
N ILE E 1211 -31.98 8.09 11.87
CA ILE E 1211 -31.28 6.84 12.03
C ILE E 1211 -31.45 6.26 13.43
N ALA E 1212 -32.22 6.92 14.29
CA ALA E 1212 -32.46 6.42 15.64
C ALA E 1212 -33.54 5.34 15.57
N ILE E 1213 -33.17 4.09 15.84
CA ILE E 1213 -34.13 2.99 15.65
C ILE E 1213 -35.08 2.94 16.84
N SER E 1214 -36.36 2.92 16.55
CA SER E 1214 -37.31 2.73 17.61
C SER E 1214 -37.31 1.25 17.98
N ASN E 1215 -37.68 0.97 19.23
CA ASN E 1215 -37.73 -0.42 19.67
C ASN E 1215 -38.72 -1.20 18.81
N LYS E 1216 -39.71 -0.51 18.25
CA LYS E 1216 -40.72 -1.14 17.40
C LYS E 1216 -40.18 -1.44 16.01
N GLU E 1217 -39.42 -0.51 15.41
CA GLU E 1217 -38.82 -0.76 14.11
C GLU E 1217 -37.76 -1.84 14.17
N TRP E 1218 -36.96 -1.85 15.24
CA TRP E 1218 -35.93 -2.88 15.40
C TRP E 1218 -36.56 -4.26 15.44
N LEU E 1219 -37.56 -4.46 16.30
CA LEU E 1219 -38.21 -5.77 16.39
C LEU E 1219 -38.76 -6.19 15.03
N GLU E 1220 -39.48 -5.30 14.35
CA GLU E 1220 -39.97 -5.60 13.02
C GLU E 1220 -38.82 -5.97 12.08
N TYR E 1221 -37.70 -5.25 12.18
CA TYR E 1221 -36.54 -5.58 11.33
C TYR E 1221 -35.99 -6.94 11.69
N ALA E 1222 -35.73 -7.17 12.98
CA ALA E 1222 -35.15 -8.41 13.47
C ALA E 1222 -36.08 -9.60 13.30
N GLN E 1223 -37.39 -9.39 13.24
CA GLN E 1223 -38.30 -10.50 13.03
C GLN E 1223 -38.62 -10.76 11.56
N THR E 1224 -38.23 -9.89 10.64
CA THR E 1224 -38.53 -10.10 9.24
C THR E 1224 -37.31 -10.31 8.37
N SER E 1225 -36.12 -9.97 8.86
CA SER E 1225 -34.87 -10.15 8.13
C SER E 1225 -34.30 -11.57 8.25
N VAL E 1226 -35.14 -12.57 8.51
CA VAL E 1226 -34.69 -13.97 8.52
C VAL E 1226 -35.70 -14.86 7.79
LI LI I . 15.83 -2.65 -3.68
LI LI J . 30.23 5.01 -16.08
LI LI K . 9.89 0.17 12.89
LI LI L . 12.36 -8.49 30.99
#